data_8IJL
#
_entry.id   8IJL
#
_cell.length_a   1.00
_cell.length_b   1.00
_cell.length_c   1.00
_cell.angle_alpha   90.00
_cell.angle_beta   90.00
_cell.angle_gamma   90.00
#
_symmetry.space_group_name_H-M   'P 1'
#
loop_
_entity.id
_entity.type
_entity.pdbx_description
1 polymer 'Sodium/potassium-transporting ATPase subunit alpha'
2 polymer 'Sodium/potassium-transporting ATPase subunit beta-1'
3 non-polymer 'TETRAFLUOROALUMINATE ION'
4 non-polymer 'MAGNESIUM ION'
5 non-polymer "ADENOSINE-5'-DIPHOSPHATE"
6 non-polymer 1,2-DIOLEOYL-SN-GLYCERO-3-PHOSPHOCHOLINE
7 non-polymer CHOLESTEROL
8 non-polymer 'SODIUM ION'
9 non-polymer '2-{[(4-O-alpha-D-glucopyranosyl-alpha-D-glucopyranosyl)oxy]methyl}-4-{[(3beta,9beta,14beta,17beta,25R)-spirost-5-en-3-yl]oxy}butyl 4-O-alpha-D-glucopyranosyl-alpha-D-glucopyranoside'
10 non-polymer 2-acetamido-2-deoxy-beta-D-glucopyranose
11 water water
#
loop_
_entity_poly.entity_id
_entity_poly.type
_entity_poly.pdbx_seq_one_letter_code
_entity_poly.pdbx_strand_id
1 'polypeptide(L)'
;GMDLDDHRLSNTELEQKYGTNIIQGLSSVRATELLARDGPNTLTPPKQTPEIIKFLKQMVGGFSILLWIGAALCWIAFVI
QYVNNSASLDNVYLGAILVLVVILTGIFAYYQEAKSTNIMASFSKMIPQQALVIRDAEKKVISAEQLVVGDVVEIKGGDQ
IPADIRLVFSQGCKVDNSSLTGESEPQARSTEFTHENPLETKNIGFYSTTCLEGTATGIVINTGDRTIIGRIASLASGVG
SEKTPIAIEIEHFVHIVAGVAVSIGIIFFITAVCMKYYVLDAIIFLISIIVANVPEGLLATVTVTLSLTAKRMAKKNCLV
KNLEAVETLGSTSIICSDKTGTLTQNRMTVAHLWFDNQIFVADTSENQTKQAFDQSSGTWASLSKIITLCNRAEFRPGQE
SVPIMKRTVVGDASETALLKFSEVILGDVMGIRKRNHKVAEIPFNSTNKFQLSIHETEDPNNKRFLVVMKGAPERILEKC
STIMINGQEQPLDKSSADSFHTAYMELGGLGERVLGFCHLYLPAEQFPQSYIFDVDSVNFPTSNFCFVGLLSMIDPPRST
VPDAVSKCRSAGIKVIMVTGDHPITAKAIAKSVGIISANNETVEDIAKRRNIAVEQVNKREAKAAVVTGMELKDMTPEQL
DELLTNYQEIVFARTSPQQKLIIVEGCQRQDAIVAVTGDGVNDSPALKKADIGIAMGIAGSDAAKNAADMVLLDDNFASI
VTGVEEGRLIFDNLKKTIAYTLTKNIAELCPFLIYIVAGLPLPIGTITILFIDLGTDIIPSIALAYEKAESDIMNRKPRH
KKKDRLVNTQLAIYSYLHIGLMQALGGFLVYFTVYAQQGFWPTSLINLRVAWETDDINDLEDSYGQEWTRYQRKYLEWTG
STAFFVAIMIQQIADLIIRKTRRNSIFQQGLFRNKVIWVGIASQVIVALILSYGLGSVPALSFTMLRVQYWFVAVPHAIL
IWVYDEMRKLFIRLYPGSWWDKNMYY
;
A
2 'polypeptide(L)'
;MGDYKDDDDKSSGENLYFQGMARGKAKEEGSWKKFIWNSEKKEFLGRTGGSWFKILLFYVIFYGCLAGIFIGTIQVMLLT
ISELKPTYQDRVAPPGLTQIPQIQKTEISFRPNDPKSYEAYVLNIIRFLEKYKDSAQKDDMIFEDCGSMPSEPKERGEFN
HERGERKVCRFKLDWLGNCSGLNDESYGYKEGKPCIIIKLNRVLGFKPKPPKNESLETYPLTMKYNPNVLPVQCTGKRDE
DKDKVGNIEYFGMGGFYGFPLQYYPYYGKLLQPKYLQPLLAVQFTNLTLDTEIRIECKAYGENIGYSEKDRFQGRFDVKI
EVKS
;
B
#
loop_
_chem_comp.id
_chem_comp.type
_chem_comp.name
_chem_comp.formula
ADP non-polymer ADENOSINE-5'-DIPHOSPHATE 'C10 H15 N5 O10 P2'
ALF non-polymer 'TETRAFLUOROALUMINATE ION' 'Al F4 -1'
CLR non-polymer CHOLESTEROL 'C27 H46 O'
MG non-polymer 'MAGNESIUM ION' 'Mg 2'
NA non-polymer 'SODIUM ION' 'Na 1'
NAG D-saccharide, beta linking 2-acetamido-2-deoxy-beta-D-glucopyranose 'C8 H15 N O6'
PCW non-polymer 1,2-DIOLEOYL-SN-GLYCERO-3-PHOSPHOCHOLINE 'C44 H85 N O8 P 1'
Q7G non-polymer '2-{[(4-O-alpha-D-glucopyranosyl-alpha-D-glucopyranosyl)oxy]methyl}-4-{[(3beta,9beta,14beta,17beta,25R)-spirost-5-en-3-yl]oxy}butyl 4-O-alpha-D-glucopyranosyl-alpha-D-glucopyranoside' 'C56 H92 O25'
#
# COMPACT_ATOMS: atom_id res chain seq x y z
N ASP A 5 20.49 46.35 2.16
CA ASP A 5 19.72 45.98 3.33
C ASP A 5 20.33 46.59 4.60
N ASP A 6 20.07 45.96 5.74
CA ASP A 6 20.55 46.49 7.02
C ASP A 6 22.04 46.29 7.21
N HIS A 7 22.66 45.34 6.50
CA HIS A 7 24.08 45.11 6.66
C HIS A 7 24.94 46.13 5.91
N ARG A 8 24.35 46.93 5.02
CA ARG A 8 25.08 47.96 4.31
C ARG A 8 25.03 49.31 5.03
N LEU A 9 24.01 49.55 5.84
CA LEU A 9 23.89 50.82 6.54
C LEU A 9 24.93 50.93 7.65
N SER A 10 25.21 52.16 8.04
CA SER A 10 26.12 52.44 9.14
C SER A 10 25.34 52.45 10.46
N ASN A 11 26.06 52.62 11.58
CA ASN A 11 25.41 52.67 12.88
C ASN A 11 24.42 53.83 12.95
N THR A 12 24.84 55.01 12.49
CA THR A 12 23.96 56.18 12.52
C THR A 12 22.73 55.95 11.66
N GLU A 13 22.92 55.46 10.44
CA GLU A 13 21.78 55.22 9.54
C GLU A 13 20.86 54.14 10.10
N LEU A 14 21.40 53.18 10.86
CA LEU A 14 20.56 52.22 11.55
C LEU A 14 19.77 52.85 12.67
N GLU A 15 20.36 53.85 13.35
CA GLU A 15 19.66 54.52 14.44
C GLU A 15 18.52 55.39 13.95
N GLN A 16 18.55 55.84 12.69
CA GLN A 16 17.45 56.62 12.13
C GLN A 16 16.36 55.73 11.55
N LYS A 17 16.74 54.63 10.88
CA LYS A 17 15.76 53.76 10.26
C LYS A 17 14.85 53.12 11.31
N TYR A 18 15.42 52.69 12.42
CA TYR A 18 14.69 51.95 13.44
C TYR A 18 14.29 52.78 14.64
N GLY A 19 14.59 54.08 14.63
CA GLY A 19 14.20 54.95 15.72
C GLY A 19 14.76 54.51 17.06
N THR A 20 16.04 54.16 17.07
CA THR A 20 16.68 53.59 18.25
C THR A 20 18.00 54.31 18.51
N ASN A 21 18.52 54.14 19.72
CA ASN A 21 19.83 54.64 20.09
C ASN A 21 20.64 53.48 20.65
N ILE A 22 21.85 53.29 20.13
CA ILE A 22 22.67 52.16 20.56
C ILE A 22 23.03 52.28 22.03
N ILE A 23 23.41 53.49 22.47
CA ILE A 23 23.79 53.68 23.86
C ILE A 23 22.60 53.54 24.77
N GLN A 24 21.47 54.16 24.42
CA GLN A 24 20.30 54.19 25.29
C GLN A 24 19.34 53.03 25.07
N GLY A 25 19.18 52.57 23.83
CA GLY A 25 18.20 51.55 23.53
C GLY A 25 16.80 52.12 23.38
N LEU A 26 15.87 51.22 23.06
CA LEU A 26 14.48 51.62 22.96
C LEU A 26 13.91 51.93 24.34
N SER A 27 12.92 52.81 24.37
CA SER A 27 12.23 53.09 25.61
C SER A 27 11.29 51.95 25.96
N SER A 28 10.80 51.95 27.19
CA SER A 28 9.87 50.91 27.62
C SER A 28 8.47 51.13 27.08
N VAL A 29 8.15 52.33 26.59
CA VAL A 29 6.85 52.60 25.98
C VAL A 29 6.86 52.23 24.50
N ARG A 30 7.90 52.65 23.78
CA ARG A 30 8.01 52.28 22.38
C ARG A 30 8.20 50.78 22.22
N ALA A 31 8.83 50.12 23.21
CA ALA A 31 8.95 48.67 23.14
C ALA A 31 7.59 47.98 23.15
N THR A 32 6.68 48.41 24.04
CA THR A 32 5.34 47.84 24.07
C THR A 32 4.52 48.25 22.85
N GLU A 33 4.70 49.48 22.37
CA GLU A 33 3.99 49.90 21.17
C GLU A 33 4.41 49.06 19.96
N LEU A 34 5.71 48.76 19.84
CA LEU A 34 6.17 47.93 18.74
C LEU A 34 5.79 46.47 18.93
N LEU A 35 5.72 46.00 20.18
CA LEU A 35 5.22 44.67 20.43
C LEU A 35 3.76 44.53 20.03
N ALA A 36 2.98 45.60 20.17
CA ALA A 36 1.60 45.60 19.67
C ALA A 36 1.52 45.74 18.16
N ARG A 37 2.43 46.52 17.56
CA ARG A 37 2.38 46.76 16.12
C ARG A 37 2.85 45.55 15.32
N ASP A 38 3.91 44.88 15.77
CA ASP A 38 4.50 43.77 15.03
C ASP A 38 4.16 42.39 15.60
N GLY A 39 3.94 42.29 16.90
CA GLY A 39 3.67 41.01 17.52
C GLY A 39 4.89 40.46 18.24
N PRO A 40 4.69 39.36 18.96
CA PRO A 40 5.80 38.78 19.73
C PRO A 40 6.86 38.15 18.86
N ASN A 41 8.05 38.01 19.43
CA ASN A 41 9.19 37.39 18.75
C ASN A 41 9.14 35.88 18.98
N THR A 42 8.16 35.24 18.34
CA THR A 42 7.98 33.80 18.42
C THR A 42 7.53 33.29 17.06
N LEU A 43 7.77 32.00 16.83
CA LEU A 43 7.36 31.34 15.59
C LEU A 43 5.95 30.80 15.75
N THR A 44 5.05 31.21 14.87
CA THR A 44 3.67 30.76 14.94
C THR A 44 3.55 29.33 14.44
N PRO A 45 2.97 28.41 15.22
CA PRO A 45 2.86 27.03 14.77
C PRO A 45 1.93 26.90 13.58
N PRO A 46 2.15 25.91 12.72
CA PRO A 46 1.24 25.72 11.58
C PRO A 46 -0.12 25.20 12.01
N LYS A 47 -1.11 25.44 11.16
CA LYS A 47 -2.48 25.03 11.43
C LYS A 47 -2.69 23.62 10.87
N GLN A 48 -2.95 22.67 11.77
CA GLN A 48 -3.12 21.28 11.41
C GLN A 48 -4.61 20.90 11.40
N THR A 49 -4.99 20.06 10.44
CA THR A 49 -6.35 19.58 10.37
C THR A 49 -6.65 18.65 11.54
N PRO A 50 -7.88 18.67 12.05
CA PRO A 50 -8.22 17.79 13.18
C PRO A 50 -8.12 16.33 12.80
N GLU A 51 -7.80 15.50 13.80
CA GLU A 51 -7.62 14.07 13.57
C GLU A 51 -8.92 13.41 13.13
N ILE A 52 -10.05 13.79 13.74
CA ILE A 52 -11.32 13.17 13.39
C ILE A 52 -11.72 13.49 11.96
N ILE A 53 -11.38 14.69 11.47
CA ILE A 53 -11.65 15.02 10.07
C ILE A 53 -10.82 14.13 9.15
N LYS A 54 -9.56 13.90 9.51
CA LYS A 54 -8.71 13.02 8.70
C LYS A 54 -9.25 11.60 8.68
N PHE A 55 -9.73 11.12 9.83
CA PHE A 55 -10.32 9.78 9.89
C PHE A 55 -11.60 9.70 9.06
N LEU A 56 -12.45 10.72 9.14
CA LEU A 56 -13.72 10.69 8.42
C LEU A 56 -13.55 10.85 6.92
N LYS A 57 -12.48 11.53 6.48
CA LYS A 57 -12.22 11.67 5.06
C LYS A 57 -11.87 10.35 4.39
N GLN A 58 -11.58 9.31 5.16
CA GLN A 58 -11.25 8.00 4.62
C GLN A 58 -12.46 7.12 4.40
N MET A 59 -13.66 7.58 4.78
CA MET A 59 -14.89 6.85 4.52
C MET A 59 -15.49 7.16 3.16
N VAL A 60 -14.85 8.01 2.36
CA VAL A 60 -15.33 8.34 1.03
C VAL A 60 -14.19 8.20 0.04
N GLY A 61 -13.07 7.61 0.48
CA GLY A 61 -11.91 7.41 -0.36
C GLY A 61 -11.81 5.98 -0.83
N GLY A 62 -11.24 5.78 -2.01
CA GLY A 62 -11.09 4.44 -2.56
C GLY A 62 -12.35 4.00 -3.25
N PHE A 63 -12.85 2.82 -2.86
CA PHE A 63 -14.09 2.27 -3.41
C PHE A 63 -15.29 2.52 -2.50
N SER A 64 -15.11 3.36 -1.47
CA SER A 64 -16.15 3.52 -0.45
C SER A 64 -17.40 4.18 -1.00
N ILE A 65 -17.26 5.10 -1.96
CA ILE A 65 -18.42 5.78 -2.50
C ILE A 65 -19.35 4.79 -3.20
N LEU A 66 -18.77 3.86 -3.98
CA LEU A 66 -19.57 2.84 -4.64
C LEU A 66 -20.24 1.93 -3.61
N LEU A 67 -19.52 1.58 -2.54
CA LEU A 67 -20.11 0.72 -1.52
C LEU A 67 -21.20 1.44 -0.73
N TRP A 68 -21.07 2.75 -0.53
CA TRP A 68 -22.15 3.52 0.08
C TRP A 68 -23.40 3.49 -0.79
N ILE A 69 -23.22 3.63 -2.10
CA ILE A 69 -24.34 3.53 -3.04
C ILE A 69 -24.96 2.14 -2.97
N GLY A 70 -24.13 1.11 -2.88
CA GLY A 70 -24.65 -0.25 -2.75
C GLY A 70 -25.46 -0.45 -1.49
N ALA A 71 -24.98 0.08 -0.37
CA ALA A 71 -25.73 -0.03 0.89
C ALA A 71 -27.05 0.75 0.81
N ALA A 72 -27.02 1.92 0.19
CA ALA A 72 -28.26 2.68 0.00
C ALA A 72 -29.25 1.91 -0.86
N LEU A 73 -28.77 1.29 -1.94
CA LEU A 73 -29.63 0.48 -2.79
C LEU A 73 -30.18 -0.72 -2.03
N CYS A 74 -29.36 -1.31 -1.15
CA CYS A 74 -29.84 -2.39 -0.31
C CYS A 74 -30.99 -1.94 0.59
N TRP A 75 -30.85 -0.76 1.19
CA TRP A 75 -31.92 -0.25 2.05
C TRP A 75 -33.19 0.05 1.24
N ILE A 76 -33.04 0.69 0.07
CA ILE A 76 -34.20 0.96 -0.78
C ILE A 76 -34.84 -0.30 -1.31
N ALA A 77 -34.07 -1.38 -1.50
CA ALA A 77 -34.66 -2.65 -1.87
C ALA A 77 -35.38 -3.31 -0.71
N PHE A 78 -34.84 -3.19 0.51
CA PHE A 78 -35.52 -3.77 1.66
C PHE A 78 -36.82 -3.06 1.98
N VAL A 79 -36.88 -1.73 1.81
CA VAL A 79 -38.14 -1.05 2.07
C VAL A 79 -39.21 -1.48 1.05
N ILE A 80 -38.80 -1.72 -0.19
CA ILE A 80 -39.74 -2.21 -1.20
C ILE A 80 -40.18 -3.63 -0.87
N GLN A 81 -39.25 -4.49 -0.47
CA GLN A 81 -39.58 -5.85 -0.08
C GLN A 81 -40.36 -5.92 1.22
N TYR A 82 -40.40 -4.83 2.00
CA TYR A 82 -41.22 -4.79 3.20
C TYR A 82 -42.60 -4.22 2.93
N VAL A 83 -42.72 -3.29 1.98
CA VAL A 83 -44.05 -2.77 1.63
C VAL A 83 -44.90 -3.89 1.05
N ASN A 84 -44.35 -4.66 0.12
CA ASN A 84 -44.97 -5.89 -0.36
C ASN A 84 -44.37 -7.03 0.45
N ASN A 85 -45.16 -7.58 1.37
CA ASN A 85 -44.66 -8.49 2.40
C ASN A 85 -43.77 -9.58 1.81
N SER A 86 -42.50 -9.57 2.20
CA SER A 86 -41.53 -10.57 1.75
C SER A 86 -40.59 -10.85 2.92
N ALA A 87 -40.65 -12.07 3.45
CA ALA A 87 -39.82 -12.46 4.59
C ALA A 87 -38.43 -12.86 4.11
N SER A 88 -37.67 -11.85 3.68
CA SER A 88 -36.33 -12.07 3.17
C SER A 88 -35.25 -11.79 4.23
N LEU A 89 -35.21 -10.56 4.74
CA LEU A 89 -34.20 -10.15 5.73
C LEU A 89 -32.79 -10.47 5.25
N ASP A 90 -32.55 -10.36 3.95
CA ASP A 90 -31.25 -10.64 3.35
C ASP A 90 -30.54 -9.40 2.84
N ASN A 91 -31.28 -8.36 2.47
CA ASN A 91 -30.65 -7.12 2.03
C ASN A 91 -30.08 -6.33 3.21
N VAL A 92 -30.67 -6.47 4.40
CA VAL A 92 -30.12 -5.78 5.56
C VAL A 92 -28.76 -6.36 5.93
N TYR A 93 -28.61 -7.69 5.84
CA TYR A 93 -27.31 -8.31 6.11
C TYR A 93 -26.27 -7.79 5.13
N LEU A 94 -26.63 -7.73 3.85
CA LEU A 94 -25.70 -7.27 2.82
C LEU A 94 -25.32 -5.80 3.04
N GLY A 95 -26.30 -4.96 3.36
CA GLY A 95 -26.00 -3.56 3.62
C GLY A 95 -25.13 -3.36 4.84
N ALA A 96 -25.40 -4.10 5.91
CA ALA A 96 -24.57 -4.03 7.11
C ALA A 96 -23.14 -4.48 6.81
N ILE A 97 -22.99 -5.54 6.02
CA ILE A 97 -21.66 -6.02 5.67
C ILE A 97 -20.93 -4.99 4.83
N LEU A 98 -21.63 -4.34 3.90
CA LEU A 98 -21.00 -3.31 3.08
C LEU A 98 -20.55 -2.12 3.94
N VAL A 99 -21.38 -1.71 4.90
CA VAL A 99 -21.01 -0.61 5.78
C VAL A 99 -19.80 -0.98 6.63
N LEU A 100 -19.80 -2.21 7.15
CA LEU A 100 -18.66 -2.68 7.94
C LEU A 100 -17.38 -2.73 7.10
N VAL A 101 -17.50 -3.15 5.85
CA VAL A 101 -16.36 -3.18 4.93
C VAL A 101 -15.84 -1.77 4.70
N VAL A 102 -16.75 -0.81 4.51
CA VAL A 102 -16.35 0.59 4.33
C VAL A 102 -15.59 1.07 5.56
N ILE A 103 -16.08 0.75 6.75
CA ILE A 103 -15.45 1.24 7.97
C ILE A 103 -14.06 0.62 8.15
N LEU A 104 -13.94 -0.70 7.93
CA LEU A 104 -12.63 -1.33 8.07
C LEU A 104 -11.64 -0.81 7.04
N THR A 105 -12.07 -0.63 5.79
CA THR A 105 -11.18 -0.08 4.78
C THR A 105 -10.77 1.34 5.12
N GLY A 106 -11.68 2.16 5.65
CA GLY A 106 -11.31 3.49 6.07
C GLY A 106 -10.32 3.49 7.22
N ILE A 107 -10.47 2.55 8.15
CA ILE A 107 -9.51 2.44 9.25
C ILE A 107 -8.14 2.09 8.73
N PHE A 108 -8.06 1.13 7.80
CA PHE A 108 -6.77 0.77 7.22
C PHE A 108 -6.16 1.95 6.45
N ALA A 109 -6.99 2.67 5.68
CA ALA A 109 -6.48 3.82 4.94
C ALA A 109 -5.98 4.91 5.88
N TYR A 110 -6.69 5.13 6.98
CA TYR A 110 -6.25 6.12 7.97
C TYR A 110 -4.92 5.72 8.59
N TYR A 111 -4.75 4.42 8.88
CA TYR A 111 -3.47 3.96 9.41
C TYR A 111 -2.36 4.08 8.36
N GLN A 112 -2.70 4.00 7.07
CA GLN A 112 -1.70 4.07 6.00
C GLN A 112 -1.25 5.49 5.70
N GLU A 113 -2.11 6.49 5.89
CA GLU A 113 -1.80 7.85 5.48
C GLU A 113 -0.66 8.43 6.30
N ALA A 114 0.03 9.41 5.71
CA ALA A 114 1.20 10.01 6.35
C ALA A 114 0.81 10.75 7.62
N LYS A 115 1.63 10.56 8.66
CA LYS A 115 1.39 11.24 9.93
C LYS A 115 1.71 12.72 9.82
N SER A 116 0.97 13.53 10.58
CA SER A 116 1.21 14.96 10.63
C SER A 116 2.26 15.28 11.69
N THR A 117 3.07 16.30 11.41
CA THR A 117 4.09 16.73 12.35
C THR A 117 4.26 18.24 12.24
N ASN A 118 4.71 18.83 13.34
CA ASN A 118 5.07 20.25 13.38
C ASN A 118 6.58 20.31 13.53
N ILE A 119 7.28 20.57 12.42
CA ILE A 119 8.73 20.68 12.47
C ILE A 119 9.16 21.85 13.34
N MET A 120 8.31 22.86 13.48
CA MET A 120 8.59 24.00 14.35
C MET A 120 8.73 23.60 15.81
N ALA A 121 8.22 22.43 16.20
CA ALA A 121 8.47 21.91 17.53
C ALA A 121 9.91 21.43 17.72
N SER A 122 10.62 21.17 16.62
CA SER A 122 12.05 20.88 16.67
C SER A 122 12.90 22.14 16.64
N PHE A 123 12.34 23.26 16.20
CA PHE A 123 12.98 24.56 16.39
C PHE A 123 12.69 25.06 17.79
N SER A 124 12.99 24.25 18.80
CA SER A 124 12.66 24.59 20.18
C SER A 124 13.89 24.70 21.06
N LYS A 125 14.76 23.69 21.07
CA LYS A 125 15.98 23.73 21.87
C LYS A 125 17.01 24.70 21.32
N MET A 126 16.81 25.24 20.12
CA MET A 126 17.67 26.28 19.59
C MET A 126 17.18 27.68 19.93
N ILE A 127 15.89 27.85 20.15
CA ILE A 127 15.32 29.16 20.48
C ILE A 127 15.76 29.57 21.87
N PRO A 128 16.33 30.76 22.06
CA PRO A 128 16.65 31.21 23.41
C PRO A 128 15.41 31.54 24.21
N GLN A 129 15.52 31.44 25.53
CA GLN A 129 14.42 31.78 26.41
C GLN A 129 14.46 33.23 26.86
N GLN A 130 15.64 33.73 27.23
CA GLN A 130 15.80 35.09 27.72
C GLN A 130 16.77 35.85 26.84
N ALA A 131 16.74 37.17 26.95
CA ALA A 131 17.59 38.06 26.18
C ALA A 131 18.02 39.23 27.05
N LEU A 132 19.30 39.57 27.00
CA LEU A 132 19.83 40.74 27.68
C LEU A 132 19.66 41.94 26.74
N VAL A 133 18.79 42.86 27.12
CA VAL A 133 18.40 43.98 26.27
C VAL A 133 18.73 45.28 26.99
N ILE A 134 18.93 46.34 26.20
CA ILE A 134 19.20 47.68 26.72
C ILE A 134 17.97 48.53 26.45
N ARG A 135 17.24 48.88 27.50
CA ARG A 135 16.11 49.78 27.42
C ARG A 135 16.21 50.82 28.53
N ASP A 136 15.89 52.07 28.19
CA ASP A 136 15.95 53.18 29.14
C ASP A 136 17.34 53.34 29.73
N ALA A 137 18.36 53.10 28.90
CA ALA A 137 19.76 53.18 29.28
C ALA A 137 20.13 52.20 30.39
N GLU A 138 19.29 51.18 30.61
CA GLU A 138 19.52 50.19 31.66
C GLU A 138 19.42 48.80 31.06
N LYS A 139 20.42 47.97 31.31
CA LYS A 139 20.42 46.60 30.81
C LYS A 139 19.58 45.70 31.71
N LYS A 140 18.65 44.96 31.12
CA LYS A 140 17.83 44.02 31.85
C LYS A 140 17.67 42.75 31.04
N VAL A 141 17.36 41.67 31.74
CA VAL A 141 17.17 40.35 31.13
C VAL A 141 15.68 40.16 30.93
N ILE A 142 15.22 40.30 29.69
CA ILE A 142 13.83 40.10 29.33
C ILE A 142 13.71 38.78 28.59
N SER A 143 12.47 38.35 28.38
CA SER A 143 12.24 37.15 27.57
C SER A 143 12.40 37.50 26.08
N ALA A 144 12.97 36.56 25.33
CA ALA A 144 13.22 36.80 23.92
C ALA A 144 11.95 37.00 23.11
N GLU A 145 10.80 36.55 23.62
CA GLU A 145 9.53 36.74 22.93
C GLU A 145 9.02 38.17 23.01
N GLN A 146 9.64 39.02 23.83
CA GLN A 146 9.26 40.41 23.94
C GLN A 146 10.14 41.34 23.12
N LEU A 147 11.08 40.79 22.36
CA LEU A 147 11.97 41.62 21.56
C LEU A 147 11.23 42.24 20.39
N VAL A 148 11.58 43.47 20.06
CA VAL A 148 10.96 44.21 18.98
C VAL A 148 12.05 44.71 18.03
N VAL A 149 11.66 44.93 16.78
CA VAL A 149 12.62 45.33 15.76
C VAL A 149 13.13 46.73 16.06
N GLY A 150 14.45 46.88 16.16
CA GLY A 150 15.06 48.11 16.58
C GLY A 150 15.56 48.11 18.01
N ASP A 151 15.68 46.96 18.64
CA ASP A 151 16.13 46.85 20.02
C ASP A 151 17.60 46.51 20.06
N VAL A 152 18.31 47.07 21.04
CA VAL A 152 19.74 46.83 21.21
C VAL A 152 19.91 45.70 22.22
N VAL A 153 20.65 44.66 21.84
CA VAL A 153 20.80 43.46 22.65
C VAL A 153 22.28 43.11 22.76
N GLU A 154 22.61 42.34 23.80
CA GLU A 154 23.96 41.86 24.05
C GLU A 154 23.99 40.35 23.95
N ILE A 155 25.03 39.82 23.31
CA ILE A 155 25.24 38.39 23.17
C ILE A 155 26.64 38.05 23.65
N LYS A 156 26.77 36.90 24.31
CA LYS A 156 28.03 36.40 24.86
C LYS A 156 28.34 35.04 24.27
N GLY A 157 29.48 34.47 24.68
CA GLY A 157 29.79 33.11 24.29
C GLY A 157 28.84 32.12 24.94
N GLY A 158 28.53 31.06 24.21
CA GLY A 158 27.57 30.08 24.69
C GLY A 158 26.17 30.64 24.82
N ASP A 159 25.77 31.52 23.91
CA ASP A 159 24.47 32.16 23.94
C ASP A 159 23.78 31.96 22.60
N GLN A 160 22.47 31.71 22.65
CA GLN A 160 21.66 31.71 21.44
C GLN A 160 21.27 33.14 21.08
N ILE A 161 21.45 33.49 19.82
CA ILE A 161 21.10 34.85 19.38
C ILE A 161 19.60 35.04 19.51
N PRO A 162 19.13 36.09 20.20
CA PRO A 162 17.70 36.20 20.50
C PRO A 162 16.85 36.58 19.31
N ALA A 163 17.44 37.08 18.23
CA ALA A 163 16.72 37.52 17.05
C ALA A 163 17.75 37.80 15.97
N ASP A 164 17.27 38.10 14.76
CA ASP A 164 18.14 38.58 13.71
C ASP A 164 18.61 39.98 14.04
N ILE A 165 19.92 40.15 14.22
CA ILE A 165 20.48 41.42 14.69
C ILE A 165 21.56 41.89 13.73
N ARG A 166 21.74 43.20 13.67
CA ARG A 166 22.83 43.82 12.93
C ARG A 166 23.89 44.25 13.94
N LEU A 167 25.04 43.59 13.91
CA LEU A 167 26.09 43.84 14.89
C LEU A 167 26.64 45.25 14.74
N VAL A 168 26.53 46.05 15.80
CA VAL A 168 27.07 47.40 15.81
C VAL A 168 28.39 47.49 16.57
N PHE A 169 28.58 46.70 17.62
CA PHE A 169 29.87 46.53 18.27
C PHE A 169 30.15 45.05 18.42
N SER A 170 31.39 44.66 18.16
CA SER A 170 31.79 43.26 18.22
C SER A 170 33.23 43.18 18.68
N GLN A 171 33.54 42.16 19.47
CA GLN A 171 34.90 41.93 19.96
C GLN A 171 35.14 40.43 19.98
N GLY A 172 35.88 39.94 18.99
CA GLY A 172 36.22 38.52 18.93
C GLY A 172 35.02 37.60 18.87
N CYS A 173 33.99 37.97 18.12
CA CYS A 173 32.75 37.20 18.07
C CYS A 173 32.85 36.11 17.01
N LYS A 174 32.43 34.90 17.38
CA LYS A 174 32.31 33.78 16.47
C LYS A 174 30.98 33.09 16.71
N VAL A 175 30.31 32.68 15.64
CA VAL A 175 28.97 32.10 15.72
C VAL A 175 28.97 30.75 15.01
N ASP A 176 27.85 30.04 15.17
CA ASP A 176 27.63 28.76 14.53
C ASP A 176 26.38 28.88 13.66
N ASN A 177 26.56 28.89 12.35
CA ASN A 177 25.47 29.02 11.39
C ASN A 177 25.10 27.68 10.76
N SER A 178 25.23 26.58 11.50
CA SER A 178 24.92 25.27 10.95
C SER A 178 23.44 25.10 10.63
N SER A 179 22.57 25.88 11.27
CA SER A 179 21.16 25.85 10.93
C SER A 179 20.87 26.52 9.59
N LEU A 180 21.83 27.26 9.05
CA LEU A 180 21.70 27.93 7.76
C LEU A 180 22.46 27.23 6.64
N THR A 181 23.66 26.77 6.91
CA THR A 181 24.51 26.16 5.89
C THR A 181 24.80 24.69 6.12
N GLY A 182 24.45 24.15 7.28
CA GLY A 182 24.79 22.77 7.59
C GLY A 182 26.22 22.56 8.03
N GLU A 183 27.00 23.64 8.17
CA GLU A 183 28.41 23.57 8.50
C GLU A 183 28.62 24.08 9.91
N SER A 184 29.35 23.32 10.72
CA SER A 184 29.60 23.66 12.11
C SER A 184 30.86 24.47 12.31
N GLU A 185 31.56 24.83 11.25
CA GLU A 185 32.78 25.62 11.38
C GLU A 185 32.46 26.98 11.97
N PRO A 186 33.18 27.42 13.00
CA PRO A 186 32.92 28.75 13.57
C PRO A 186 33.16 29.84 12.54
N GLN A 187 32.29 30.84 12.55
CA GLN A 187 32.31 31.94 11.59
C GLN A 187 32.65 33.23 12.33
N ALA A 188 33.69 33.92 11.87
CA ALA A 188 34.05 35.19 12.49
C ALA A 188 33.01 36.25 12.19
N ARG A 189 32.70 37.05 13.20
CA ARG A 189 31.72 38.13 13.08
C ARG A 189 32.40 39.46 13.31
N SER A 190 31.97 40.48 12.58
CA SER A 190 32.52 41.82 12.68
C SER A 190 31.38 42.82 12.57
N THR A 191 31.73 44.09 12.38
CA THR A 191 30.74 45.15 12.20
C THR A 191 30.83 45.81 10.83
N GLU A 192 31.56 45.22 9.90
CA GLU A 192 31.80 45.82 8.59
C GLU A 192 31.12 44.99 7.51
N PHE A 193 30.50 45.69 6.55
CA PHE A 193 29.89 45.02 5.41
C PHE A 193 30.96 44.29 4.62
N THR A 194 30.88 42.96 4.59
CA THR A 194 31.90 42.12 3.99
C THR A 194 31.49 41.53 2.65
N HIS A 195 30.22 41.16 2.49
CA HIS A 195 29.78 40.48 1.28
C HIS A 195 28.32 40.84 1.04
N GLU A 196 27.95 40.87 -0.24
CA GLU A 196 26.63 41.39 -0.64
C GLU A 196 25.50 40.53 -0.09
N ASN A 197 25.65 39.22 -0.12
CA ASN A 197 24.61 38.33 0.36
C ASN A 197 24.41 38.51 1.86
N PRO A 198 23.19 38.75 2.34
CA PRO A 198 22.97 38.84 3.79
C PRO A 198 23.34 37.59 4.55
N LEU A 199 23.22 36.41 3.94
CA LEU A 199 23.56 35.16 4.59
C LEU A 199 25.06 34.94 4.69
N GLU A 200 25.85 35.72 3.96
CA GLU A 200 27.32 35.73 4.06
C GLU A 200 27.71 37.20 4.20
N THR A 201 27.72 37.71 5.43
CA THR A 201 28.02 39.13 5.59
C THR A 201 28.95 39.46 6.75
N LYS A 202 29.10 38.60 7.75
CA LYS A 202 30.01 38.79 8.88
C LYS A 202 29.53 39.85 9.87
N ASN A 203 28.43 40.54 9.57
CA ASN A 203 27.92 41.55 10.49
C ASN A 203 26.43 41.39 10.77
N ILE A 204 25.89 40.18 10.58
CA ILE A 204 24.52 39.87 10.96
C ILE A 204 24.53 38.60 11.80
N GLY A 205 23.93 38.66 12.98
CA GLY A 205 23.69 37.48 13.80
C GLY A 205 22.27 36.99 13.55
N PHE A 206 22.11 35.67 13.53
CA PHE A 206 20.87 35.06 13.09
C PHE A 206 20.14 34.41 14.26
N TYR A 207 18.82 34.55 14.26
CA TYR A 207 17.97 33.99 15.30
C TYR A 207 18.17 32.49 15.43
N SER A 208 18.26 32.02 16.67
CA SER A 208 18.39 30.61 17.02
C SER A 208 19.73 30.01 16.63
N THR A 209 20.76 30.83 16.48
CA THR A 209 22.12 30.35 16.26
C THR A 209 22.95 30.57 17.52
N THR A 210 24.06 29.84 17.61
CA THR A 210 24.89 29.82 18.81
C THR A 210 26.06 30.77 18.66
N CYS A 211 26.25 31.63 19.65
CA CYS A 211 27.45 32.46 19.74
C CYS A 211 28.52 31.67 20.47
N LEU A 212 29.55 31.26 19.74
CA LEU A 212 30.55 30.35 20.30
C LEU A 212 31.48 31.05 21.28
N GLU A 213 31.91 32.27 20.96
CA GLU A 213 32.87 32.98 21.80
C GLU A 213 32.76 34.47 21.54
N GLY A 214 33.36 35.24 22.43
CA GLY A 214 33.39 36.68 22.29
C GLY A 214 32.10 37.35 22.75
N THR A 215 32.03 38.65 22.49
CA THR A 215 30.87 39.45 22.82
C THR A 215 30.53 40.34 21.63
N ALA A 216 29.26 40.72 21.55
CA ALA A 216 28.81 41.60 20.48
C ALA A 216 27.59 42.38 20.92
N THR A 217 27.36 43.51 20.25
CA THR A 217 26.16 44.32 20.43
C THR A 217 25.49 44.50 19.09
N GLY A 218 24.17 44.36 19.06
CA GLY A 218 23.44 44.43 17.80
C GLY A 218 22.08 45.06 17.98
N ILE A 219 21.53 45.52 16.85
CA ILE A 219 20.17 46.06 16.79
C ILE A 219 19.29 45.04 16.12
N VAL A 220 18.15 44.74 16.73
CA VAL A 220 17.22 43.76 16.17
C VAL A 220 16.65 44.30 14.86
N ILE A 221 16.79 43.53 13.80
CA ILE A 221 16.28 43.92 12.49
C ILE A 221 15.10 43.05 12.04
N ASN A 222 15.03 41.79 12.48
CA ASN A 222 13.90 40.93 12.18
C ASN A 222 13.53 40.16 13.44
N THR A 223 12.25 39.81 13.55
CA THR A 223 11.74 39.19 14.76
C THR A 223 10.67 38.18 14.39
N GLY A 224 10.61 37.10 15.16
CA GLY A 224 9.54 36.13 14.98
C GLY A 224 9.67 35.37 13.68
N ASP A 225 8.56 35.25 12.96
CA ASP A 225 8.54 34.51 11.69
C ASP A 225 9.18 35.28 10.55
N ARG A 226 9.55 36.54 10.75
CA ARG A 226 10.24 37.32 9.74
C ARG A 226 11.74 37.05 9.72
N THR A 227 12.25 36.23 10.63
CA THR A 227 13.66 35.90 10.69
C THR A 227 14.01 34.88 9.61
N ILE A 228 15.31 34.59 9.49
CA ILE A 228 15.75 33.60 8.52
C ILE A 228 15.26 32.21 8.92
N ILE A 229 15.41 31.85 10.19
CA ILE A 229 14.97 30.54 10.64
C ILE A 229 13.45 30.45 10.66
N GLY A 230 12.77 31.57 10.93
CA GLY A 230 11.32 31.57 10.84
C GLY A 230 10.84 31.34 9.42
N ARG A 231 11.49 31.97 8.45
CA ARG A 231 11.15 31.75 7.05
C ARG A 231 11.47 30.33 6.62
N ILE A 232 12.57 29.76 7.12
CA ILE A 232 12.90 28.38 6.82
C ILE A 232 11.83 27.45 7.36
N ALA A 233 11.38 27.68 8.59
CA ALA A 233 10.34 26.85 9.18
C ALA A 233 9.02 26.98 8.43
N SER A 234 8.66 28.21 8.05
CA SER A 234 7.43 28.42 7.29
C SER A 234 7.49 27.71 5.94
N LEU A 235 8.64 27.81 5.25
CA LEU A 235 8.80 27.15 3.96
C LEU A 235 8.75 25.63 4.11
N ALA A 236 9.35 25.09 5.17
CA ALA A 236 9.27 23.65 5.41
C ALA A 236 7.85 23.21 5.68
N SER A 237 7.11 23.97 6.48
CA SER A 237 5.74 23.57 6.84
C SER A 237 4.78 23.76 5.67
N GLY A 238 5.06 24.69 4.76
CA GLY A 238 4.15 24.93 3.65
C GLY A 238 4.19 23.83 2.60
N VAL A 239 5.38 23.53 2.08
CA VAL A 239 5.53 22.56 1.00
C VAL A 239 5.41 21.15 1.56
N GLY A 240 5.26 20.17 0.66
CA GLY A 240 5.26 18.78 1.05
C GLY A 240 3.90 18.20 1.42
N SER A 241 2.84 18.63 0.73
CA SER A 241 1.50 18.12 0.98
C SER A 241 0.96 17.35 -0.21
N GLU A 242 1.83 16.91 -1.11
CA GLU A 242 1.40 16.20 -2.31
C GLU A 242 1.27 14.70 -2.04
N LYS A 243 0.77 13.99 -3.04
CA LYS A 243 0.54 12.55 -2.93
C LYS A 243 1.76 11.79 -3.41
N THR A 244 2.05 10.68 -2.73
CA THR A 244 3.15 9.82 -3.13
C THR A 244 2.83 9.13 -4.45
N PRO A 245 3.86 8.73 -5.20
CA PRO A 245 3.60 8.03 -6.48
C PRO A 245 2.78 6.75 -6.32
N ILE A 246 2.92 6.04 -5.21
CA ILE A 246 2.11 4.84 -5.02
C ILE A 246 0.65 5.18 -4.76
N ALA A 247 0.39 6.33 -4.13
CA ALA A 247 -0.99 6.77 -3.94
C ALA A 247 -1.63 7.14 -5.27
N ILE A 248 -0.86 7.75 -6.17
CA ILE A 248 -1.38 8.11 -7.48
C ILE A 248 -1.68 6.87 -8.31
N GLU A 249 -0.84 5.84 -8.21
CA GLU A 249 -1.09 4.59 -8.92
C GLU A 249 -2.35 3.91 -8.39
N ILE A 250 -2.53 3.90 -7.06
CA ILE A 250 -3.73 3.30 -6.48
C ILE A 250 -4.97 4.08 -6.89
N GLU A 251 -4.86 5.41 -6.95
CA GLU A 251 -5.99 6.23 -7.38
C GLU A 251 -6.34 5.96 -8.84
N HIS A 252 -5.32 5.79 -9.69
CA HIS A 252 -5.57 5.45 -11.09
C HIS A 252 -6.26 4.09 -11.22
N PHE A 253 -5.80 3.11 -10.46
CA PHE A 253 -6.44 1.79 -10.48
C PHE A 253 -7.88 1.87 -10.01
N VAL A 254 -8.13 2.64 -8.94
CA VAL A 254 -9.48 2.83 -8.45
C VAL A 254 -10.36 3.49 -9.50
N HIS A 255 -9.81 4.48 -10.21
CA HIS A 255 -10.56 5.13 -11.27
C HIS A 255 -10.93 4.14 -12.37
N ILE A 256 -9.98 3.29 -12.77
CA ILE A 256 -10.25 2.30 -13.81
C ILE A 256 -11.37 1.37 -13.38
N VAL A 257 -11.24 0.80 -12.18
CA VAL A 257 -12.22 -0.18 -11.71
C VAL A 257 -13.59 0.46 -11.53
N ALA A 258 -13.64 1.65 -10.94
CA ALA A 258 -14.91 2.33 -10.71
C ALA A 258 -15.56 2.72 -12.03
N GLY A 259 -14.78 3.15 -13.02
CA GLY A 259 -15.35 3.45 -14.32
C GLY A 259 -15.93 2.23 -14.99
N VAL A 260 -15.22 1.10 -14.92
CA VAL A 260 -15.74 -0.15 -15.48
C VAL A 260 -17.04 -0.54 -14.80
N ALA A 261 -17.05 -0.47 -13.47
CA ALA A 261 -18.26 -0.85 -12.72
C ALA A 261 -19.43 0.07 -13.04
N VAL A 262 -19.19 1.38 -13.11
CA VAL A 262 -20.24 2.33 -13.40
C VAL A 262 -20.79 2.12 -14.80
N SER A 263 -19.91 1.92 -15.78
CA SER A 263 -20.38 1.69 -17.14
C SER A 263 -21.21 0.43 -17.24
N ILE A 264 -20.74 -0.67 -16.63
CA ILE A 264 -21.48 -1.92 -16.67
C ILE A 264 -22.83 -1.76 -15.99
N GLY A 265 -22.86 -1.11 -14.83
CA GLY A 265 -24.11 -0.92 -14.12
C GLY A 265 -25.11 -0.09 -14.91
N ILE A 266 -24.64 1.01 -15.51
CA ILE A 266 -25.54 1.85 -16.29
C ILE A 266 -26.09 1.09 -17.49
N ILE A 267 -25.21 0.37 -18.20
CA ILE A 267 -25.66 -0.35 -19.40
C ILE A 267 -26.66 -1.43 -19.03
N PHE A 268 -26.35 -2.23 -18.00
CA PHE A 268 -27.17 -3.37 -17.64
C PHE A 268 -28.35 -3.00 -16.74
N PHE A 269 -28.47 -1.72 -16.37
CA PHE A 269 -29.72 -1.22 -15.81
C PHE A 269 -30.62 -0.66 -16.91
N ILE A 270 -30.03 0.09 -17.85
CA ILE A 270 -30.81 0.66 -18.95
C ILE A 270 -31.39 -0.45 -19.82
N THR A 271 -30.61 -1.50 -20.08
CA THR A 271 -31.16 -2.61 -20.86
C THR A 271 -32.11 -3.47 -20.04
N ALA A 272 -31.89 -3.57 -18.72
CA ALA A 272 -32.76 -4.40 -17.89
C ALA A 272 -34.14 -3.80 -17.75
N VAL A 273 -34.23 -2.47 -17.60
CA VAL A 273 -35.55 -1.85 -17.50
C VAL A 273 -36.30 -1.98 -18.82
N CYS A 274 -35.59 -2.05 -19.94
CA CYS A 274 -36.20 -2.24 -21.25
C CYS A 274 -36.45 -3.70 -21.57
N MET A 275 -36.08 -4.63 -20.68
CA MET A 275 -36.32 -6.05 -20.86
C MET A 275 -37.56 -6.52 -20.10
N LYS A 276 -38.51 -5.62 -19.87
CA LYS A 276 -39.74 -5.92 -19.13
C LYS A 276 -39.44 -6.38 -17.71
N TYR A 277 -38.57 -5.64 -17.03
CA TYR A 277 -38.25 -5.87 -15.63
C TYR A 277 -38.75 -4.71 -14.78
N TYR A 278 -39.09 -5.00 -13.53
CA TYR A 278 -39.54 -3.97 -12.61
C TYR A 278 -38.42 -3.56 -11.66
N VAL A 279 -38.74 -2.60 -10.80
CA VAL A 279 -37.71 -1.83 -10.08
C VAL A 279 -36.86 -2.73 -9.20
N LEU A 280 -37.50 -3.66 -8.47
CA LEU A 280 -36.76 -4.48 -7.53
C LEU A 280 -35.71 -5.35 -8.23
N ASP A 281 -36.09 -5.98 -9.34
CA ASP A 281 -35.14 -6.78 -10.09
C ASP A 281 -34.03 -5.94 -10.73
N ALA A 282 -34.33 -4.67 -11.02
CA ALA A 282 -33.32 -3.78 -11.61
C ALA A 282 -32.37 -3.20 -10.57
N ILE A 283 -32.79 -3.09 -9.31
CA ILE A 283 -31.90 -2.57 -8.28
C ILE A 283 -31.13 -3.66 -7.54
N ILE A 284 -31.71 -4.85 -7.36
CA ILE A 284 -30.94 -5.96 -6.80
C ILE A 284 -29.81 -6.34 -7.75
N PHE A 285 -30.07 -6.27 -9.06
CA PHE A 285 -29.01 -6.52 -10.03
C PHE A 285 -27.93 -5.46 -9.97
N LEU A 286 -28.29 -4.19 -9.73
CA LEU A 286 -27.29 -3.15 -9.56
C LEU A 286 -26.44 -3.39 -8.31
N ILE A 287 -27.08 -3.82 -7.22
CA ILE A 287 -26.33 -4.17 -6.03
C ILE A 287 -25.34 -5.28 -6.32
N SER A 288 -25.80 -6.31 -7.05
CA SER A 288 -24.92 -7.42 -7.39
C SER A 288 -23.75 -6.97 -8.25
N ILE A 289 -24.02 -6.08 -9.21
CA ILE A 289 -22.96 -5.56 -10.08
C ILE A 289 -21.93 -4.81 -9.25
N ILE A 290 -22.39 -3.95 -8.33
CA ILE A 290 -21.47 -3.17 -7.51
C ILE A 290 -20.63 -4.09 -6.63
N VAL A 291 -21.26 -5.09 -6.02
CA VAL A 291 -20.53 -5.98 -5.11
C VAL A 291 -19.53 -6.83 -5.89
N ALA A 292 -19.90 -7.29 -7.08
CA ALA A 292 -19.01 -8.15 -7.84
C ALA A 292 -17.85 -7.39 -8.47
N ASN A 293 -18.08 -6.15 -8.89
CA ASN A 293 -17.04 -5.39 -9.59
C ASN A 293 -16.02 -4.77 -8.65
N VAL A 294 -16.36 -4.56 -7.40
CA VAL A 294 -15.46 -3.89 -6.44
C VAL A 294 -14.62 -4.91 -5.70
N PRO A 295 -13.28 -4.79 -5.69
CA PRO A 295 -12.45 -5.63 -4.82
C PRO A 295 -12.52 -5.11 -3.39
N GLU A 296 -13.24 -5.83 -2.54
CA GLU A 296 -13.59 -5.31 -1.21
C GLU A 296 -12.47 -5.44 -0.20
N GLY A 297 -11.46 -6.27 -0.46
CA GLY A 297 -10.39 -6.44 0.51
C GLY A 297 -9.01 -6.10 0.02
N LEU A 298 -8.92 -5.52 -1.19
CA LEU A 298 -7.62 -5.31 -1.81
C LEU A 298 -6.85 -4.17 -1.17
N LEU A 299 -7.53 -3.08 -0.82
CA LEU A 299 -6.82 -1.92 -0.27
C LEU A 299 -6.28 -2.20 1.13
N ALA A 300 -7.06 -2.90 1.96
CA ALA A 300 -6.55 -3.32 3.25
C ALA A 300 -5.38 -4.27 3.11
N THR A 301 -5.42 -5.15 2.09
CA THR A 301 -4.30 -6.04 1.82
C THR A 301 -3.06 -5.24 1.41
N VAL A 302 -3.25 -4.19 0.62
CA VAL A 302 -2.12 -3.33 0.23
C VAL A 302 -1.50 -2.68 1.46
N THR A 303 -2.36 -2.17 2.36
CA THR A 303 -1.86 -1.58 3.60
C THR A 303 -1.10 -2.60 4.43
N VAL A 304 -1.61 -3.84 4.50
CA VAL A 304 -0.94 -4.89 5.25
C VAL A 304 0.43 -5.21 4.66
N THR A 305 0.50 -5.29 3.33
CA THR A 305 1.79 -5.57 2.68
C THR A 305 2.78 -4.44 2.92
N LEU A 306 2.32 -3.19 2.86
CA LEU A 306 3.20 -2.06 3.15
C LEU A 306 3.71 -2.14 4.59
N SER A 307 2.82 -2.48 5.53
CA SER A 307 3.24 -2.62 6.92
C SER A 307 4.25 -3.74 7.08
N LEU A 308 4.05 -4.85 6.38
CA LEU A 308 4.99 -5.97 6.47
C LEU A 308 6.37 -5.56 5.94
N THR A 309 6.41 -4.85 4.82
CA THR A 309 7.69 -4.40 4.30
C THR A 309 8.36 -3.41 5.24
N ALA A 310 7.58 -2.49 5.83
CA ALA A 310 8.16 -1.53 6.78
C ALA A 310 8.72 -2.25 8.00
N LYS A 311 7.99 -3.24 8.51
CA LYS A 311 8.47 -4.01 9.66
C LYS A 311 9.74 -4.78 9.31
N ARG A 312 9.81 -5.33 8.10
CA ARG A 312 11.02 -6.03 7.68
C ARG A 312 12.21 -5.08 7.58
N MET A 313 11.99 -3.90 7.02
CA MET A 313 13.09 -2.95 6.84
C MET A 313 13.50 -2.29 8.15
N ALA A 314 12.61 -2.23 9.13
CA ALA A 314 13.00 -1.72 10.44
C ALA A 314 14.01 -2.61 11.14
N LYS A 315 14.09 -3.89 10.75
CA LYS A 315 15.07 -4.79 11.34
C LYS A 315 16.48 -4.51 10.84
N LYS A 316 16.62 -3.79 9.74
CA LYS A 316 17.92 -3.40 9.20
C LYS A 316 18.29 -1.97 9.59
N ASN A 317 17.76 -1.48 10.70
CA ASN A 317 18.00 -0.13 11.19
C ASN A 317 17.61 0.91 10.14
N CYS A 318 16.33 0.87 9.75
CA CYS A 318 15.77 1.78 8.77
C CYS A 318 14.33 2.07 9.19
N LEU A 319 14.14 3.16 9.92
CA LEU A 319 12.82 3.52 10.42
C LEU A 319 11.98 4.16 9.33
N VAL A 320 10.79 3.63 9.10
CA VAL A 320 9.87 4.14 8.10
C VAL A 320 8.71 4.79 8.84
N LYS A 321 8.61 6.11 8.73
CA LYS A 321 7.56 6.85 9.42
C LYS A 321 6.26 6.88 8.64
N ASN A 322 6.33 6.86 7.31
CA ASN A 322 5.16 6.84 6.45
C ASN A 322 5.12 5.50 5.72
N LEU A 323 3.95 4.85 5.74
CA LEU A 323 3.83 3.51 5.15
C LEU A 323 4.11 3.54 3.66
N GLU A 324 3.61 4.55 2.95
CA GLU A 324 3.77 4.64 1.51
C GLU A 324 5.19 4.95 1.08
N ALA A 325 6.08 5.29 2.02
CA ALA A 325 7.46 5.60 1.67
C ALA A 325 8.28 4.37 1.31
N VAL A 326 7.80 3.17 1.64
CA VAL A 326 8.54 1.96 1.32
C VAL A 326 8.58 1.70 -0.19
N GLU A 327 7.71 2.34 -0.96
CA GLU A 327 7.67 2.17 -2.40
C GLU A 327 8.39 3.26 -3.17
N THR A 328 8.41 4.50 -2.63
CA THR A 328 8.97 5.62 -3.37
C THR A 328 10.44 5.37 -3.72
N LEU A 329 11.21 4.85 -2.77
CA LEU A 329 12.53 4.35 -3.07
C LEU A 329 12.39 3.08 -3.90
N GLY A 330 12.66 3.17 -5.20
CA GLY A 330 12.40 2.08 -6.11
C GLY A 330 11.84 2.58 -7.43
N SER A 331 11.11 3.69 -7.36
CA SER A 331 10.74 4.45 -8.54
C SER A 331 11.52 5.75 -8.66
N THR A 332 12.39 6.03 -7.68
CA THR A 332 13.17 7.26 -7.67
C THR A 332 14.20 7.24 -8.80
N SER A 333 14.26 8.36 -9.54
CA SER A 333 15.23 8.51 -10.61
C SER A 333 16.33 9.51 -10.30
N ILE A 334 16.13 10.40 -9.32
CA ILE A 334 17.12 11.40 -8.93
C ILE A 334 17.23 11.39 -7.41
N ILE A 335 18.46 11.37 -6.91
CA ILE A 335 18.73 11.54 -5.49
C ILE A 335 19.49 12.86 -5.32
N CYS A 336 18.90 13.79 -4.57
CA CYS A 336 19.56 15.04 -4.19
C CYS A 336 20.07 14.87 -2.76
N SER A 337 21.39 14.90 -2.59
CA SER A 337 22.02 14.51 -1.34
C SER A 337 22.78 15.68 -0.75
N ASP A 338 22.55 15.93 0.55
CA ASP A 338 23.39 16.83 1.32
C ASP A 338 24.76 16.20 1.54
N LYS A 339 25.80 17.05 1.57
CA LYS A 339 27.16 16.53 1.72
C LYS A 339 27.52 16.28 3.19
N THR A 340 27.53 17.34 3.99
CA THR A 340 28.09 17.25 5.35
C THR A 340 27.15 16.48 6.26
N GLY A 341 27.69 15.46 6.93
CA GLY A 341 26.93 14.62 7.83
C GLY A 341 26.17 13.50 7.14
N THR A 342 25.77 13.70 5.88
CA THR A 342 25.05 12.69 5.12
C THR A 342 26.01 11.84 4.29
N LEU A 343 26.75 12.48 3.39
CA LEU A 343 27.76 11.78 2.60
C LEU A 343 29.09 11.67 3.33
N THR A 344 29.37 12.62 4.22
CA THR A 344 30.62 12.65 4.97
C THR A 344 30.35 12.32 6.43
N GLN A 345 31.44 12.20 7.19
CA GLN A 345 31.38 11.83 8.59
C GLN A 345 31.12 13.01 9.53
N ASN A 346 31.16 14.24 9.01
CA ASN A 346 31.01 15.44 9.82
C ASN A 346 32.05 15.50 10.93
N ARG A 347 33.27 15.08 10.62
CA ARG A 347 34.37 15.12 11.57
C ARG A 347 35.66 15.34 10.79
N MET A 348 36.41 16.37 11.14
CA MET A 348 37.66 16.66 10.45
C MET A 348 38.70 15.64 10.85
N THR A 349 39.31 15.00 9.87
CA THR A 349 40.35 14.01 10.10
C THR A 349 41.55 14.31 9.21
N VAL A 350 42.72 13.84 9.63
CA VAL A 350 43.92 13.99 8.84
C VAL A 350 43.81 13.13 7.58
N ALA A 351 43.99 13.75 6.42
CA ALA A 351 43.82 13.08 5.13
C ALA A 351 45.14 12.76 4.46
N HIS A 352 46.04 13.74 4.33
CA HIS A 352 47.30 13.55 3.64
C HIS A 352 48.45 14.14 4.46
N LEU A 353 49.64 13.59 4.25
CA LEU A 353 50.87 14.08 4.85
C LEU A 353 51.91 14.27 3.76
N TRP A 354 52.67 15.36 3.85
CA TRP A 354 53.76 15.63 2.90
C TRP A 354 55.05 15.82 3.69
N PHE A 355 55.91 14.82 3.66
CA PHE A 355 57.25 14.94 4.22
C PHE A 355 58.19 14.04 3.44
N ASP A 356 59.49 14.33 3.56
CA ASP A 356 60.53 13.62 2.81
C ASP A 356 60.32 13.74 1.31
N ASN A 357 59.77 14.88 0.87
CA ASN A 357 59.44 15.12 -0.54
C ASN A 357 58.52 14.03 -1.09
N GLN A 358 57.61 13.57 -0.25
CA GLN A 358 56.66 12.53 -0.61
C GLN A 358 55.28 12.92 -0.08
N ILE A 359 54.24 12.42 -0.73
CA ILE A 359 52.86 12.65 -0.31
C ILE A 359 52.29 11.31 0.14
N PHE A 360 51.79 11.26 1.37
CA PHE A 360 51.23 10.05 1.95
C PHE A 360 49.73 10.19 2.13
N VAL A 361 49.04 9.06 2.11
CA VAL A 361 47.59 9.01 2.28
C VAL A 361 47.28 8.36 3.62
N ALA A 362 46.45 9.03 4.42
CA ALA A 362 46.07 8.54 5.73
C ALA A 362 44.69 7.91 5.68
N ASP A 363 44.48 6.91 6.54
CA ASP A 363 43.17 6.27 6.64
C ASP A 363 42.17 7.22 7.29
N THR A 364 40.99 7.32 6.70
CA THR A 364 39.98 8.28 7.13
C THR A 364 38.69 7.57 7.55
N SER A 365 38.78 6.29 7.90
CA SER A 365 37.61 5.54 8.29
C SER A 365 37.16 5.91 9.70
N GLU A 366 35.86 5.74 9.94
CA GLU A 366 35.31 6.04 11.26
C GLU A 366 35.80 5.03 12.29
N ASN A 367 35.97 3.78 11.90
CA ASN A 367 36.41 2.70 12.77
C ASN A 367 37.79 2.26 12.29
N GLN A 368 38.83 2.92 12.78
CA GLN A 368 40.20 2.62 12.42
C GLN A 368 41.05 2.53 13.67
N THR A 369 42.08 1.68 13.62
CA THR A 369 42.98 1.49 14.74
C THR A 369 44.45 1.51 14.34
N LYS A 370 44.76 1.75 13.07
CA LYS A 370 46.15 1.78 12.62
C LYS A 370 46.24 2.66 11.38
N GLN A 371 47.46 3.12 11.10
CA GLN A 371 47.75 3.88 9.90
C GLN A 371 48.87 3.17 9.13
N ALA A 372 48.64 2.98 7.83
CA ALA A 372 49.50 2.13 7.02
C ALA A 372 50.41 2.91 6.07
N PHE A 373 50.53 4.22 6.25
CA PHE A 373 51.46 4.95 5.41
C PHE A 373 52.89 4.69 5.89
N ASP A 374 53.84 4.92 4.98
CA ASP A 374 55.24 4.56 5.22
C ASP A 374 55.81 5.44 6.32
N GLN A 375 55.99 4.87 7.51
CA GLN A 375 56.64 5.55 8.63
C GLN A 375 58.12 5.22 8.60
N SER A 376 58.89 6.04 7.89
CA SER A 376 60.28 5.77 7.61
C SER A 376 61.18 5.86 8.85
N SER A 377 60.66 6.37 9.97
CA SER A 377 61.40 6.67 11.19
C SER A 377 62.40 7.80 10.99
N GLY A 378 62.51 8.34 9.78
CA GLY A 378 63.31 9.52 9.54
C GLY A 378 62.41 10.65 9.08
N THR A 379 62.44 11.75 9.83
CA THR A 379 61.58 12.92 9.69
C THR A 379 60.16 12.59 10.17
N TRP A 380 59.87 11.31 10.36
CA TRP A 380 58.57 10.92 10.89
C TRP A 380 58.56 10.94 12.41
N ALA A 381 59.67 10.58 13.05
CA ALA A 381 59.75 10.76 14.50
C ALA A 381 59.61 12.22 14.86
N SER A 382 60.28 13.11 14.11
CA SER A 382 60.14 14.54 14.36
C SER A 382 58.72 15.03 14.07
N LEU A 383 58.13 14.58 12.97
CA LEU A 383 56.76 15.00 12.67
C LEU A 383 55.79 14.53 13.74
N SER A 384 55.94 13.30 14.22
CA SER A 384 55.07 12.78 15.26
C SER A 384 55.27 13.52 16.57
N LYS A 385 56.51 13.85 16.90
CA LYS A 385 56.76 14.63 18.12
C LYS A 385 56.10 16.00 18.04
N ILE A 386 56.20 16.67 16.88
CA ILE A 386 55.55 17.97 16.74
C ILE A 386 54.03 17.82 16.84
N ILE A 387 53.47 16.78 16.21
CA ILE A 387 52.03 16.57 16.23
C ILE A 387 51.55 16.34 17.65
N THR A 388 52.26 15.52 18.42
CA THR A 388 51.82 15.19 19.77
C THR A 388 52.04 16.33 20.74
N LEU A 389 53.16 17.05 20.62
CA LEU A 389 53.53 18.05 21.61
C LEU A 389 52.91 19.42 21.37
N CYS A 390 52.60 19.77 20.11
CA CYS A 390 52.10 21.10 19.78
C CYS A 390 50.58 21.14 19.74
N ASN A 391 49.92 20.31 20.53
CA ASN A 391 48.46 20.24 20.55
C ASN A 391 47.96 20.52 21.97
N ARG A 392 46.92 21.36 22.06
CA ARG A 392 46.26 21.62 23.33
C ARG A 392 45.03 20.76 23.56
N ALA A 393 44.48 20.17 22.52
CA ALA A 393 43.25 19.40 22.64
C ALA A 393 43.48 18.12 23.45
N GLU A 394 42.52 17.81 24.32
CA GLU A 394 42.56 16.59 25.12
C GLU A 394 41.19 15.94 25.09
N PHE A 395 41.18 14.63 25.35
CA PHE A 395 39.92 13.90 25.39
C PHE A 395 39.10 14.32 26.60
N ARG A 396 37.81 13.99 26.57
CA ARG A 396 36.95 14.33 27.69
C ARG A 396 36.85 13.15 28.65
N PRO A 397 36.71 13.43 29.95
CA PRO A 397 36.65 12.35 30.93
C PRO A 397 35.45 11.46 30.73
N GLY A 398 35.59 10.19 31.11
CA GLY A 398 34.55 9.21 30.93
C GLY A 398 34.58 8.48 29.59
N GLN A 399 35.60 8.71 28.78
CA GLN A 399 35.73 8.08 27.46
C GLN A 399 37.09 7.40 27.40
N GLU A 400 37.13 6.13 27.79
CA GLU A 400 38.36 5.34 27.76
C GLU A 400 38.26 4.10 26.87
N SER A 401 37.13 3.40 26.91
CA SER A 401 36.91 2.24 26.05
C SER A 401 36.25 2.60 24.73
N VAL A 402 35.90 3.86 24.53
CA VAL A 402 35.28 4.33 23.30
C VAL A 402 36.32 4.27 22.19
N PRO A 403 35.94 3.97 20.94
CA PRO A 403 36.90 4.05 19.84
C PRO A 403 37.44 5.47 19.70
N ILE A 404 38.69 5.56 19.25
CA ILE A 404 39.40 6.84 19.26
C ILE A 404 38.68 7.87 18.40
N MET A 405 38.24 7.47 17.21
CA MET A 405 37.55 8.39 16.32
C MET A 405 36.09 8.61 16.70
N LYS A 406 35.67 8.13 17.87
CA LYS A 406 34.34 8.40 18.39
C LYS A 406 34.34 9.15 19.71
N ARG A 407 35.48 9.29 20.37
CA ARG A 407 35.55 10.00 21.63
C ARG A 407 35.26 11.48 21.43
N THR A 408 34.71 12.10 22.46
CA THR A 408 34.41 13.53 22.44
C THR A 408 35.63 14.31 22.93
N VAL A 409 35.95 15.38 22.23
CA VAL A 409 37.17 16.14 22.47
C VAL A 409 36.83 17.61 22.66
N VAL A 410 37.46 18.24 23.65
CA VAL A 410 37.39 19.68 23.82
C VAL A 410 38.57 20.30 23.10
N GLY A 411 38.29 21.26 22.20
CA GLY A 411 39.33 21.90 21.44
C GLY A 411 38.89 22.26 20.03
N ASP A 412 39.81 22.79 19.23
CA ASP A 412 39.49 23.16 17.86
C ASP A 412 39.29 21.91 17.00
N ALA A 413 38.57 22.09 15.89
CA ALA A 413 38.35 20.98 14.98
C ALA A 413 39.65 20.48 14.37
N SER A 414 40.55 21.40 14.01
CA SER A 414 41.85 20.98 13.47
C SER A 414 42.71 20.32 14.55
N GLU A 415 42.65 20.83 15.78
CA GLU A 415 43.40 20.23 16.86
C GLU A 415 42.82 18.88 17.27
N THR A 416 41.50 18.74 17.20
CA THR A 416 40.88 17.45 17.47
C THR A 416 41.33 16.39 16.47
N ALA A 417 41.42 16.77 15.20
CA ALA A 417 41.89 15.85 14.17
C ALA A 417 43.30 15.38 14.44
N LEU A 418 44.19 16.32 14.78
CA LEU A 418 45.58 15.97 15.07
C LEU A 418 45.68 15.12 16.33
N LEU A 419 44.89 15.43 17.35
CA LEU A 419 44.91 14.64 18.57
C LEU A 419 44.45 13.21 18.31
N LYS A 420 43.39 13.04 17.53
CA LYS A 420 42.92 11.68 17.23
C LYS A 420 43.91 10.94 16.35
N PHE A 421 44.54 11.64 15.40
CA PHE A 421 45.58 11.02 14.57
C PHE A 421 46.74 10.52 15.44
N SER A 422 47.21 11.36 16.36
CA SER A 422 48.32 10.98 17.22
C SER A 422 47.93 9.86 18.17
N GLU A 423 46.69 9.86 18.65
CA GLU A 423 46.24 8.79 19.54
C GLU A 423 46.11 7.47 18.78
N VAL A 424 45.68 7.53 17.51
CA VAL A 424 45.58 6.31 16.72
C VAL A 424 46.95 5.74 16.42
N ILE A 425 47.90 6.60 16.01
CA ILE A 425 49.21 6.09 15.62
C ILE A 425 50.04 5.69 16.84
N LEU A 426 50.07 6.54 17.86
CA LEU A 426 51.00 6.37 18.98
C LEU A 426 50.39 5.65 20.17
N GLY A 427 49.08 5.71 20.34
CA GLY A 427 48.44 5.07 21.49
C GLY A 427 48.46 5.87 22.77
N ASP A 428 49.61 6.42 23.14
CA ASP A 428 49.76 7.22 24.36
C ASP A 428 50.14 8.63 23.95
N VAL A 429 49.23 9.58 24.16
CA VAL A 429 49.45 10.98 23.85
C VAL A 429 49.59 11.82 25.10
N MET A 430 48.69 11.60 26.08
CA MET A 430 48.76 12.36 27.32
C MET A 430 50.03 12.05 28.09
N GLY A 431 50.42 10.77 28.14
CA GLY A 431 51.66 10.42 28.81
C GLY A 431 52.88 11.03 28.15
N ILE A 432 52.92 11.00 26.82
CA ILE A 432 54.03 11.60 26.09
C ILE A 432 54.09 13.10 26.35
N ARG A 433 52.93 13.76 26.36
CA ARG A 433 52.90 15.18 26.67
C ARG A 433 53.38 15.45 28.09
N LYS A 434 53.01 14.58 29.04
CA LYS A 434 53.45 14.76 30.42
C LYS A 434 54.95 14.59 30.56
N ARG A 435 55.52 13.63 29.83
CA ARG A 435 56.97 13.42 29.90
C ARG A 435 57.74 14.64 29.40
N ASN A 436 57.30 15.23 28.30
CA ASN A 436 57.93 16.44 27.76
C ASN A 436 57.22 17.64 28.37
N HIS A 437 57.77 18.14 29.48
CA HIS A 437 57.13 19.23 30.20
C HIS A 437 57.08 20.50 29.36
N LYS A 438 55.92 21.15 29.38
CA LYS A 438 55.70 22.38 28.62
C LYS A 438 56.04 23.57 29.52
N VAL A 439 57.11 24.29 29.18
CA VAL A 439 57.54 25.43 29.97
C VAL A 439 57.18 26.77 29.33
N ALA A 440 56.69 26.75 28.09
CA ALA A 440 56.24 27.97 27.43
C ALA A 440 55.19 27.59 26.40
N GLU A 441 54.33 28.55 26.08
CA GLU A 441 53.21 28.28 25.18
C GLU A 441 52.67 29.61 24.65
N ILE A 442 52.72 29.78 23.33
CA ILE A 442 52.05 30.91 22.67
C ILE A 442 50.79 30.35 22.02
N PRO A 443 49.60 30.63 22.55
CA PRO A 443 48.38 30.02 22.02
C PRO A 443 48.06 30.53 20.64
N PHE A 444 47.23 29.76 19.94
CA PHE A 444 46.85 30.11 18.57
C PHE A 444 45.88 31.28 18.57
N ASN A 445 46.18 32.29 17.76
CA ASN A 445 45.30 33.41 17.51
C ASN A 445 45.21 33.64 16.00
N SER A 446 44.08 34.20 15.57
CA SER A 446 43.89 34.44 14.15
C SER A 446 44.90 35.44 13.60
N THR A 447 45.41 36.34 14.44
CA THR A 447 46.40 37.30 13.99
C THR A 447 47.75 36.63 13.76
N ASN A 448 48.19 35.79 14.69
CA ASN A 448 49.49 35.13 14.55
C ASN A 448 49.45 34.02 13.51
N LYS A 449 48.34 33.28 13.44
CA LYS A 449 48.17 32.17 12.52
C LYS A 449 49.20 31.07 12.74
N PHE A 450 49.66 30.92 13.98
CA PHE A 450 50.53 29.81 14.35
C PHE A 450 50.40 29.58 15.84
N GLN A 451 50.95 28.46 16.30
CA GLN A 451 50.95 28.11 17.72
C GLN A 451 52.34 27.63 18.10
N LEU A 452 52.91 28.20 19.16
CA LEU A 452 54.26 27.91 19.59
C LEU A 452 54.24 27.20 20.93
N SER A 453 55.27 26.39 21.17
CA SER A 453 55.39 25.67 22.43
C SER A 453 56.85 25.27 22.64
N ILE A 454 57.36 25.49 23.85
CA ILE A 454 58.71 25.09 24.23
C ILE A 454 58.61 23.96 25.24
N HIS A 455 59.33 22.87 24.98
CA HIS A 455 59.24 21.67 25.79
C HIS A 455 60.62 21.26 26.27
N GLU A 456 60.64 20.25 27.15
CA GLU A 456 61.86 19.64 27.63
C GLU A 456 61.88 18.18 27.19
N THR A 457 62.96 17.78 26.53
CA THR A 457 63.01 16.44 25.94
C THR A 457 63.00 15.37 27.02
N GLU A 458 62.41 14.22 26.67
CA GLU A 458 62.38 13.05 27.54
C GLU A 458 63.62 12.17 27.35
N ASP A 459 64.72 12.75 26.88
CA ASP A 459 65.97 12.02 26.73
C ASP A 459 66.91 12.43 27.85
N PRO A 460 67.11 11.60 28.86
CA PRO A 460 68.10 11.94 29.90
C PRO A 460 69.51 12.06 29.36
N ASN A 461 69.79 11.47 28.19
CA ASN A 461 71.10 11.61 27.57
C ASN A 461 71.36 13.05 27.14
N ASN A 462 70.31 13.77 26.74
CA ASN A 462 70.45 15.11 26.21
C ASN A 462 69.83 16.17 27.11
N LYS A 463 68.54 16.06 27.41
CA LYS A 463 67.81 17.04 28.22
C LYS A 463 68.00 18.46 27.69
N ARG A 464 67.53 18.68 26.46
CA ARG A 464 67.60 19.98 25.81
C ARG A 464 66.20 20.58 25.70
N PHE A 465 66.13 21.73 25.06
CA PHE A 465 64.86 22.42 24.82
C PHE A 465 64.42 22.17 23.39
N LEU A 466 63.17 21.74 23.22
CA LEU A 466 62.56 21.51 21.91
C LEU A 466 61.38 22.45 21.77
N VAL A 467 61.50 23.42 20.86
CA VAL A 467 60.44 24.39 20.59
C VAL A 467 59.78 23.99 19.27
N VAL A 468 58.52 23.59 19.35
CA VAL A 468 57.78 23.11 18.18
C VAL A 468 56.72 24.15 17.82
N MET A 469 56.36 24.19 16.54
CA MET A 469 55.40 25.17 16.06
C MET A 469 54.60 24.59 14.89
N LYS A 470 53.31 24.92 14.86
CA LYS A 470 52.44 24.58 13.74
C LYS A 470 51.68 25.84 13.35
N GLY A 471 51.30 25.91 12.08
CA GLY A 471 50.61 27.09 11.59
C GLY A 471 50.38 27.00 10.10
N ALA A 472 50.01 28.15 9.54
CA ALA A 472 49.75 28.23 8.11
C ALA A 472 51.02 27.91 7.33
N PRO A 473 50.93 27.14 6.23
CA PRO A 473 52.15 26.72 5.54
C PRO A 473 53.05 27.86 5.09
N GLU A 474 52.47 28.96 4.59
CA GLU A 474 53.30 30.06 4.13
C GLU A 474 53.97 30.79 5.30
N ARG A 475 53.23 31.02 6.38
CA ARG A 475 53.84 31.63 7.57
C ARG A 475 54.93 30.73 8.14
N ILE A 476 54.69 29.42 8.15
CA ILE A 476 55.71 28.49 8.65
C ILE A 476 56.96 28.52 7.78
N LEU A 477 56.78 28.54 6.45
CA LEU A 477 57.94 28.55 5.57
C LEU A 477 58.73 29.84 5.69
N GLU A 478 58.04 30.98 5.72
CA GLU A 478 58.74 32.25 5.86
C GLU A 478 59.35 32.44 7.23
N LYS A 479 58.99 31.60 8.19
CA LYS A 479 59.62 31.55 9.50
C LYS A 479 60.63 30.39 9.59
N CYS A 480 60.92 29.75 8.47
CA CYS A 480 61.80 28.59 8.44
C CYS A 480 62.95 28.84 7.47
N SER A 481 64.11 28.27 7.80
CA SER A 481 65.30 28.41 6.98
C SER A 481 65.95 27.10 6.58
N THR A 482 65.68 26.00 7.27
CA THR A 482 66.23 24.70 6.93
C THR A 482 65.13 23.65 6.98
N ILE A 483 65.31 22.59 6.20
CA ILE A 483 64.33 21.52 6.09
C ILE A 483 64.98 20.21 6.51
N MET A 484 64.16 19.27 6.97
CA MET A 484 64.62 17.96 7.42
C MET A 484 64.17 16.92 6.40
N ILE A 485 65.14 16.22 5.82
CA ILE A 485 64.88 15.21 4.80
C ILE A 485 65.55 13.90 5.24
N ASN A 486 64.78 12.82 5.28
CA ASN A 486 65.28 11.50 5.63
C ASN A 486 65.96 11.51 7.00
N GLY A 487 65.41 12.29 7.93
CA GLY A 487 65.95 12.38 9.26
C GLY A 487 67.18 13.22 9.41
N GLN A 488 67.57 13.96 8.37
CA GLN A 488 68.74 14.82 8.41
C GLN A 488 68.34 16.22 7.98
N GLU A 489 68.97 17.22 8.59
CA GLU A 489 68.67 18.62 8.24
C GLU A 489 69.23 18.95 6.86
N GLN A 490 68.76 20.07 6.32
CA GLN A 490 69.15 20.50 4.99
C GLN A 490 68.80 21.97 4.80
N PRO A 491 69.71 22.78 4.26
CA PRO A 491 69.39 24.19 4.03
C PRO A 491 68.33 24.34 2.94
N LEU A 492 67.58 25.44 3.05
CA LEU A 492 66.55 25.74 2.07
C LEU A 492 67.19 26.19 0.76
N ASP A 493 66.41 26.14 -0.31
CA ASP A 493 66.85 26.52 -1.65
C ASP A 493 65.60 26.68 -2.50
N LYS A 494 65.79 26.87 -3.80
CA LYS A 494 64.66 26.90 -4.73
C LYS A 494 64.14 25.51 -5.07
N SER A 495 64.94 24.47 -4.82
CA SER A 495 64.51 23.11 -5.09
C SER A 495 63.52 22.60 -4.04
N SER A 496 63.67 23.05 -2.79
CA SER A 496 62.77 22.62 -1.72
C SER A 496 61.70 23.65 -1.39
N ALA A 497 61.85 24.90 -1.83
CA ALA A 497 60.79 25.89 -1.68
C ALA A 497 59.80 25.87 -2.84
N ASP A 498 60.09 25.09 -3.89
CA ASP A 498 59.14 24.86 -4.98
C ASP A 498 58.45 23.52 -4.90
N SER A 499 59.14 22.49 -4.37
CA SER A 499 58.45 21.25 -4.05
C SER A 499 57.38 21.48 -2.99
N PHE A 500 57.70 22.30 -1.98
CA PHE A 500 56.71 22.71 -0.99
C PHE A 500 55.57 23.46 -1.65
N HIS A 501 55.89 24.34 -2.61
CA HIS A 501 54.88 25.11 -3.34
C HIS A 501 53.89 24.18 -4.04
N THR A 502 54.42 23.24 -4.83
CA THR A 502 53.58 22.30 -5.56
C THR A 502 52.78 21.40 -4.63
N ALA A 503 53.40 20.92 -3.55
CA ALA A 503 52.69 20.06 -2.61
C ALA A 503 51.57 20.82 -1.91
N TYR A 504 51.83 22.07 -1.51
CA TYR A 504 50.81 22.90 -0.88
C TYR A 504 49.61 23.08 -1.80
N MET A 505 49.86 23.42 -3.07
CA MET A 505 48.74 23.60 -3.99
C MET A 505 48.06 22.28 -4.34
N GLU A 506 48.80 21.17 -4.42
CA GLU A 506 48.17 19.88 -4.65
C GLU A 506 47.22 19.52 -3.51
N LEU A 507 47.65 19.74 -2.27
CA LEU A 507 46.80 19.43 -1.12
C LEU A 507 45.63 20.41 -1.02
N GLY A 508 45.85 21.69 -1.32
CA GLY A 508 44.80 22.68 -1.24
C GLY A 508 43.78 22.61 -2.35
N GLY A 509 44.14 22.02 -3.49
CA GLY A 509 43.19 21.82 -4.56
C GLY A 509 42.25 20.67 -4.35
N LEU A 510 42.42 19.92 -3.27
CA LEU A 510 41.55 18.81 -2.91
C LEU A 510 40.52 19.19 -1.86
N GLY A 511 40.33 20.49 -1.63
CA GLY A 511 39.37 20.93 -0.63
C GLY A 511 39.82 20.71 0.79
N GLU A 512 41.12 20.59 1.02
CA GLU A 512 41.66 20.29 2.34
C GLU A 512 42.44 21.48 2.88
N ARG A 513 42.37 21.67 4.19
CA ARG A 513 43.13 22.74 4.85
C ARG A 513 44.48 22.19 5.27
N VAL A 514 45.54 22.86 4.85
CA VAL A 514 46.91 22.40 5.07
C VAL A 514 47.48 23.10 6.30
N LEU A 515 48.29 22.37 7.07
CA LEU A 515 49.00 22.92 8.21
C LEU A 515 50.48 22.64 8.06
N GLY A 516 51.30 23.62 8.40
CA GLY A 516 52.74 23.48 8.36
C GLY A 516 53.31 23.20 9.74
N PHE A 517 54.27 22.28 9.81
CA PHE A 517 54.86 21.85 11.06
C PHE A 517 56.37 22.05 11.01
N CYS A 518 56.94 22.53 12.12
CA CYS A 518 58.38 22.75 12.20
C CYS A 518 58.79 22.69 13.68
N HIS A 519 60.09 22.54 13.89
CA HIS A 519 60.63 22.46 15.24
C HIS A 519 62.02 23.10 15.26
N LEU A 520 62.59 23.16 16.46
CA LEU A 520 63.92 23.73 16.64
C LEU A 520 64.48 23.20 17.95
N TYR A 521 65.70 22.67 17.91
CA TYR A 521 66.37 22.23 19.13
C TYR A 521 67.26 23.35 19.65
N LEU A 522 66.99 23.79 20.88
CA LEU A 522 67.73 24.93 21.42
C LEU A 522 69.08 24.47 21.95
N PRO A 523 70.15 25.22 21.64
CA PRO A 523 71.49 24.84 22.10
C PRO A 523 71.57 24.81 23.62
N ALA A 524 72.38 23.87 24.12
CA ALA A 524 72.54 23.70 25.56
C ALA A 524 73.44 24.74 26.19
N GLU A 525 74.16 25.53 25.39
CA GLU A 525 75.06 26.55 25.94
C GLU A 525 74.34 27.88 26.15
N GLN A 526 73.71 28.40 25.12
CA GLN A 526 72.98 29.66 25.22
C GLN A 526 71.58 29.49 25.77
N PHE A 527 71.15 28.26 26.05
CA PHE A 527 69.86 27.98 26.68
C PHE A 527 70.04 26.85 27.68
N PRO A 528 70.58 27.17 28.87
CA PRO A 528 70.77 26.12 29.88
C PRO A 528 69.46 25.60 30.45
N GLN A 529 69.55 24.70 31.42
CA GLN A 529 68.38 23.98 31.90
C GLN A 529 67.33 24.88 32.54
N SER A 530 67.71 26.04 33.07
CA SER A 530 66.73 26.89 33.76
C SER A 530 66.11 27.91 32.80
N TYR A 531 66.91 28.89 32.36
CA TYR A 531 66.58 29.82 31.29
C TYR A 531 65.09 30.15 31.20
N ILE A 532 64.51 30.71 32.27
CA ILE A 532 63.07 30.97 32.29
C ILE A 532 62.68 31.77 31.05
N PHE A 533 61.71 31.25 30.30
CA PHE A 533 61.32 31.82 29.02
C PHE A 533 60.22 32.86 29.20
N ASP A 534 60.25 33.88 28.34
CA ASP A 534 59.25 34.92 28.32
C ASP A 534 58.33 34.71 27.12
N VAL A 535 57.03 34.63 27.38
CA VAL A 535 56.04 34.41 26.31
C VAL A 535 55.83 35.65 25.47
N ASP A 536 56.52 36.75 25.77
CA ASP A 536 56.41 38.00 25.02
C ASP A 536 57.21 37.99 23.73
N SER A 537 57.60 36.81 23.23
CA SER A 537 58.37 36.67 22.00
C SER A 537 59.68 37.45 22.08
N VAL A 538 60.33 37.40 23.25
CA VAL A 538 61.59 38.09 23.50
C VAL A 538 62.71 37.11 23.85
N ASN A 539 62.45 36.23 24.82
CA ASN A 539 63.51 35.38 25.35
C ASN A 539 63.92 34.30 24.35
N PHE A 540 62.92 33.65 23.70
CA PHE A 540 63.30 32.56 22.82
C PHE A 540 63.25 33.00 21.36
N PRO A 541 64.05 32.38 20.49
CA PRO A 541 64.00 32.71 19.07
C PRO A 541 62.71 32.22 18.43
N THR A 542 62.27 32.95 17.41
CA THR A 542 61.06 32.62 16.65
C THR A 542 61.33 32.71 15.15
N SER A 543 62.47 32.16 14.73
CA SER A 543 62.84 32.13 13.32
C SER A 543 63.91 31.07 13.13
N ASN A 544 64.24 30.83 11.85
CA ASN A 544 65.26 29.86 11.47
C ASN A 544 64.96 28.48 12.04
N PHE A 545 63.70 28.07 11.92
CA PHE A 545 63.26 26.78 12.42
C PHE A 545 63.65 25.69 11.42
N CYS A 546 63.23 24.46 11.69
CA CYS A 546 63.49 23.32 10.80
C CYS A 546 62.16 22.75 10.35
N PHE A 547 61.82 22.95 9.08
CA PHE A 547 60.58 22.42 8.54
C PHE A 547 60.63 20.90 8.50
N VAL A 548 59.48 20.27 8.78
CA VAL A 548 59.41 18.82 8.85
C VAL A 548 58.42 18.29 7.82
N GLY A 549 57.18 18.75 7.88
CA GLY A 549 56.20 18.25 6.95
C GLY A 549 54.95 19.10 6.90
N LEU A 550 54.05 18.70 6.01
CA LEU A 550 52.73 19.32 5.85
C LEU A 550 51.67 18.26 6.13
N LEU A 551 50.60 18.67 6.80
CA LEU A 551 49.45 17.81 7.05
C LEU A 551 48.20 18.53 6.58
N SER A 552 47.31 17.81 5.90
CA SER A 552 46.04 18.36 5.45
C SER A 552 44.89 17.54 6.04
N MET A 553 43.78 18.23 6.29
CA MET A 553 42.61 17.63 6.92
C MET A 553 41.39 17.85 6.06
N ILE A 554 40.45 16.91 6.14
CA ILE A 554 39.18 17.00 5.42
C ILE A 554 38.12 16.28 6.25
N ASP A 555 36.87 16.66 6.03
CA ASP A 555 35.73 15.90 6.53
C ASP A 555 35.47 14.78 5.52
N PRO A 556 35.85 13.55 5.83
CA PRO A 556 35.94 12.52 4.80
C PRO A 556 34.61 11.82 4.58
N PRO A 557 34.44 11.15 3.44
CA PRO A 557 33.20 10.40 3.20
C PRO A 557 33.08 9.23 4.15
N ARG A 558 31.83 8.81 4.39
CA ARG A 558 31.58 7.60 5.15
C ARG A 558 32.05 6.39 4.36
N SER A 559 32.34 5.30 5.07
CA SER A 559 32.96 4.13 4.45
C SER A 559 32.05 3.50 3.41
N THR A 560 30.75 3.44 3.69
CA THR A 560 29.80 2.76 2.81
C THR A 560 29.17 3.68 1.78
N VAL A 561 29.58 4.94 1.70
CA VAL A 561 28.93 5.91 0.83
C VAL A 561 29.39 5.77 -0.62
N PRO A 562 30.69 5.69 -0.95
CA PRO A 562 31.06 5.56 -2.36
C PRO A 562 30.49 4.32 -3.04
N ASP A 563 30.47 3.18 -2.35
CA ASP A 563 29.89 1.98 -2.93
C ASP A 563 28.39 2.10 -3.11
N ALA A 564 27.71 2.73 -2.14
CA ALA A 564 26.28 2.94 -2.28
C ALA A 564 25.96 3.86 -3.45
N VAL A 565 26.76 4.91 -3.64
CA VAL A 565 26.56 5.82 -4.76
C VAL A 565 26.79 5.09 -6.07
N SER A 566 27.84 4.26 -6.13
CA SER A 566 28.10 3.49 -7.34
C SER A 566 26.95 2.54 -7.66
N LYS A 567 26.41 1.86 -6.65
CA LYS A 567 25.31 0.94 -6.88
C LYS A 567 24.04 1.67 -7.29
N CYS A 568 23.77 2.83 -6.68
CA CYS A 568 22.61 3.62 -7.07
C CYS A 568 22.73 4.10 -8.50
N ARG A 569 23.93 4.54 -8.91
CA ARG A 569 24.13 4.96 -10.29
C ARG A 569 24.00 3.78 -11.25
N SER A 570 24.48 2.59 -10.85
CA SER A 570 24.30 1.41 -11.66
C SER A 570 22.84 0.98 -11.77
N ALA A 571 22.02 1.35 -10.79
CA ALA A 571 20.58 1.11 -10.86
C ALA A 571 19.86 2.14 -11.73
N GLY A 572 20.58 3.05 -12.37
CA GLY A 572 19.97 4.03 -13.23
C GLY A 572 19.53 5.30 -12.55
N ILE A 573 19.99 5.56 -11.33
CA ILE A 573 19.55 6.71 -10.55
C ILE A 573 20.58 7.83 -10.69
N LYS A 574 20.08 9.05 -10.90
CA LYS A 574 20.94 10.22 -10.95
C LYS A 574 21.18 10.74 -9.55
N VAL A 575 22.44 10.92 -9.19
CA VAL A 575 22.84 11.40 -7.87
C VAL A 575 23.37 12.81 -8.01
N ILE A 576 22.73 13.76 -7.33
CA ILE A 576 23.11 15.17 -7.36
C ILE A 576 23.53 15.57 -5.96
N MET A 577 24.66 16.26 -5.85
CA MET A 577 25.11 16.80 -4.58
C MET A 577 24.60 18.23 -4.43
N VAL A 578 23.81 18.48 -3.40
CA VAL A 578 23.33 19.81 -3.05
C VAL A 578 23.84 20.11 -1.65
N THR A 579 24.76 21.06 -1.53
CA THR A 579 25.40 21.34 -0.25
C THR A 579 25.50 22.84 -0.04
N GLY A 580 25.55 23.23 1.22
CA GLY A 580 25.84 24.59 1.62
C GLY A 580 27.31 24.88 1.83
N ASP A 581 28.18 23.92 1.53
CA ASP A 581 29.61 24.08 1.70
C ASP A 581 30.21 24.75 0.45
N HIS A 582 31.50 25.03 0.54
CA HIS A 582 32.20 25.73 -0.52
C HIS A 582 32.47 24.80 -1.71
N PRO A 583 32.50 25.35 -2.92
CA PRO A 583 32.61 24.49 -4.12
C PRO A 583 33.87 23.65 -4.20
N ILE A 584 34.99 24.11 -3.62
CA ILE A 584 36.24 23.37 -3.76
C ILE A 584 36.19 22.07 -2.96
N THR A 585 35.67 22.13 -1.73
CA THR A 585 35.52 20.92 -0.94
C THR A 585 34.43 20.03 -1.51
N ALA A 586 33.32 20.62 -1.98
CA ALA A 586 32.21 19.84 -2.49
C ALA A 586 32.61 19.04 -3.73
N LYS A 587 33.37 19.65 -4.64
CA LYS A 587 33.81 18.94 -5.83
C LYS A 587 34.73 17.77 -5.49
N ALA A 588 35.65 17.99 -4.54
CA ALA A 588 36.54 16.91 -4.14
C ALA A 588 35.78 15.76 -3.48
N ILE A 589 34.81 16.07 -2.64
CA ILE A 589 34.02 15.03 -2.01
C ILE A 589 33.17 14.29 -3.04
N ALA A 590 32.67 15.02 -4.04
CA ALA A 590 31.90 14.38 -5.11
C ALA A 590 32.76 13.41 -5.90
N LYS A 591 34.00 13.79 -6.19
CA LYS A 591 34.92 12.87 -6.87
C LYS A 591 35.25 11.67 -5.97
N SER A 592 35.39 11.90 -4.66
CA SER A 592 35.70 10.80 -3.76
C SER A 592 34.57 9.79 -3.68
N VAL A 593 33.32 10.26 -3.56
CA VAL A 593 32.18 9.36 -3.41
C VAL A 593 31.65 8.85 -4.73
N GLY A 594 32.25 9.23 -5.85
CA GLY A 594 31.82 8.75 -7.14
C GLY A 594 30.69 9.52 -7.79
N ILE A 595 30.28 10.65 -7.21
CA ILE A 595 29.27 11.48 -7.85
C ILE A 595 29.80 12.06 -9.16
N ILE A 596 31.08 12.47 -9.16
CA ILE A 596 31.77 12.88 -10.38
C ILE A 596 32.75 11.78 -10.73
N SER A 597 32.64 11.25 -11.94
CA SER A 597 33.52 10.18 -12.39
C SER A 597 34.92 10.71 -12.65
N ALA A 598 35.90 9.80 -12.59
CA ALA A 598 37.30 10.19 -12.73
C ALA A 598 37.59 10.78 -14.11
N ASN A 599 37.03 10.16 -15.16
CA ASN A 599 37.29 10.63 -16.52
C ASN A 599 36.61 11.97 -16.79
N ASN A 600 35.40 12.16 -16.25
CA ASN A 600 34.62 13.34 -16.55
C ASN A 600 35.25 14.60 -15.97
N GLU A 601 35.05 15.71 -16.68
CA GLU A 601 35.64 16.99 -16.32
C GLU A 601 34.58 18.07 -16.39
N THR A 602 34.78 19.13 -15.60
CA THR A 602 33.94 20.31 -15.65
C THR A 602 34.42 21.24 -16.76
N VAL A 603 33.67 22.32 -16.98
CA VAL A 603 34.03 23.26 -18.02
C VAL A 603 35.30 24.04 -17.68
N GLU A 604 35.68 24.07 -16.40
CA GLU A 604 36.93 24.72 -15.99
C GLU A 604 38.12 23.78 -16.03
N ASP A 605 37.89 22.48 -15.81
CA ASP A 605 38.98 21.52 -15.94
C ASP A 605 39.52 21.48 -17.36
N ILE A 606 38.63 21.50 -18.35
CA ILE A 606 39.07 21.56 -19.75
C ILE A 606 39.80 22.87 -20.05
N ALA A 607 39.32 23.99 -19.52
CA ALA A 607 40.00 25.26 -19.74
C ALA A 607 41.40 25.25 -19.14
N LYS A 608 41.56 24.68 -17.94
CA LYS A 608 42.88 24.60 -17.34
C LYS A 608 43.79 23.63 -18.10
N ARG A 609 43.24 22.51 -18.55
CA ARG A 609 44.02 21.53 -19.30
C ARG A 609 44.32 21.97 -20.72
N ARG A 610 43.65 23.01 -21.22
CA ARG A 610 43.90 23.53 -22.56
C ARG A 610 44.45 24.94 -22.56
N ASN A 611 44.65 25.55 -21.38
CA ASN A 611 45.25 26.87 -21.25
C ASN A 611 44.51 27.91 -22.08
N ILE A 612 43.18 27.88 -22.01
CA ILE A 612 42.33 28.82 -22.72
C ILE A 612 41.30 29.40 -21.75
N ALA A 613 40.53 30.36 -22.24
CA ALA A 613 39.46 30.93 -21.44
C ALA A 613 38.32 29.94 -21.30
N VAL A 614 37.49 30.16 -20.28
CA VAL A 614 36.34 29.28 -20.02
C VAL A 614 35.26 29.42 -21.08
N GLU A 615 35.26 30.51 -21.85
CA GLU A 615 34.31 30.68 -22.93
C GLU A 615 34.73 29.99 -24.22
N GLN A 616 36.00 29.59 -24.34
CA GLN A 616 36.44 28.89 -25.55
C GLN A 616 35.96 27.44 -25.54
N VAL A 617 35.99 26.80 -24.37
CA VAL A 617 35.59 25.40 -24.28
C VAL A 617 34.09 25.27 -24.44
N ASN A 618 33.67 24.36 -25.32
CA ASN A 618 32.26 24.09 -25.53
C ASN A 618 31.66 23.43 -24.29
N LYS A 619 30.43 23.81 -23.96
CA LYS A 619 29.79 23.30 -22.75
C LYS A 619 29.24 21.90 -22.97
N ARG A 620 29.44 21.34 -24.16
CA ARG A 620 29.01 19.98 -24.48
C ARG A 620 30.13 18.97 -24.38
N GLU A 621 31.38 19.40 -24.33
CA GLU A 621 32.50 18.51 -24.08
C GLU A 621 32.61 18.13 -22.60
N ALA A 622 32.09 18.97 -21.70
CA ALA A 622 32.12 18.70 -20.28
C ALA A 622 30.95 17.81 -19.89
N LYS A 623 31.23 16.81 -19.05
CA LYS A 623 30.22 15.89 -18.57
C LYS A 623 29.80 16.14 -17.14
N ALA A 624 30.49 17.03 -16.42
CA ALA A 624 30.16 17.36 -15.04
C ALA A 624 30.02 18.87 -14.90
N ALA A 625 29.22 19.29 -13.92
CA ALA A 625 29.00 20.70 -13.64
C ALA A 625 29.07 20.95 -12.14
N VAL A 626 29.72 22.03 -11.76
CA VAL A 626 29.72 22.52 -10.39
C VAL A 626 29.10 23.91 -10.42
N VAL A 627 27.93 24.05 -9.81
CA VAL A 627 27.17 25.29 -9.80
C VAL A 627 27.08 25.81 -8.38
N THR A 628 27.39 27.08 -8.20
CA THR A 628 27.31 27.72 -6.89
C THR A 628 25.96 28.38 -6.71
N GLY A 629 25.67 28.77 -5.46
CA GLY A 629 24.40 29.40 -5.17
C GLY A 629 24.22 30.73 -5.88
N MET A 630 25.32 31.48 -6.06
CA MET A 630 25.23 32.76 -6.76
C MET A 630 25.03 32.56 -8.26
N GLU A 631 25.60 31.48 -8.83
CA GLU A 631 25.29 31.13 -10.21
C GLU A 631 23.83 30.73 -10.34
N LEU A 632 23.31 29.98 -9.37
CA LEU A 632 21.93 29.53 -9.42
C LEU A 632 20.96 30.68 -9.18
N LYS A 633 21.39 31.71 -8.45
CA LYS A 633 20.50 32.83 -8.15
C LYS A 633 20.10 33.57 -9.43
N ASP A 634 21.04 33.73 -10.36
CA ASP A 634 20.77 34.40 -11.62
C ASP A 634 20.31 33.44 -12.71
N MET A 635 19.71 32.31 -12.35
CA MET A 635 19.30 31.29 -13.29
C MET A 635 17.78 31.30 -13.45
N THR A 636 17.33 31.38 -14.69
CA THR A 636 15.94 31.27 -15.09
C THR A 636 15.51 29.80 -15.02
N PRO A 637 14.23 29.52 -14.74
CA PRO A 637 13.80 28.11 -14.71
C PRO A 637 14.12 27.32 -15.97
N GLU A 638 14.04 27.93 -17.15
CA GLU A 638 14.49 27.23 -18.36
C GLU A 638 15.99 26.94 -18.31
N GLN A 639 16.78 27.87 -17.78
CA GLN A 639 18.22 27.61 -17.64
C GLN A 639 18.48 26.45 -16.70
N LEU A 640 17.75 26.38 -15.58
CA LEU A 640 17.91 25.26 -14.66
C LEU A 640 17.48 23.95 -15.31
N ASP A 641 16.39 23.98 -16.08
CA ASP A 641 15.95 22.77 -16.78
C ASP A 641 17.00 22.29 -17.77
N GLU A 642 17.58 23.21 -18.54
CA GLU A 642 18.63 22.84 -19.48
C GLU A 642 19.86 22.30 -18.76
N LEU A 643 20.23 22.93 -17.63
CA LEU A 643 21.38 22.46 -16.88
C LEU A 643 21.16 21.05 -16.35
N LEU A 644 19.96 20.77 -15.84
CA LEU A 644 19.66 19.44 -15.33
C LEU A 644 19.59 18.42 -16.45
N THR A 645 19.12 18.81 -17.63
CA THR A 645 19.01 17.87 -18.74
C THR A 645 20.37 17.55 -19.34
N ASN A 646 21.24 18.56 -19.47
CA ASN A 646 22.48 18.40 -20.22
C ASN A 646 23.60 17.74 -19.42
N TYR A 647 23.47 17.64 -18.10
CA TYR A 647 24.54 17.11 -17.27
C TYR A 647 24.03 15.92 -16.46
N GLN A 648 24.82 14.85 -16.42
CA GLN A 648 24.52 13.71 -15.58
C GLN A 648 25.11 13.84 -14.19
N GLU A 649 26.23 14.56 -14.05
CA GLU A 649 26.87 14.80 -12.76
C GLU A 649 26.84 16.30 -12.49
N ILE A 650 26.10 16.71 -11.46
CA ILE A 650 26.00 18.10 -11.06
C ILE A 650 26.28 18.20 -9.57
N VAL A 651 27.06 19.21 -9.19
CA VAL A 651 27.31 19.55 -7.80
C VAL A 651 26.77 20.95 -7.57
N PHE A 652 25.87 21.09 -6.61
CA PHE A 652 25.37 22.39 -6.18
C PHE A 652 26.01 22.73 -4.85
N ALA A 653 26.74 23.85 -4.80
CA ALA A 653 27.51 24.22 -3.63
C ALA A 653 27.12 25.61 -3.17
N ARG A 654 27.25 25.84 -1.86
CA ARG A 654 26.97 27.13 -1.24
C ARG A 654 25.52 27.57 -1.52
N THR A 655 24.58 26.68 -1.22
CA THR A 655 23.16 26.93 -1.47
C THR A 655 22.43 27.13 -0.16
N SER A 656 21.42 28.00 -0.19
CA SER A 656 20.52 28.20 0.94
C SER A 656 19.42 27.15 0.91
N PRO A 657 18.66 27.02 2.02
CA PRO A 657 17.51 26.08 1.99
C PRO A 657 16.52 26.37 0.89
N GLN A 658 16.29 27.66 0.61
CA GLN A 658 15.41 28.03 -0.50
C GLN A 658 15.96 27.51 -1.83
N GLN A 659 17.28 27.61 -2.02
CA GLN A 659 17.89 27.10 -3.24
C GLN A 659 17.83 25.58 -3.32
N LYS A 660 17.96 24.90 -2.19
CA LYS A 660 17.80 23.44 -2.18
C LYS A 660 16.39 23.05 -2.61
N LEU A 661 15.38 23.74 -2.07
CA LEU A 661 14.01 23.47 -2.48
C LEU A 661 13.79 23.79 -3.95
N ILE A 662 14.44 24.86 -4.44
CA ILE A 662 14.34 25.23 -5.85
C ILE A 662 14.93 24.12 -6.73
N ILE A 663 16.07 23.57 -6.33
CA ILE A 663 16.69 22.49 -7.09
C ILE A 663 15.80 21.25 -7.08
N VAL A 664 15.22 20.91 -5.93
CA VAL A 664 14.33 19.75 -5.86
C VAL A 664 13.12 19.95 -6.76
N GLU A 665 12.53 21.15 -6.75
CA GLU A 665 11.40 21.43 -7.60
C GLU A 665 11.77 21.39 -9.08
N GLY A 666 12.96 21.88 -9.43
CA GLY A 666 13.41 21.79 -10.81
C GLY A 666 13.62 20.37 -11.27
N CYS A 667 14.15 19.52 -10.38
CA CYS A 667 14.26 18.10 -10.70
C CYS A 667 12.90 17.45 -10.86
N GLN A 668 11.94 17.84 -10.02
CA GLN A 668 10.59 17.28 -10.13
C GLN A 668 9.87 17.74 -11.39
N ARG A 669 10.20 18.93 -11.89
CA ARG A 669 9.58 19.45 -13.10
C ARG A 669 9.94 18.63 -14.34
N GLN A 670 10.94 17.76 -14.26
CA GLN A 670 11.34 16.90 -15.36
C GLN A 670 10.65 15.55 -15.32
N ASP A 671 9.47 15.47 -14.71
CA ASP A 671 8.70 14.23 -14.59
C ASP A 671 9.52 13.14 -13.91
N ALA A 672 10.06 13.46 -12.74
CA ALA A 672 10.94 12.56 -12.02
C ALA A 672 10.50 12.45 -10.56
N ILE A 673 10.71 11.27 -10.00
CA ILE A 673 10.53 11.05 -8.56
C ILE A 673 11.86 11.27 -7.88
N VAL A 674 11.89 12.18 -6.92
CA VAL A 674 13.13 12.70 -6.34
C VAL A 674 13.22 12.26 -4.89
N ALA A 675 14.36 11.69 -4.53
CA ALA A 675 14.70 11.38 -3.15
C ALA A 675 15.70 12.42 -2.64
N VAL A 676 15.52 12.85 -1.40
CA VAL A 676 16.41 13.82 -0.77
C VAL A 676 16.94 13.19 0.51
N THR A 677 18.26 13.22 0.67
CA THR A 677 18.92 12.76 1.89
C THR A 677 19.59 13.94 2.57
N GLY A 678 19.29 14.14 3.85
CA GLY A 678 19.84 15.25 4.59
C GLY A 678 19.80 14.97 6.07
N ASP A 679 20.50 15.83 6.83
CA ASP A 679 20.60 15.63 8.26
C ASP A 679 20.55 16.93 9.06
N GLY A 680 20.19 18.06 8.42
CA GLY A 680 20.27 19.35 9.09
C GLY A 680 18.95 20.11 9.00
N VAL A 681 18.92 21.23 9.72
CA VAL A 681 17.74 22.10 9.70
C VAL A 681 17.55 22.69 8.31
N ASN A 682 18.64 23.04 7.63
CA ASN A 682 18.57 23.65 6.32
C ASN A 682 18.08 22.68 5.24
N ASP A 683 18.00 21.38 5.53
CA ASP A 683 17.51 20.40 4.58
C ASP A 683 16.02 20.13 4.73
N SER A 684 15.39 20.66 5.77
CA SER A 684 13.98 20.33 6.03
C SER A 684 13.02 20.77 4.94
N PRO A 685 13.10 21.97 4.34
CA PRO A 685 12.21 22.28 3.22
C PRO A 685 12.36 21.33 2.05
N ALA A 686 13.59 20.92 1.72
CA ALA A 686 13.78 19.99 0.61
C ALA A 686 13.37 18.58 0.99
N LEU A 687 13.59 18.19 2.25
CA LEU A 687 13.14 16.89 2.72
C LEU A 687 11.61 16.80 2.67
N LYS A 688 10.94 17.92 2.95
CA LYS A 688 9.48 17.94 2.89
C LYS A 688 8.98 17.95 1.46
N LYS A 689 9.63 18.73 0.58
CA LYS A 689 9.17 18.85 -0.79
C LYS A 689 9.40 17.57 -1.59
N ALA A 690 10.43 16.80 -1.24
CA ALA A 690 10.79 15.62 -2.01
C ALA A 690 9.70 14.55 -1.93
N ASP A 691 9.69 13.67 -2.94
CA ASP A 691 8.75 12.56 -2.93
C ASP A 691 9.01 11.63 -1.76
N ILE A 692 10.28 11.36 -1.46
CA ILE A 692 10.67 10.66 -0.25
C ILE A 692 11.84 11.41 0.37
N GLY A 693 11.75 11.67 1.67
CA GLY A 693 12.81 12.31 2.43
C GLY A 693 13.44 11.32 3.41
N ILE A 694 14.76 11.20 3.34
CA ILE A 694 15.51 10.28 4.17
C ILE A 694 16.46 11.08 5.04
N ALA A 695 16.40 10.87 6.36
CA ALA A 695 17.26 11.56 7.31
C ALA A 695 18.19 10.57 7.98
N MET A 696 19.26 11.11 8.56
CA MET A 696 20.22 10.30 9.32
C MET A 696 19.82 10.27 10.77
N GLY A 697 20.04 9.12 11.41
CA GLY A 697 19.64 8.93 12.79
C GLY A 697 20.59 9.57 13.79
N ILE A 698 21.83 9.09 13.82
CA ILE A 698 22.79 9.60 14.80
C ILE A 698 23.22 11.02 14.47
N ALA A 699 23.51 11.28 13.19
CA ALA A 699 24.00 12.59 12.77
C ALA A 699 22.91 13.60 12.49
N GLY A 700 21.66 13.16 12.34
CA GLY A 700 20.61 14.06 11.93
C GLY A 700 20.08 14.91 13.08
N SER A 701 19.55 16.07 12.72
CA SER A 701 18.87 16.95 13.64
C SER A 701 17.40 16.54 13.76
N ASP A 702 16.75 17.07 14.80
CA ASP A 702 15.34 16.74 15.00
C ASP A 702 14.47 17.33 13.90
N ALA A 703 14.82 18.51 13.40
CA ALA A 703 14.05 19.12 12.32
C ALA A 703 14.12 18.27 11.06
N ALA A 704 15.30 17.74 10.73
CA ALA A 704 15.43 16.88 9.56
C ALA A 704 14.66 15.58 9.75
N LYS A 705 14.71 15.01 10.96
CA LYS A 705 14.04 13.73 11.20
C LYS A 705 12.53 13.87 11.24
N ASN A 706 12.02 15.04 11.61
CA ASN A 706 10.57 15.26 11.59
C ASN A 706 10.05 15.45 10.18
N ALA A 707 10.85 16.04 9.29
CA ALA A 707 10.44 16.32 7.93
C ALA A 707 10.66 15.13 6.99
N ALA A 708 11.24 14.04 7.48
CA ALA A 708 11.59 12.91 6.66
C ALA A 708 10.55 11.80 6.76
N ASP A 709 10.36 11.09 5.65
CA ASP A 709 9.53 9.88 5.65
C ASP A 709 10.30 8.67 6.16
N MET A 710 11.63 8.70 6.06
CA MET A 710 12.48 7.58 6.43
C MET A 710 13.66 8.09 7.24
N VAL A 711 14.09 7.32 8.23
CA VAL A 711 15.23 7.66 9.06
C VAL A 711 16.20 6.49 9.07
N LEU A 712 17.46 6.77 8.74
CA LEU A 712 18.52 5.76 8.80
C LEU A 712 19.09 5.77 10.21
N LEU A 713 18.69 4.77 11.00
CA LEU A 713 19.02 4.77 12.43
C LEU A 713 20.49 4.53 12.70
N ASP A 714 21.22 3.95 11.74
CA ASP A 714 22.64 3.68 11.91
C ASP A 714 23.52 4.53 10.99
N ASP A 715 22.92 5.49 10.27
CA ASP A 715 23.65 6.33 9.32
C ASP A 715 24.38 5.49 8.27
N ASN A 716 23.70 4.48 7.75
CA ASN A 716 24.25 3.59 6.74
C ASN A 716 23.64 3.95 5.39
N PHE A 717 24.47 4.49 4.49
CA PHE A 717 24.00 4.86 3.16
C PHE A 717 23.66 3.65 2.31
N ALA A 718 24.17 2.46 2.66
CA ALA A 718 23.83 1.26 1.92
C ALA A 718 22.38 0.85 2.11
N SER A 719 21.69 1.41 3.11
CA SER A 719 20.26 1.16 3.27
C SER A 719 19.45 1.75 2.12
N ILE A 720 19.99 2.75 1.42
CA ILE A 720 19.29 3.34 0.28
C ILE A 720 19.16 2.31 -0.85
N VAL A 721 20.23 1.56 -1.13
CA VAL A 721 20.18 0.56 -2.18
C VAL A 721 19.19 -0.55 -1.83
N THR A 722 19.22 -1.00 -0.57
CA THR A 722 18.28 -2.02 -0.12
C THR A 722 16.85 -1.52 -0.22
N GLY A 723 16.60 -0.25 0.15
CA GLY A 723 15.28 0.32 -0.02
C GLY A 723 14.83 0.44 -1.45
N VAL A 724 15.73 0.81 -2.36
CA VAL A 724 15.39 0.84 -3.78
C VAL A 724 14.99 -0.54 -4.27
N GLU A 725 15.77 -1.56 -3.90
CA GLU A 725 15.44 -2.91 -4.32
C GLU A 725 14.12 -3.39 -3.73
N GLU A 726 13.88 -3.11 -2.45
CA GLU A 726 12.61 -3.48 -1.84
C GLU A 726 11.43 -2.80 -2.50
N GLY A 727 11.55 -1.51 -2.82
CA GLY A 727 10.47 -0.81 -3.48
C GLY A 727 10.21 -1.34 -4.87
N ARG A 728 11.29 -1.69 -5.58
CA ARG A 728 11.14 -2.27 -6.91
C ARG A 728 10.47 -3.63 -6.86
N LEU A 729 10.72 -4.40 -5.78
CA LEU A 729 10.02 -5.67 -5.61
C LEU A 729 8.56 -5.47 -5.21
N ILE A 730 8.27 -4.47 -4.38
CA ILE A 730 6.90 -4.16 -4.00
C ILE A 730 6.08 -3.80 -5.23
N PHE A 731 6.65 -2.95 -6.11
CA PHE A 731 5.90 -2.54 -7.29
C PHE A 731 5.60 -3.71 -8.21
N ASP A 732 6.50 -4.70 -8.27
CA ASP A 732 6.30 -5.86 -9.12
C ASP A 732 5.32 -6.85 -8.52
N ASN A 733 5.31 -7.00 -7.20
CA ASN A 733 4.39 -7.91 -6.52
C ASN A 733 2.99 -7.35 -6.38
N LEU A 734 2.84 -6.02 -6.31
CA LEU A 734 1.52 -5.41 -6.28
C LEU A 734 0.76 -5.61 -7.57
N LYS A 735 1.45 -5.64 -8.72
CA LYS A 735 0.80 -5.98 -9.98
C LYS A 735 0.21 -7.37 -9.90
N LYS A 736 0.96 -8.34 -9.38
CA LYS A 736 0.48 -9.70 -9.25
C LYS A 736 -0.71 -9.79 -8.33
N THR A 737 -0.67 -9.11 -7.18
CA THR A 737 -1.79 -9.08 -6.26
C THR A 737 -3.04 -8.46 -6.87
N ILE A 738 -2.89 -7.33 -7.57
CA ILE A 738 -4.03 -6.67 -8.18
C ILE A 738 -4.64 -7.54 -9.28
N ALA A 739 -3.80 -8.16 -10.11
CA ALA A 739 -4.31 -9.06 -11.14
C ALA A 739 -5.05 -10.25 -10.54
N TYR A 740 -4.49 -10.83 -9.48
CA TYR A 740 -5.13 -11.95 -8.80
C TYR A 740 -6.49 -11.56 -8.25
N THR A 741 -6.59 -10.39 -7.61
CA THR A 741 -7.87 -9.97 -7.07
C THR A 741 -8.87 -9.52 -8.13
N LEU A 742 -8.39 -9.05 -9.28
CA LEU A 742 -9.27 -8.62 -10.36
C LEU A 742 -9.78 -9.79 -11.19
N THR A 743 -9.07 -10.91 -11.20
CA THR A 743 -9.51 -12.07 -11.99
C THR A 743 -10.88 -12.58 -11.53
N LYS A 744 -11.05 -12.73 -10.22
CA LYS A 744 -12.28 -13.27 -9.60
C LYS A 744 -13.49 -12.37 -9.80
N ASN A 745 -13.32 -11.09 -10.12
CA ASN A 745 -14.45 -10.18 -10.27
C ASN A 745 -15.34 -10.59 -11.43
N ILE A 746 -14.75 -10.94 -12.57
CA ILE A 746 -15.55 -11.37 -13.72
C ILE A 746 -16.22 -12.71 -13.46
N ALA A 747 -15.54 -13.62 -12.76
CA ALA A 747 -16.16 -14.90 -12.41
C ALA A 747 -17.34 -14.71 -11.48
N GLU A 748 -17.31 -13.69 -10.64
CA GLU A 748 -18.45 -13.34 -9.80
C GLU A 748 -19.53 -12.59 -10.56
N LEU A 749 -19.18 -11.84 -11.61
CA LEU A 749 -20.12 -10.99 -12.33
C LEU A 749 -20.89 -11.73 -13.42
N CYS A 750 -20.25 -12.64 -14.14
CA CYS A 750 -20.92 -13.34 -15.24
C CYS A 750 -22.18 -14.10 -14.80
N PRO A 751 -22.21 -14.80 -13.66
CA PRO A 751 -23.46 -15.48 -13.26
C PRO A 751 -24.66 -14.55 -13.17
N PHE A 752 -24.47 -13.32 -12.68
CA PHE A 752 -25.61 -12.40 -12.56
C PHE A 752 -26.09 -11.94 -13.93
N LEU A 753 -25.16 -11.71 -14.86
CA LEU A 753 -25.55 -11.35 -16.22
C LEU A 753 -26.34 -12.48 -16.88
N ILE A 754 -25.88 -13.73 -16.72
CA ILE A 754 -26.60 -14.86 -17.29
C ILE A 754 -27.95 -15.03 -16.60
N TYR A 755 -27.99 -14.78 -15.30
CA TYR A 755 -29.23 -14.87 -14.52
C TYR A 755 -30.26 -13.86 -15.02
N ILE A 756 -29.81 -12.66 -15.39
CA ILE A 756 -30.75 -11.63 -15.83
C ILE A 756 -31.17 -11.83 -17.27
N VAL A 757 -30.21 -12.10 -18.17
CA VAL A 757 -30.56 -12.11 -19.59
C VAL A 757 -31.11 -13.46 -20.05
N ALA A 758 -30.73 -14.55 -19.38
CA ALA A 758 -31.16 -15.88 -19.80
C ALA A 758 -32.21 -16.50 -18.90
N GLY A 759 -32.52 -15.89 -17.76
CA GLY A 759 -33.55 -16.43 -16.88
C GLY A 759 -33.18 -17.71 -16.19
N LEU A 760 -31.90 -17.96 -15.99
CA LEU A 760 -31.47 -19.13 -15.23
C LEU A 760 -31.72 -18.91 -13.74
N PRO A 761 -31.98 -19.98 -12.99
CA PRO A 761 -31.96 -19.86 -11.53
C PRO A 761 -30.59 -19.37 -11.07
N LEU A 762 -30.59 -18.47 -10.08
CA LEU A 762 -29.42 -17.71 -9.66
C LEU A 762 -28.21 -18.60 -9.42
N PRO A 763 -27.19 -18.53 -10.28
CA PRO A 763 -26.02 -19.40 -10.10
C PRO A 763 -25.26 -19.17 -8.81
N ILE A 764 -25.22 -17.94 -8.31
CA ILE A 764 -24.52 -17.64 -7.07
C ILE A 764 -25.12 -16.38 -6.48
N GLY A 765 -25.14 -16.31 -5.15
CA GLY A 765 -25.72 -15.17 -4.47
C GLY A 765 -24.74 -14.02 -4.26
N THR A 766 -25.30 -12.88 -3.85
CA THR A 766 -24.47 -11.70 -3.58
C THR A 766 -23.71 -11.84 -2.27
N ILE A 767 -24.33 -12.48 -1.27
CA ILE A 767 -23.62 -12.75 -0.01
C ILE A 767 -22.50 -13.74 -0.24
N THR A 768 -22.72 -14.72 -1.12
CA THR A 768 -21.74 -15.78 -1.34
C THR A 768 -20.42 -15.23 -1.87
N ILE A 769 -20.49 -14.29 -2.83
CA ILE A 769 -19.27 -13.77 -3.43
C ILE A 769 -18.49 -12.89 -2.46
N LEU A 770 -19.16 -12.32 -1.46
CA LEU A 770 -18.44 -11.58 -0.43
C LEU A 770 -17.51 -12.48 0.36
N PHE A 771 -17.84 -13.76 0.49
CA PHE A 771 -16.94 -14.69 1.16
C PHE A 771 -15.69 -14.95 0.34
N ILE A 772 -15.83 -15.05 -0.99
CA ILE A 772 -14.66 -15.10 -1.85
C ILE A 772 -13.81 -13.85 -1.68
N ASP A 773 -14.47 -12.70 -1.65
CA ASP A 773 -13.77 -11.43 -1.53
C ASP A 773 -12.97 -11.36 -0.22
N LEU A 774 -13.67 -11.41 0.92
CA LEU A 774 -13.08 -11.06 2.20
C LEU A 774 -12.59 -12.26 3.01
N GLY A 775 -12.85 -13.49 2.59
CA GLY A 775 -12.48 -14.63 3.41
C GLY A 775 -11.61 -15.66 2.73
N THR A 776 -11.68 -15.75 1.41
CA THR A 776 -11.04 -16.86 0.70
C THR A 776 -9.67 -16.49 0.13
N ASP A 777 -9.52 -15.28 -0.43
CA ASP A 777 -8.27 -14.92 -1.09
C ASP A 777 -7.53 -13.79 -0.40
N ILE A 778 -7.88 -13.47 0.84
CA ILE A 778 -7.12 -12.48 1.60
C ILE A 778 -5.70 -12.97 1.84
N ILE A 779 -5.58 -14.20 2.37
CA ILE A 779 -4.25 -14.76 2.61
C ILE A 779 -3.49 -15.03 1.32
N PRO A 780 -4.09 -15.56 0.25
CA PRO A 780 -3.36 -15.62 -1.03
C PRO A 780 -2.91 -14.26 -1.54
N SER A 781 -3.74 -13.22 -1.39
CA SER A 781 -3.34 -11.89 -1.81
C SER A 781 -2.13 -11.41 -1.02
N ILE A 782 -2.11 -11.67 0.29
CA ILE A 782 -0.94 -11.33 1.08
C ILE A 782 0.26 -12.19 0.67
N ALA A 783 0.01 -13.45 0.32
CA ALA A 783 1.08 -14.36 -0.05
C ALA A 783 1.78 -13.95 -1.34
N LEU A 784 1.07 -13.29 -2.25
CA LEU A 784 1.71 -12.83 -3.47
C LEU A 784 2.73 -11.71 -3.22
N ALA A 785 2.75 -11.13 -2.01
CA ALA A 785 3.71 -10.07 -1.69
C ALA A 785 5.07 -10.60 -1.26
N TYR A 786 5.21 -11.92 -1.07
CA TYR A 786 6.45 -12.53 -0.65
C TYR A 786 7.24 -13.12 -1.82
N GLU A 787 6.82 -12.85 -3.04
CA GLU A 787 7.51 -13.38 -4.20
C GLU A 787 8.88 -12.76 -4.36
N LYS A 788 9.80 -13.52 -4.95
CA LYS A 788 11.15 -13.06 -5.21
C LYS A 788 11.24 -12.46 -6.61
N ALA A 789 12.41 -11.91 -6.93
CA ALA A 789 12.61 -11.30 -8.24
C ALA A 789 12.75 -12.38 -9.31
N GLU A 790 12.24 -12.08 -10.50
CA GLU A 790 12.36 -13.00 -11.62
C GLU A 790 13.65 -12.78 -12.40
N SER A 791 14.07 -11.52 -12.53
CA SER A 791 15.36 -11.20 -13.13
C SER A 791 16.16 -10.31 -12.19
N ASP A 792 17.28 -9.78 -12.66
CA ASP A 792 18.09 -8.86 -11.86
C ASP A 792 17.34 -7.55 -11.72
N ILE A 793 16.73 -7.34 -10.55
CA ILE A 793 15.88 -6.18 -10.35
C ILE A 793 16.68 -4.88 -10.27
N MET A 794 17.94 -4.95 -9.85
CA MET A 794 18.77 -3.77 -9.72
C MET A 794 19.48 -3.39 -11.00
N ASN A 795 19.36 -4.20 -12.05
CA ASN A 795 19.99 -3.92 -13.33
C ASN A 795 19.08 -3.18 -14.30
N ARG A 796 17.86 -2.86 -13.89
CA ARG A 796 16.96 -2.11 -14.75
C ARG A 796 17.18 -0.61 -14.56
N LYS A 797 16.34 0.17 -15.20
CA LYS A 797 16.26 1.60 -15.06
C LYS A 797 15.01 1.96 -14.26
N PRO A 798 14.98 3.13 -13.63
CA PRO A 798 13.76 3.55 -12.93
C PRO A 798 12.58 3.62 -13.88
N ARG A 799 11.41 3.21 -13.38
CA ARG A 799 10.19 3.27 -14.18
C ARG A 799 9.80 4.72 -14.42
N HIS A 800 9.19 4.97 -15.58
CA HIS A 800 8.68 6.30 -15.89
C HIS A 800 7.39 6.53 -15.13
N LYS A 801 7.31 7.66 -14.41
CA LYS A 801 6.14 7.93 -13.58
C LYS A 801 4.89 8.14 -14.40
N LYS A 802 5.01 8.73 -15.60
CA LYS A 802 3.87 8.99 -16.45
C LYS A 802 3.61 7.91 -17.48
N LYS A 803 4.53 6.96 -17.65
CA LYS A 803 4.40 5.94 -18.68
C LYS A 803 4.36 4.51 -18.15
N ASP A 804 4.84 4.26 -16.94
CA ASP A 804 4.81 2.92 -16.34
C ASP A 804 3.83 2.95 -15.17
N ARG A 805 2.56 2.68 -15.46
CA ARG A 805 1.55 2.64 -14.44
C ARG A 805 1.57 1.29 -13.72
N LEU A 806 1.08 1.30 -12.48
CA LEU A 806 0.94 0.05 -11.73
C LEU A 806 -0.08 -0.87 -12.39
N VAL A 807 -1.22 -0.31 -12.78
CA VAL A 807 -2.26 -1.05 -13.49
C VAL A 807 -2.41 -0.42 -14.86
N ASN A 808 -2.05 -1.16 -15.89
CA ASN A 808 -2.16 -0.71 -17.27
C ASN A 808 -3.31 -1.45 -17.95
N THR A 809 -3.46 -1.20 -19.25
CA THR A 809 -4.51 -1.85 -20.02
C THR A 809 -4.26 -3.35 -20.13
N GLN A 810 -3.00 -3.75 -20.25
CA GLN A 810 -2.67 -5.17 -20.40
C GLN A 810 -3.08 -5.97 -19.17
N LEU A 811 -2.79 -5.46 -17.98
CA LEU A 811 -3.13 -6.18 -16.75
C LEU A 811 -4.64 -6.34 -16.63
N ALA A 812 -5.39 -5.27 -16.83
CA ALA A 812 -6.84 -5.33 -16.71
C ALA A 812 -7.44 -6.26 -17.76
N ILE A 813 -6.93 -6.20 -18.99
CA ILE A 813 -7.45 -7.05 -20.07
C ILE A 813 -7.17 -8.51 -19.76
N TYR A 814 -5.96 -8.83 -19.31
CA TYR A 814 -5.65 -10.23 -19.00
C TYR A 814 -6.45 -10.74 -17.80
N SER A 815 -6.73 -9.87 -16.82
CA SER A 815 -7.51 -10.31 -15.67
C SER A 815 -8.99 -10.46 -15.99
N TYR A 816 -9.53 -9.60 -16.86
CA TYR A 816 -10.97 -9.59 -17.12
C TYR A 816 -11.36 -10.50 -18.28
N LEU A 817 -10.74 -10.31 -19.44
CA LEU A 817 -11.18 -10.95 -20.68
C LEU A 817 -10.49 -12.27 -20.96
N HIS A 818 -9.53 -12.69 -20.13
CA HIS A 818 -8.78 -13.92 -20.37
C HIS A 818 -9.02 -14.97 -19.31
N ILE A 819 -8.75 -14.66 -18.03
CA ILE A 819 -8.77 -15.67 -16.99
C ILE A 819 -10.11 -15.64 -16.26
N GLY A 820 -10.70 -14.44 -16.15
CA GLY A 820 -12.01 -14.35 -15.52
C GLY A 820 -13.10 -15.06 -16.28
N LEU A 821 -13.07 -14.97 -17.62
CA LEU A 821 -14.04 -15.69 -18.44
C LEU A 821 -13.83 -17.20 -18.31
N MET A 822 -12.57 -17.64 -18.27
CA MET A 822 -12.29 -19.05 -18.05
C MET A 822 -12.84 -19.54 -16.72
N GLN A 823 -12.65 -18.74 -15.66
CA GLN A 823 -13.17 -19.11 -14.35
C GLN A 823 -14.69 -19.15 -14.35
N ALA A 824 -15.33 -18.21 -15.05
CA ALA A 824 -16.79 -18.21 -15.13
C ALA A 824 -17.30 -19.46 -15.84
N LEU A 825 -16.64 -19.86 -16.93
CA LEU A 825 -17.04 -21.09 -17.63
C LEU A 825 -16.83 -22.31 -16.75
N GLY A 826 -15.71 -22.36 -16.03
CA GLY A 826 -15.47 -23.47 -15.12
C GLY A 826 -16.51 -23.59 -14.02
N GLY A 827 -16.94 -22.45 -13.47
CA GLY A 827 -18.02 -22.47 -12.50
C GLY A 827 -19.37 -22.85 -13.07
N PHE A 828 -19.68 -22.39 -14.29
CA PHE A 828 -20.94 -22.75 -14.91
C PHE A 828 -21.01 -24.24 -15.23
N LEU A 829 -19.87 -24.86 -15.51
CA LEU A 829 -19.87 -26.31 -15.71
C LEU A 829 -20.36 -27.03 -14.44
N VAL A 830 -19.86 -26.63 -13.28
CA VAL A 830 -20.28 -27.26 -12.04
C VAL A 830 -21.73 -26.92 -11.74
N TYR A 831 -22.17 -25.70 -12.05
CA TYR A 831 -23.57 -25.33 -11.89
C TYR A 831 -24.48 -26.28 -12.66
N PHE A 832 -24.17 -26.50 -13.94
CA PHE A 832 -25.00 -27.37 -14.77
C PHE A 832 -24.90 -28.82 -14.30
N THR A 833 -23.73 -29.24 -13.83
CA THR A 833 -23.60 -30.60 -13.29
C THR A 833 -24.48 -30.79 -12.07
N VAL A 834 -24.48 -29.82 -11.16
CA VAL A 834 -25.28 -29.93 -9.94
C VAL A 834 -26.76 -29.98 -10.29
N TYR A 835 -27.20 -29.13 -11.22
CA TYR A 835 -28.62 -29.10 -11.55
C TYR A 835 -29.06 -30.35 -12.31
N ALA A 836 -28.24 -30.82 -13.25
CA ALA A 836 -28.66 -31.92 -14.11
C ALA A 836 -28.74 -33.25 -13.37
N GLN A 837 -27.91 -33.44 -12.35
CA GLN A 837 -27.91 -34.69 -11.60
C GLN A 837 -29.10 -34.83 -10.67
N GLN A 838 -29.89 -33.77 -10.47
CA GLN A 838 -31.10 -33.85 -9.67
C GLN A 838 -32.37 -33.89 -10.51
N GLY A 839 -32.31 -33.51 -11.77
CA GLY A 839 -33.47 -33.63 -12.64
C GLY A 839 -33.72 -32.49 -13.60
N PHE A 840 -32.91 -31.45 -13.54
CA PHE A 840 -33.09 -30.26 -14.38
C PHE A 840 -31.97 -30.19 -15.40
N TRP A 841 -32.26 -30.60 -16.62
CA TRP A 841 -31.29 -30.54 -17.70
C TRP A 841 -31.01 -29.10 -18.10
N PRO A 842 -29.83 -28.82 -18.65
CA PRO A 842 -29.45 -27.42 -18.93
C PRO A 842 -30.41 -26.67 -19.84
N THR A 843 -31.08 -27.33 -20.77
CA THR A 843 -32.04 -26.61 -21.61
C THR A 843 -33.30 -26.23 -20.85
N SER A 844 -33.70 -27.04 -19.87
CA SER A 844 -34.92 -26.76 -19.13
C SER A 844 -34.78 -25.60 -18.17
N LEU A 845 -33.56 -25.13 -17.91
CA LEU A 845 -33.34 -24.04 -16.96
C LEU A 845 -33.51 -22.67 -17.59
N ILE A 846 -33.65 -22.58 -18.90
CA ILE A 846 -33.74 -21.30 -19.59
C ILE A 846 -35.14 -20.73 -19.42
N ASN A 847 -35.21 -19.47 -18.97
CA ASN A 847 -36.46 -18.78 -18.66
C ASN A 847 -37.26 -19.49 -17.57
N LEU A 848 -36.60 -20.27 -16.72
CA LEU A 848 -37.25 -20.96 -15.63
C LEU A 848 -37.28 -20.14 -14.34
N ARG A 849 -36.63 -18.98 -14.33
CA ARG A 849 -36.42 -18.25 -13.08
C ARG A 849 -37.72 -17.74 -12.48
N VAL A 850 -38.65 -17.28 -13.32
CA VAL A 850 -39.88 -16.69 -12.79
C VAL A 850 -40.71 -17.74 -12.06
N ALA A 851 -40.88 -18.92 -12.66
CA ALA A 851 -41.63 -19.98 -12.01
C ALA A 851 -40.81 -20.64 -10.91
N TRP A 852 -39.49 -20.61 -11.02
CA TRP A 852 -38.63 -21.20 -9.99
C TRP A 852 -38.80 -20.48 -8.65
N GLU A 853 -38.90 -19.15 -8.69
CA GLU A 853 -38.94 -18.33 -7.49
C GLU A 853 -40.34 -18.03 -6.99
N THR A 854 -41.37 -18.61 -7.61
CA THR A 854 -42.74 -18.42 -7.16
C THR A 854 -42.99 -19.28 -5.92
N ASP A 855 -43.30 -18.64 -4.80
CA ASP A 855 -43.54 -19.37 -3.56
C ASP A 855 -44.84 -20.16 -3.60
N ASP A 856 -45.78 -19.79 -4.46
CA ASP A 856 -47.07 -20.45 -4.54
C ASP A 856 -47.06 -21.70 -5.42
N ILE A 857 -46.00 -21.92 -6.18
CA ILE A 857 -45.88 -23.10 -7.03
C ILE A 857 -45.05 -24.14 -6.28
N ASN A 858 -45.68 -25.27 -5.98
CA ASN A 858 -45.03 -26.33 -5.21
C ASN A 858 -45.05 -27.65 -5.96
N ASP A 859 -45.29 -27.62 -7.26
CA ASP A 859 -45.28 -28.82 -8.09
C ASP A 859 -44.58 -28.56 -9.43
N LEU A 860 -43.57 -27.70 -9.44
CA LEU A 860 -42.80 -27.45 -10.66
C LEU A 860 -42.19 -28.74 -11.17
N GLU A 861 -42.32 -28.98 -12.46
CA GLU A 861 -41.98 -30.26 -13.08
C GLU A 861 -40.61 -30.18 -13.74
N ASP A 862 -39.76 -31.16 -13.47
CA ASP A 862 -38.40 -31.17 -13.98
C ASP A 862 -38.34 -31.94 -15.31
N SER A 863 -37.13 -32.25 -15.76
CA SER A 863 -36.93 -32.93 -17.04
C SER A 863 -37.38 -34.38 -17.03
N TYR A 864 -37.72 -34.93 -15.87
CA TYR A 864 -38.21 -36.30 -15.77
C TYR A 864 -39.68 -36.39 -15.44
N GLY A 865 -40.35 -35.27 -15.20
CA GLY A 865 -41.74 -35.26 -14.81
C GLY A 865 -41.98 -35.20 -13.32
N GLN A 866 -40.94 -35.20 -12.50
CA GLN A 866 -41.10 -35.09 -11.06
C GLN A 866 -41.49 -33.66 -10.69
N GLU A 867 -42.23 -33.55 -9.58
CA GLU A 867 -42.77 -32.26 -9.13
C GLU A 867 -42.02 -31.80 -7.89
N TRP A 868 -41.62 -30.53 -7.89
CA TRP A 868 -40.73 -29.97 -6.87
C TRP A 868 -41.46 -28.90 -6.08
N THR A 869 -41.32 -28.94 -4.76
CA THR A 869 -41.82 -27.86 -3.92
C THR A 869 -40.85 -26.68 -3.96
N ARG A 870 -41.33 -25.53 -3.47
CA ARG A 870 -40.54 -24.32 -3.51
C ARG A 870 -39.27 -24.45 -2.66
N TYR A 871 -39.37 -25.06 -1.49
CA TYR A 871 -38.21 -25.15 -0.60
C TYR A 871 -37.14 -26.07 -1.16
N GLN A 872 -37.54 -27.15 -1.84
CA GLN A 872 -36.54 -28.02 -2.45
C GLN A 872 -35.83 -27.32 -3.60
N ARG A 873 -36.57 -26.49 -4.35
CA ARG A 873 -35.93 -25.67 -5.37
C ARG A 873 -34.97 -24.66 -4.74
N LYS A 874 -35.34 -24.09 -3.60
CA LYS A 874 -34.44 -23.20 -2.87
C LYS A 874 -33.17 -23.93 -2.45
N TYR A 875 -33.32 -25.15 -1.94
CA TYR A 875 -32.15 -25.92 -1.51
C TYR A 875 -31.25 -26.29 -2.68
N LEU A 876 -31.84 -26.66 -3.83
CA LEU A 876 -31.04 -26.93 -5.01
C LEU A 876 -30.32 -25.68 -5.50
N GLU A 877 -30.99 -24.53 -5.42
CA GLU A 877 -30.34 -23.26 -5.78
C GLU A 877 -29.15 -22.98 -4.87
N TRP A 878 -29.32 -23.21 -3.56
CA TRP A 878 -28.22 -23.01 -2.62
C TRP A 878 -27.07 -23.99 -2.90
N THR A 879 -27.41 -25.23 -3.26
CA THR A 879 -26.38 -26.20 -3.61
C THR A 879 -25.59 -25.75 -4.84
N GLY A 880 -26.29 -25.25 -5.86
CA GLY A 880 -25.60 -24.74 -7.03
C GLY A 880 -24.73 -23.54 -6.71
N SER A 881 -25.21 -22.67 -5.82
CA SER A 881 -24.42 -21.53 -5.39
C SER A 881 -23.15 -21.96 -4.66
N THR A 882 -23.27 -22.96 -3.79
CA THR A 882 -22.10 -23.47 -3.08
C THR A 882 -21.11 -24.12 -4.03
N ALA A 883 -21.62 -24.86 -5.02
CA ALA A 883 -20.75 -25.46 -6.02
C ALA A 883 -20.03 -24.39 -6.84
N PHE A 884 -20.73 -23.32 -7.21
CA PHE A 884 -20.09 -22.22 -7.92
C PHE A 884 -19.00 -21.57 -7.07
N PHE A 885 -19.28 -21.37 -5.78
CA PHE A 885 -18.28 -20.82 -4.87
C PHE A 885 -17.04 -21.71 -4.80
N VAL A 886 -17.25 -23.01 -4.67
CA VAL A 886 -16.13 -23.95 -4.57
C VAL A 886 -15.34 -23.98 -5.87
N ALA A 887 -16.02 -23.92 -7.01
CA ALA A 887 -15.33 -23.87 -8.30
C ALA A 887 -14.49 -22.63 -8.43
N ILE A 888 -15.01 -21.48 -7.99
CA ILE A 888 -14.22 -20.25 -8.02
C ILE A 888 -12.99 -20.38 -7.14
N MET A 889 -13.14 -21.00 -5.96
CA MET A 889 -11.99 -21.22 -5.09
C MET A 889 -10.94 -22.10 -5.76
N ILE A 890 -11.38 -23.20 -6.38
CA ILE A 890 -10.45 -24.15 -6.97
C ILE A 890 -9.71 -23.50 -8.14
N GLN A 891 -10.41 -22.69 -8.93
CA GLN A 891 -9.75 -22.02 -10.05
C GLN A 891 -8.88 -20.87 -9.57
N GLN A 892 -9.22 -20.25 -8.44
CA GLN A 892 -8.35 -19.23 -7.87
C GLN A 892 -7.08 -19.83 -7.28
N ILE A 893 -7.09 -21.12 -6.91
CA ILE A 893 -5.84 -21.76 -6.54
C ILE A 893 -4.86 -21.77 -7.72
N ALA A 894 -5.34 -22.18 -8.89
CA ALA A 894 -4.51 -22.14 -10.09
C ALA A 894 -4.15 -20.71 -10.48
N ASP A 895 -5.06 -19.77 -10.26
CA ASP A 895 -4.75 -18.36 -10.49
C ASP A 895 -3.61 -17.89 -9.59
N LEU A 896 -3.63 -18.31 -8.32
CA LEU A 896 -2.53 -17.98 -7.42
C LEU A 896 -1.22 -18.58 -7.92
N ILE A 897 -1.26 -19.82 -8.40
CA ILE A 897 -0.04 -20.46 -8.89
C ILE A 897 0.51 -19.71 -10.10
N ILE A 898 -0.36 -19.32 -11.04
CA ILE A 898 0.12 -18.69 -12.26
C ILE A 898 0.44 -17.21 -12.09
N ARG A 899 -0.14 -16.54 -11.11
CA ARG A 899 0.09 -15.12 -10.89
C ARG A 899 1.33 -14.84 -10.06
N LYS A 900 2.06 -15.87 -9.64
CA LYS A 900 3.26 -15.67 -8.84
C LYS A 900 4.49 -15.39 -9.69
N THR A 901 4.41 -15.54 -11.01
CA THR A 901 5.43 -15.08 -11.93
C THR A 901 4.77 -14.38 -13.10
N ARG A 902 5.50 -13.44 -13.70
CA ARG A 902 5.02 -12.72 -14.86
C ARG A 902 5.70 -13.12 -16.16
N ARG A 903 6.93 -13.62 -16.09
CA ARG A 903 7.65 -14.06 -17.28
C ARG A 903 8.19 -15.47 -17.10
N ASN A 904 8.64 -15.80 -15.90
CA ASN A 904 9.27 -17.08 -15.64
C ASN A 904 8.22 -18.18 -15.51
N SER A 905 8.70 -19.42 -15.54
CA SER A 905 7.86 -20.59 -15.37
C SER A 905 7.78 -20.98 -13.90
N ILE A 906 6.76 -21.80 -13.59
CA ILE A 906 6.70 -22.39 -12.26
C ILE A 906 7.86 -23.36 -12.06
N PHE A 907 8.37 -23.94 -13.13
CA PHE A 907 9.53 -24.83 -13.02
C PHE A 907 10.80 -24.03 -12.76
N GLN A 908 10.94 -22.86 -13.39
CA GLN A 908 12.15 -22.05 -13.18
C GLN A 908 12.11 -21.37 -11.82
N GLN A 909 10.96 -20.82 -11.43
CA GLN A 909 10.87 -20.08 -10.18
C GLN A 909 10.81 -21.00 -8.96
N GLY A 910 10.22 -22.18 -9.11
CA GLY A 910 10.06 -23.08 -7.98
C GLY A 910 8.66 -23.00 -7.40
N LEU A 911 8.05 -24.16 -7.14
CA LEU A 911 6.67 -24.22 -6.67
C LEU A 911 6.57 -24.10 -5.16
N PHE A 912 7.50 -24.70 -4.42
CA PHE A 912 7.44 -24.72 -2.96
C PHE A 912 8.39 -23.73 -2.30
N ARG A 913 9.07 -22.89 -3.08
CA ARG A 913 10.03 -21.96 -2.51
C ARG A 913 9.35 -20.90 -1.64
N ASN A 914 8.19 -20.41 -2.06
CA ASN A 914 7.39 -19.46 -1.29
C ASN A 914 6.33 -20.24 -0.53
N LYS A 915 6.53 -20.40 0.77
CA LYS A 915 5.62 -21.20 1.60
C LYS A 915 4.34 -20.46 1.94
N VAL A 916 4.34 -19.13 1.88
CA VAL A 916 3.12 -18.38 2.15
C VAL A 916 2.07 -18.68 1.09
N ILE A 917 2.50 -19.04 -0.13
CA ILE A 917 1.56 -19.46 -1.17
C ILE A 917 0.79 -20.70 -0.73
N TRP A 918 1.50 -21.68 -0.15
CA TRP A 918 0.83 -22.89 0.30
C TRP A 918 0.01 -22.64 1.56
N VAL A 919 0.43 -21.70 2.41
CA VAL A 919 -0.42 -21.28 3.51
C VAL A 919 -1.73 -20.70 2.98
N GLY A 920 -1.66 -19.88 1.93
CA GLY A 920 -2.85 -19.32 1.35
C GLY A 920 -3.74 -20.36 0.69
N ILE A 921 -3.15 -21.34 0.02
CA ILE A 921 -3.93 -22.43 -0.57
C ILE A 921 -4.67 -23.21 0.51
N ALA A 922 -3.96 -23.53 1.60
CA ALA A 922 -4.58 -24.24 2.71
C ALA A 922 -5.70 -23.41 3.32
N SER A 923 -5.50 -22.09 3.45
CA SER A 923 -6.54 -21.23 3.99
C SER A 923 -7.76 -21.22 3.09
N GLN A 924 -7.57 -21.18 1.77
CA GLN A 924 -8.68 -21.25 0.83
C GLN A 924 -9.49 -22.53 1.05
N VAL A 925 -8.79 -23.67 1.09
CA VAL A 925 -9.48 -24.95 1.23
C VAL A 925 -10.21 -25.02 2.57
N ILE A 926 -9.56 -24.58 3.65
CA ILE A 926 -10.16 -24.67 4.97
C ILE A 926 -11.38 -23.75 5.08
N VAL A 927 -11.30 -22.53 4.54
CA VAL A 927 -12.43 -21.62 4.58
C VAL A 927 -13.60 -22.19 3.80
N ALA A 928 -13.34 -22.74 2.61
CA ALA A 928 -14.41 -23.33 1.82
C ALA A 928 -15.04 -24.52 2.55
N LEU A 929 -14.22 -25.35 3.19
CA LEU A 929 -14.74 -26.50 3.93
C LEU A 929 -15.60 -26.06 5.10
N ILE A 930 -15.17 -25.02 5.82
CA ILE A 930 -15.94 -24.52 6.96
C ILE A 930 -17.27 -23.95 6.47
N LEU A 931 -17.26 -23.20 5.38
CA LEU A 931 -18.50 -22.63 4.86
C LEU A 931 -19.45 -23.72 4.37
N SER A 932 -18.93 -24.74 3.69
CA SER A 932 -19.79 -25.72 3.06
C SER A 932 -20.40 -26.68 4.07
N TYR A 933 -19.64 -27.09 5.08
CA TYR A 933 -20.11 -28.08 6.05
C TYR A 933 -20.41 -27.52 7.43
N GLY A 934 -19.92 -26.33 7.75
CA GLY A 934 -20.29 -25.67 8.98
C GLY A 934 -21.60 -24.92 8.83
N LEU A 935 -21.68 -24.05 7.82
CA LEU A 935 -22.91 -23.35 7.50
C LEU A 935 -23.81 -24.12 6.56
N GLY A 936 -23.42 -25.31 6.15
CA GLY A 936 -24.26 -26.15 5.31
C GLY A 936 -25.01 -27.19 6.11
N SER A 937 -24.46 -27.58 7.27
CA SER A 937 -25.16 -28.51 8.14
C SER A 937 -26.48 -27.92 8.62
N VAL A 938 -26.45 -26.66 9.04
CA VAL A 938 -27.64 -25.84 9.21
C VAL A 938 -27.67 -24.86 8.04
N PRO A 939 -28.57 -25.03 7.07
CA PRO A 939 -28.52 -24.17 5.88
C PRO A 939 -28.64 -22.70 6.25
N ALA A 940 -27.55 -21.96 6.05
CA ALA A 940 -27.48 -20.57 6.42
C ALA A 940 -26.61 -19.83 5.42
N LEU A 941 -27.03 -18.63 5.05
CA LEU A 941 -26.29 -17.76 4.12
C LEU A 941 -26.08 -18.45 2.78
N SER A 942 -27.08 -19.21 2.33
CA SER A 942 -27.08 -19.86 1.02
C SER A 942 -25.92 -20.84 0.87
N PHE A 943 -25.61 -21.57 1.94
CA PHE A 943 -24.58 -22.60 1.92
C PHE A 943 -25.21 -23.93 2.30
N THR A 944 -24.90 -24.97 1.53
CA THR A 944 -25.35 -26.32 1.81
C THR A 944 -24.18 -27.29 1.66
N MET A 945 -24.31 -28.45 2.28
CA MET A 945 -23.28 -29.48 2.17
C MET A 945 -23.27 -30.05 0.76
N LEU A 946 -22.07 -30.18 0.20
CA LEU A 946 -21.89 -30.65 -1.17
C LEU A 946 -21.52 -32.13 -1.19
N ARG A 947 -21.72 -32.74 -2.34
CA ARG A 947 -21.20 -34.07 -2.59
C ARG A 947 -19.73 -33.99 -2.97
N VAL A 948 -19.05 -35.14 -2.92
CA VAL A 948 -17.59 -35.15 -3.05
C VAL A 948 -17.18 -34.74 -4.46
N GLN A 949 -17.95 -35.12 -5.48
CA GLN A 949 -17.58 -34.86 -6.87
C GLN A 949 -17.65 -33.38 -7.22
N TYR A 950 -18.44 -32.59 -6.49
CA TYR A 950 -18.58 -31.17 -6.79
C TYR A 950 -17.37 -30.36 -6.35
N TRP A 951 -16.46 -30.96 -5.57
CA TRP A 951 -15.18 -30.33 -5.26
C TRP A 951 -14.14 -30.56 -6.33
N PHE A 952 -14.38 -31.50 -7.25
CA PHE A 952 -13.41 -31.86 -8.27
C PHE A 952 -13.90 -31.67 -9.69
N VAL A 953 -15.17 -31.31 -9.88
CA VAL A 953 -15.67 -31.10 -11.25
C VAL A 953 -14.84 -30.05 -11.98
N ALA A 954 -14.47 -28.96 -11.30
CA ALA A 954 -13.82 -27.82 -11.94
C ALA A 954 -12.30 -27.89 -11.93
N VAL A 955 -11.71 -29.00 -11.49
CA VAL A 955 -10.25 -29.12 -11.49
C VAL A 955 -9.66 -29.05 -12.90
N PRO A 956 -10.20 -29.77 -13.91
CA PRO A 956 -9.62 -29.64 -15.25
C PRO A 956 -9.60 -28.22 -15.80
N HIS A 957 -10.58 -27.39 -15.44
CA HIS A 957 -10.56 -26.00 -15.88
C HIS A 957 -9.41 -25.23 -15.25
N ALA A 958 -9.11 -25.50 -13.98
CA ALA A 958 -7.94 -24.90 -13.35
C ALA A 958 -6.64 -25.35 -14.01
N ILE A 959 -6.55 -26.65 -14.34
CA ILE A 959 -5.38 -27.14 -15.05
C ILE A 959 -5.25 -26.45 -16.41
N LEU A 960 -6.37 -26.22 -17.09
CA LEU A 960 -6.36 -25.54 -18.36
C LEU A 960 -5.88 -24.09 -18.22
N ILE A 961 -6.32 -23.42 -17.15
CA ILE A 961 -5.85 -22.05 -16.90
C ILE A 961 -4.35 -22.02 -16.71
N TRP A 962 -3.83 -22.96 -15.90
CA TRP A 962 -2.39 -23.02 -15.68
C TRP A 962 -1.64 -23.31 -16.97
N VAL A 963 -2.16 -24.23 -17.78
CA VAL A 963 -1.52 -24.57 -19.05
C VAL A 963 -1.47 -23.36 -19.97
N TYR A 964 -2.59 -22.64 -20.08
CA TYR A 964 -2.64 -21.49 -20.96
C TYR A 964 -1.64 -20.42 -20.54
N ASP A 965 -1.59 -20.12 -19.23
CA ASP A 965 -0.64 -19.11 -18.76
C ASP A 965 0.80 -19.56 -18.97
N GLU A 966 1.09 -20.84 -18.75
CA GLU A 966 2.44 -21.35 -18.94
C GLU A 966 2.87 -21.23 -20.39
N MET A 967 2.00 -21.59 -21.33
CA MET A 967 2.35 -21.46 -22.75
C MET A 967 2.53 -20.00 -23.14
N ARG A 968 1.67 -19.11 -22.64
CA ARG A 968 1.80 -17.70 -22.97
C ARG A 968 3.14 -17.15 -22.50
N LYS A 969 3.52 -17.46 -21.26
CA LYS A 969 4.81 -16.99 -20.76
C LYS A 969 5.99 -17.66 -21.47
N LEU A 970 5.83 -18.93 -21.86
CA LEU A 970 6.90 -19.60 -22.59
C LEU A 970 7.16 -18.91 -23.92
N PHE A 971 6.10 -18.55 -24.64
CA PHE A 971 6.29 -17.88 -25.92
C PHE A 971 6.67 -16.41 -25.76
N ILE A 972 6.37 -15.80 -24.61
CA ILE A 972 6.96 -14.50 -24.31
C ILE A 972 8.47 -14.62 -24.15
N ARG A 973 8.93 -15.65 -23.43
CA ARG A 973 10.36 -15.86 -23.23
C ARG A 973 11.08 -16.20 -24.53
N LEU A 974 10.46 -17.04 -25.36
CA LEU A 974 11.13 -17.54 -26.57
C LEU A 974 11.41 -16.41 -27.55
N TYR A 975 10.45 -15.51 -27.76
CA TYR A 975 10.55 -14.44 -28.75
C TYR A 975 10.41 -13.10 -28.06
N PRO A 976 11.50 -12.51 -27.59
CA PRO A 976 11.40 -11.19 -26.96
C PRO A 976 11.21 -10.10 -27.99
N GLY A 977 10.35 -9.13 -27.64
CA GLY A 977 10.12 -8.00 -28.52
C GLY A 977 9.34 -8.32 -29.78
N SER A 978 8.64 -9.44 -29.81
CA SER A 978 7.86 -9.83 -30.97
C SER A 978 6.43 -9.32 -30.83
N TRP A 979 5.55 -9.70 -31.76
CA TRP A 979 4.14 -9.34 -31.64
C TRP A 979 3.52 -9.95 -30.39
N TRP A 980 3.86 -11.20 -30.10
CA TRP A 980 3.30 -11.87 -28.92
C TRP A 980 3.75 -11.17 -27.64
N ASP A 981 5.04 -10.85 -27.55
CA ASP A 981 5.56 -10.23 -26.33
C ASP A 981 4.93 -8.86 -26.08
N LYS A 982 4.76 -8.07 -27.13
CA LYS A 982 4.22 -6.73 -26.96
C LYS A 982 2.76 -6.75 -26.53
N ASN A 983 1.98 -7.68 -27.07
CA ASN A 983 0.53 -7.68 -26.86
C ASN A 983 0.07 -8.60 -25.74
N MET A 984 0.88 -9.57 -25.31
CA MET A 984 0.45 -10.54 -24.33
C MET A 984 1.12 -10.40 -22.98
N TYR A 985 2.21 -9.65 -22.88
CA TYR A 985 2.90 -9.45 -21.62
C TYR A 985 2.25 -8.30 -20.85
N TYR A 986 1.85 -8.57 -19.62
CA TYR A 986 1.32 -7.53 -18.74
C TYR A 986 2.33 -7.24 -17.64
N THR B 48 -4.21 0.84 -35.09
CA THR B 48 -2.80 0.61 -35.43
C THR B 48 -2.67 0.02 -36.82
N GLY B 49 -3.78 -0.05 -37.55
CA GLY B 49 -3.75 -0.49 -38.94
C GLY B 49 -3.87 -1.99 -39.13
N GLY B 50 -2.77 -2.62 -39.55
CA GLY B 50 -2.81 -4.03 -39.90
C GLY B 50 -2.86 -4.97 -38.72
N SER B 51 -2.36 -4.56 -37.56
CA SER B 51 -2.35 -5.43 -36.39
C SER B 51 -3.72 -5.56 -35.73
N TRP B 52 -4.68 -4.71 -36.13
CA TRP B 52 -6.06 -4.92 -35.68
C TRP B 52 -6.58 -6.26 -36.16
N PHE B 53 -6.30 -6.63 -37.41
CA PHE B 53 -6.71 -7.94 -37.92
C PHE B 53 -6.08 -9.06 -37.10
N LYS B 54 -4.79 -8.94 -36.78
CA LYS B 54 -4.10 -9.97 -36.02
C LYS B 54 -4.67 -10.13 -34.61
N ILE B 55 -4.91 -9.02 -33.91
CA ILE B 55 -5.45 -9.13 -32.55
C ILE B 55 -6.90 -9.61 -32.56
N LEU B 56 -7.71 -9.18 -33.54
CA LEU B 56 -9.07 -9.68 -33.65
C LEU B 56 -9.08 -11.16 -33.97
N LEU B 57 -8.16 -11.62 -34.83
CA LEU B 57 -8.06 -13.04 -35.12
C LEU B 57 -7.67 -13.83 -33.88
N PHE B 58 -6.71 -13.31 -33.09
CA PHE B 58 -6.35 -13.99 -31.85
C PHE B 58 -7.56 -14.12 -30.93
N TYR B 59 -8.31 -13.02 -30.76
CA TYR B 59 -9.42 -13.08 -29.82
C TYR B 59 -10.54 -13.98 -30.32
N VAL B 60 -10.80 -13.98 -31.63
CA VAL B 60 -11.82 -14.87 -32.19
C VAL B 60 -11.42 -16.32 -31.95
N ILE B 61 -10.15 -16.66 -32.23
CA ILE B 61 -9.71 -18.04 -32.03
C ILE B 61 -9.76 -18.42 -30.55
N PHE B 62 -9.31 -17.52 -29.67
CA PHE B 62 -9.27 -17.80 -28.24
C PHE B 62 -10.68 -18.03 -27.70
N TYR B 63 -11.64 -17.17 -28.06
CA TYR B 63 -12.99 -17.31 -27.55
C TYR B 63 -13.70 -18.51 -28.17
N GLY B 64 -13.42 -18.81 -29.45
CA GLY B 64 -13.97 -20.02 -30.03
C GLY B 64 -13.46 -21.29 -29.35
N CYS B 65 -12.16 -21.31 -29.02
CA CYS B 65 -11.62 -22.45 -28.30
C CYS B 65 -12.21 -22.57 -26.90
N LEU B 66 -12.40 -21.43 -26.22
CA LEU B 66 -13.02 -21.45 -24.90
C LEU B 66 -14.44 -22.01 -24.97
N ALA B 67 -15.22 -21.54 -25.95
CA ALA B 67 -16.58 -22.02 -26.12
C ALA B 67 -16.60 -23.50 -26.45
N GLY B 68 -15.68 -23.95 -27.31
CA GLY B 68 -15.62 -25.35 -27.66
C GLY B 68 -15.28 -26.23 -26.46
N ILE B 69 -14.33 -25.79 -25.64
CA ILE B 69 -13.97 -26.56 -24.44
C ILE B 69 -15.14 -26.61 -23.47
N PHE B 70 -15.84 -25.49 -23.28
CA PHE B 70 -17.01 -25.50 -22.40
C PHE B 70 -18.08 -26.45 -22.91
N ILE B 71 -18.36 -26.41 -24.22
CA ILE B 71 -19.36 -27.28 -24.81
C ILE B 71 -18.95 -28.75 -24.66
N GLY B 72 -17.67 -29.04 -24.88
CA GLY B 72 -17.20 -30.41 -24.74
C GLY B 72 -17.31 -30.93 -23.32
N THR B 73 -17.00 -30.08 -22.34
CA THR B 73 -17.17 -30.48 -20.95
C THR B 73 -18.64 -30.73 -20.64
N ILE B 74 -19.53 -29.92 -21.18
CA ILE B 74 -20.97 -30.12 -20.96
C ILE B 74 -21.41 -31.46 -21.55
N GLN B 75 -20.94 -31.77 -22.77
CA GLN B 75 -21.27 -33.08 -23.36
C GLN B 75 -20.71 -34.23 -22.54
N VAL B 76 -19.48 -34.11 -22.05
CA VAL B 76 -18.90 -35.17 -21.25
C VAL B 76 -19.71 -35.39 -19.98
N MET B 77 -20.15 -34.31 -19.34
CA MET B 77 -20.99 -34.43 -18.15
C MET B 77 -22.34 -35.05 -18.49
N LEU B 78 -22.96 -34.61 -19.59
CA LEU B 78 -24.29 -35.10 -19.95
C LEU B 78 -24.27 -36.54 -20.44
N LEU B 79 -23.12 -37.05 -20.85
CA LEU B 79 -23.02 -38.46 -21.23
C LEU B 79 -23.30 -39.37 -20.05
N THR B 80 -23.03 -38.90 -18.83
CA THR B 80 -23.28 -39.67 -17.62
C THR B 80 -24.70 -39.49 -17.09
N ILE B 81 -25.52 -38.69 -17.76
CA ILE B 81 -26.87 -38.40 -17.33
C ILE B 81 -27.84 -39.28 -18.12
N SER B 82 -28.63 -40.07 -17.42
CA SER B 82 -29.64 -40.90 -18.06
C SER B 82 -30.88 -40.09 -18.37
N GLU B 83 -31.53 -40.44 -19.48
CA GLU B 83 -32.78 -39.80 -19.88
C GLU B 83 -34.00 -40.56 -19.40
N LEU B 84 -33.82 -41.61 -18.59
CA LEU B 84 -34.90 -42.43 -18.09
C LEU B 84 -35.14 -42.31 -16.60
N LYS B 85 -34.08 -42.10 -15.81
CA LYS B 85 -34.21 -41.93 -14.37
C LYS B 85 -33.13 -40.97 -13.90
N PRO B 86 -33.44 -40.11 -12.93
CA PRO B 86 -32.45 -39.13 -12.45
C PRO B 86 -31.30 -39.81 -11.70
N THR B 87 -30.15 -39.14 -11.71
CA THR B 87 -28.98 -39.65 -11.01
C THR B 87 -29.21 -39.69 -9.51
N TYR B 88 -29.79 -38.63 -8.96
CA TYR B 88 -30.05 -38.54 -7.53
C TYR B 88 -31.48 -38.09 -7.30
N GLN B 89 -31.98 -38.38 -6.11
CA GLN B 89 -33.28 -37.91 -5.65
C GLN B 89 -33.15 -37.36 -4.24
N ASP B 90 -32.09 -36.60 -3.99
CA ASP B 90 -31.85 -36.06 -2.65
C ASP B 90 -32.92 -35.08 -2.24
N ARG B 91 -33.40 -34.26 -3.18
CA ARG B 91 -34.34 -33.19 -2.86
C ARG B 91 -35.79 -33.59 -3.05
N VAL B 92 -36.06 -34.56 -3.94
CA VAL B 92 -37.43 -34.85 -4.34
C VAL B 92 -37.98 -36.14 -3.72
N ALA B 93 -37.12 -37.01 -3.18
CA ALA B 93 -37.56 -38.36 -2.83
C ALA B 93 -38.66 -38.38 -1.79
N PRO B 94 -38.61 -37.64 -0.68
CA PRO B 94 -39.79 -37.52 0.17
C PRO B 94 -40.80 -36.57 -0.46
N PRO B 95 -41.89 -37.11 -1.01
CA PRO B 95 -42.76 -36.29 -1.87
C PRO B 95 -43.46 -35.19 -1.10
N GLY B 96 -43.84 -34.15 -1.83
CA GLY B 96 -44.64 -33.07 -1.28
C GLY B 96 -46.12 -33.32 -1.52
N LEU B 97 -46.94 -32.70 -0.67
CA LEU B 97 -48.39 -32.80 -0.78
C LEU B 97 -48.93 -31.45 -1.24
N THR B 98 -49.67 -31.47 -2.34
CA THR B 98 -50.11 -30.25 -3.01
C THR B 98 -51.60 -30.36 -3.30
N GLN B 99 -52.30 -29.24 -3.23
CA GLN B 99 -53.74 -29.19 -3.43
C GLN B 99 -54.10 -28.44 -4.69
N ILE B 100 -55.35 -28.63 -5.12
CA ILE B 100 -55.92 -27.92 -6.26
C ILE B 100 -57.25 -27.36 -5.76
N PRO B 101 -57.59 -26.09 -6.06
CA PRO B 101 -56.96 -25.13 -6.98
C PRO B 101 -55.65 -24.52 -6.51
N GLN B 102 -54.84 -24.06 -7.46
CA GLN B 102 -53.62 -23.35 -7.15
C GLN B 102 -53.98 -21.95 -6.66
N ILE B 103 -53.56 -21.62 -5.43
CA ILE B 103 -53.97 -20.39 -4.77
C ILE B 103 -52.72 -19.62 -4.35
N GLN B 104 -52.95 -18.36 -3.97
CA GLN B 104 -51.89 -17.44 -3.58
C GLN B 104 -52.01 -17.16 -2.08
N LYS B 105 -50.89 -17.23 -1.38
CA LYS B 105 -50.76 -17.03 0.06
C LYS B 105 -51.50 -18.11 0.84
N THR B 106 -51.85 -19.24 0.22
CA THR B 106 -52.49 -20.40 0.84
C THR B 106 -53.93 -20.13 1.28
N GLU B 107 -54.47 -18.96 0.98
CA GLU B 107 -55.79 -18.55 1.43
C GLU B 107 -56.84 -18.87 0.39
N ILE B 108 -57.92 -19.53 0.83
CA ILE B 108 -59.14 -19.68 0.03
C ILE B 108 -60.17 -18.73 0.63
N SER B 109 -60.55 -17.70 -0.12
CA SER B 109 -61.50 -16.71 0.37
C SER B 109 -62.47 -16.36 -0.75
N PHE B 110 -63.76 -16.55 -0.50
CA PHE B 110 -64.77 -16.27 -1.51
C PHE B 110 -66.10 -15.98 -0.83
N ARG B 111 -67.02 -15.41 -1.59
CA ARG B 111 -68.39 -15.14 -1.15
C ARG B 111 -69.34 -15.95 -2.03
N PRO B 112 -70.09 -16.90 -1.47
CA PRO B 112 -70.93 -17.77 -2.33
C PRO B 112 -71.97 -17.01 -3.14
N ASN B 113 -72.48 -15.89 -2.64
CA ASN B 113 -73.51 -15.15 -3.35
C ASN B 113 -72.99 -14.40 -4.57
N ASP B 114 -71.68 -14.15 -4.63
CA ASP B 114 -71.08 -13.46 -5.77
C ASP B 114 -70.32 -14.48 -6.62
N PRO B 115 -70.78 -14.79 -7.83
CA PRO B 115 -70.08 -15.80 -8.65
C PRO B 115 -68.67 -15.42 -9.02
N LYS B 116 -68.30 -14.14 -8.95
CA LYS B 116 -66.97 -13.72 -9.36
C LYS B 116 -65.93 -13.91 -8.27
N SER B 117 -66.35 -14.26 -7.05
CA SER B 117 -65.40 -14.50 -5.97
C SER B 117 -64.71 -15.86 -6.08
N TYR B 118 -65.40 -16.87 -6.61
CA TYR B 118 -64.85 -18.21 -6.74
C TYR B 118 -64.66 -18.62 -8.19
N GLU B 119 -64.78 -17.69 -9.13
CA GLU B 119 -64.62 -18.03 -10.54
C GLU B 119 -63.21 -18.50 -10.84
N ALA B 120 -62.20 -17.87 -10.24
CA ALA B 120 -60.82 -18.29 -10.46
C ALA B 120 -60.59 -19.69 -9.92
N TYR B 121 -61.11 -19.98 -8.72
CA TYR B 121 -60.96 -21.32 -8.15
C TYR B 121 -61.61 -22.37 -9.05
N VAL B 122 -62.84 -22.10 -9.51
CA VAL B 122 -63.54 -23.06 -10.35
C VAL B 122 -62.82 -23.25 -11.68
N LEU B 123 -62.30 -22.17 -12.25
CA LEU B 123 -61.56 -22.27 -13.49
C LEU B 123 -60.30 -23.10 -13.32
N ASN B 124 -59.58 -22.91 -12.22
CA ASN B 124 -58.39 -23.72 -11.96
C ASN B 124 -58.73 -25.19 -11.81
N ILE B 125 -59.81 -25.50 -11.08
CA ILE B 125 -60.21 -26.89 -10.90
C ILE B 125 -60.60 -27.51 -12.23
N ILE B 126 -61.33 -26.76 -13.07
CA ILE B 126 -61.71 -27.26 -14.39
C ILE B 126 -60.48 -27.53 -15.23
N ARG B 127 -59.53 -26.59 -15.23
CA ARG B 127 -58.32 -26.76 -16.03
C ARG B 127 -57.52 -27.98 -15.60
N PHE B 128 -57.43 -28.21 -14.28
CA PHE B 128 -56.71 -29.39 -13.82
C PHE B 128 -57.46 -30.67 -14.17
N LEU B 129 -58.76 -30.71 -13.92
CA LEU B 129 -59.53 -31.94 -14.08
C LEU B 129 -59.88 -32.24 -15.53
N GLU B 130 -59.58 -31.33 -16.46
CA GLU B 130 -59.94 -31.55 -17.86
C GLU B 130 -59.25 -32.76 -18.46
N LYS B 131 -58.12 -33.18 -17.91
CA LYS B 131 -57.42 -34.35 -18.42
C LYS B 131 -57.90 -35.66 -17.81
N TYR B 132 -58.75 -35.59 -16.78
CA TYR B 132 -59.31 -36.78 -16.15
C TYR B 132 -60.68 -37.14 -16.70
N LYS B 133 -61.11 -36.48 -17.78
CA LYS B 133 -62.39 -36.78 -18.39
C LYS B 133 -62.39 -38.20 -18.96
N ASP B 134 -63.59 -38.79 -19.02
CA ASP B 134 -63.72 -40.15 -19.54
C ASP B 134 -63.30 -40.23 -21.01
N SER B 135 -63.59 -39.18 -21.78
CA SER B 135 -63.22 -39.18 -23.19
C SER B 135 -61.71 -39.06 -23.37
N ALA B 136 -61.00 -38.46 -22.41
CA ALA B 136 -59.56 -38.28 -22.51
C ALA B 136 -58.79 -39.57 -22.28
N GLN B 137 -59.42 -40.61 -21.73
CA GLN B 137 -58.76 -41.86 -21.43
C GLN B 137 -59.42 -43.02 -22.17
N LYS B 138 -59.75 -42.81 -23.44
CA LYS B 138 -60.40 -43.85 -24.24
C LYS B 138 -59.42 -44.68 -25.05
N ASP B 139 -58.22 -44.18 -25.30
CA ASP B 139 -57.22 -44.92 -26.07
C ASP B 139 -56.80 -46.18 -25.32
N ASP B 140 -57.18 -47.35 -25.83
CA ASP B 140 -56.87 -48.60 -25.16
C ASP B 140 -55.43 -49.04 -25.34
N MET B 141 -54.71 -48.49 -26.31
CA MET B 141 -53.30 -48.78 -26.47
C MET B 141 -52.41 -47.96 -25.54
N ILE B 142 -52.94 -46.90 -24.96
CA ILE B 142 -52.22 -46.08 -24.01
C ILE B 142 -52.72 -46.28 -22.58
N PHE B 143 -54.03 -46.30 -22.39
CA PHE B 143 -54.64 -46.41 -21.08
C PHE B 143 -55.08 -47.85 -20.83
N GLU B 144 -54.96 -48.29 -19.58
CA GLU B 144 -55.40 -49.62 -19.19
C GLU B 144 -56.34 -49.50 -18.00
N ASP B 145 -57.27 -50.45 -17.92
CA ASP B 145 -58.32 -50.40 -16.90
C ASP B 145 -57.88 -51.24 -15.71
N CYS B 146 -57.20 -50.60 -14.75
CA CYS B 146 -56.88 -51.25 -13.51
C CYS B 146 -58.11 -51.29 -12.60
N GLY B 147 -58.00 -52.04 -11.50
CA GLY B 147 -59.17 -52.32 -10.69
C GLY B 147 -59.73 -51.08 -10.02
N SER B 148 -61.01 -51.16 -9.69
CA SER B 148 -61.69 -50.10 -8.95
C SER B 148 -61.49 -50.23 -7.44
N MET B 149 -60.82 -51.28 -6.99
CA MET B 149 -60.43 -51.47 -5.60
C MET B 149 -58.92 -51.29 -5.46
N PRO B 150 -58.45 -50.78 -4.33
CA PRO B 150 -57.01 -50.58 -4.15
C PRO B 150 -56.24 -51.89 -4.22
N SER B 151 -55.06 -51.83 -4.82
CA SER B 151 -54.23 -53.01 -5.05
C SER B 151 -52.77 -52.65 -4.85
N GLU B 152 -51.91 -53.65 -5.01
CA GLU B 152 -50.48 -53.48 -4.85
C GLU B 152 -49.90 -52.69 -6.04
N PRO B 153 -48.72 -52.08 -5.86
CA PRO B 153 -48.11 -51.34 -6.96
C PRO B 153 -47.87 -52.21 -8.19
N LYS B 154 -48.06 -51.62 -9.36
CA LYS B 154 -47.91 -52.32 -10.63
C LYS B 154 -46.50 -52.08 -11.16
N GLU B 155 -45.68 -53.13 -11.18
CA GLU B 155 -44.34 -53.05 -11.72
C GLU B 155 -44.40 -53.27 -13.23
N ARG B 156 -44.19 -52.20 -14.01
CA ARG B 156 -44.26 -52.26 -15.46
C ARG B 156 -42.90 -52.52 -16.10
N GLY B 157 -41.98 -53.17 -15.39
CA GLY B 157 -40.68 -53.46 -15.95
C GLY B 157 -39.57 -52.70 -15.26
N GLU B 158 -38.58 -52.27 -16.03
CA GLU B 158 -37.44 -51.53 -15.53
C GLU B 158 -37.29 -50.24 -16.33
N PHE B 159 -36.49 -49.31 -15.79
CA PHE B 159 -36.26 -48.02 -16.43
C PHE B 159 -35.27 -48.19 -17.58
N ASN B 160 -35.73 -48.87 -18.63
CA ASN B 160 -34.96 -49.10 -19.84
C ASN B 160 -35.79 -48.71 -21.05
N HIS B 161 -35.10 -48.30 -22.12
CA HIS B 161 -35.79 -47.90 -23.34
C HIS B 161 -36.53 -49.07 -23.99
N GLU B 162 -36.14 -50.30 -23.69
CA GLU B 162 -36.88 -51.44 -24.20
C GLU B 162 -38.26 -51.52 -23.53
N ARG B 163 -39.06 -52.49 -23.97
CA ARG B 163 -40.42 -52.74 -23.50
C ARG B 163 -41.39 -51.65 -23.95
N GLY B 164 -40.93 -50.61 -24.62
CA GLY B 164 -41.79 -49.56 -25.12
C GLY B 164 -42.34 -48.67 -24.01
N GLU B 165 -43.30 -47.84 -24.41
CA GLU B 165 -43.99 -46.98 -23.45
C GLU B 165 -44.87 -47.82 -22.53
N ARG B 166 -44.88 -47.46 -21.26
CA ARG B 166 -45.64 -48.19 -20.27
C ARG B 166 -47.08 -47.71 -20.24
N LYS B 167 -48.01 -48.64 -20.05
CA LYS B 167 -49.42 -48.30 -19.95
C LYS B 167 -49.70 -47.62 -18.61
N VAL B 168 -50.83 -46.91 -18.55
CA VAL B 168 -51.18 -46.11 -17.39
C VAL B 168 -52.58 -46.50 -16.91
N CYS B 169 -52.72 -46.64 -15.60
CA CYS B 169 -54.03 -46.90 -15.01
C CYS B 169 -54.95 -45.70 -15.23
N ARG B 170 -56.23 -46.00 -15.42
CA ARG B 170 -57.23 -44.97 -15.55
C ARG B 170 -57.72 -44.52 -14.19
N PHE B 171 -58.01 -43.23 -14.06
CA PHE B 171 -58.65 -42.67 -12.87
C PHE B 171 -59.98 -42.08 -13.30
N LYS B 172 -61.05 -42.52 -12.65
CA LYS B 172 -62.40 -42.11 -13.02
C LYS B 172 -62.79 -40.85 -12.25
N LEU B 173 -63.34 -39.87 -12.97
CA LEU B 173 -63.84 -38.67 -12.33
C LEU B 173 -65.01 -38.95 -11.41
N ASP B 174 -65.75 -40.05 -11.64
CA ASP B 174 -66.85 -40.39 -10.76
C ASP B 174 -66.38 -40.71 -9.35
N TRP B 175 -65.15 -41.20 -9.20
CA TRP B 175 -64.59 -41.43 -7.88
C TRP B 175 -64.42 -40.14 -7.10
N LEU B 176 -64.35 -39.00 -7.78
CA LEU B 176 -64.07 -37.73 -7.10
C LEU B 176 -65.22 -37.32 -6.19
N GLY B 177 -66.45 -37.33 -6.70
CA GLY B 177 -67.63 -37.33 -5.85
C GLY B 177 -67.95 -35.95 -5.32
N ASN B 178 -69.10 -35.39 -5.71
CA ASN B 178 -69.52 -34.07 -5.24
C ASN B 178 -68.49 -33.00 -5.56
N CYS B 179 -67.38 -33.39 -6.20
CA CYS B 179 -66.29 -32.49 -6.52
C CYS B 179 -65.70 -32.81 -7.89
N SER B 180 -66.43 -33.55 -8.72
CA SER B 180 -65.97 -33.93 -10.05
C SER B 180 -66.42 -32.97 -11.14
N GLY B 181 -67.44 -32.15 -10.88
CA GLY B 181 -68.02 -31.29 -11.89
C GLY B 181 -69.06 -31.97 -12.76
N LEU B 182 -69.30 -33.27 -12.57
CA LEU B 182 -70.29 -33.97 -13.38
C LEU B 182 -71.69 -33.46 -13.10
N ASN B 183 -72.06 -33.35 -11.82
CA ASN B 183 -73.36 -32.81 -11.43
C ASN B 183 -73.23 -31.37 -10.94
N ASP B 184 -72.39 -31.13 -9.94
CA ASP B 184 -72.16 -29.79 -9.41
C ASP B 184 -71.03 -29.15 -10.20
N GLU B 185 -71.39 -28.21 -11.08
CA GLU B 185 -70.41 -27.57 -11.95
C GLU B 185 -69.52 -26.58 -11.21
N SER B 186 -69.85 -26.23 -9.97
CA SER B 186 -69.07 -25.27 -9.19
C SER B 186 -68.14 -25.93 -8.19
N TYR B 187 -68.10 -27.27 -8.15
CA TYR B 187 -67.20 -28.02 -7.26
C TYR B 187 -67.40 -27.63 -5.80
N GLY B 188 -68.65 -27.55 -5.38
CA GLY B 188 -68.99 -27.24 -4.01
C GLY B 188 -69.10 -25.77 -3.71
N TYR B 189 -68.37 -24.93 -4.46
CA TYR B 189 -68.56 -23.49 -4.35
C TYR B 189 -69.97 -23.12 -4.81
N LYS B 190 -70.32 -21.85 -4.61
CA LYS B 190 -71.65 -21.32 -4.89
C LYS B 190 -72.63 -21.79 -3.81
N GLU B 191 -72.17 -22.70 -2.94
CA GLU B 191 -72.96 -23.17 -1.81
C GLU B 191 -72.23 -23.06 -0.49
N GLY B 192 -71.00 -22.55 -0.48
CA GLY B 192 -70.23 -22.48 0.75
C GLY B 192 -69.67 -23.80 1.22
N LYS B 193 -69.50 -24.76 0.31
CA LYS B 193 -68.98 -26.09 0.65
C LYS B 193 -67.84 -26.42 -0.31
N PRO B 194 -66.73 -25.68 -0.22
CA PRO B 194 -65.69 -25.80 -1.25
C PRO B 194 -65.03 -27.17 -1.28
N CYS B 195 -64.56 -27.55 -2.45
CA CYS B 195 -63.81 -28.78 -2.66
C CYS B 195 -62.35 -28.44 -2.96
N ILE B 196 -61.45 -29.24 -2.40
CA ILE B 196 -60.04 -29.20 -2.78
C ILE B 196 -59.63 -30.61 -3.21
N ILE B 197 -58.68 -30.67 -4.14
CA ILE B 197 -58.17 -31.94 -4.66
C ILE B 197 -56.72 -32.07 -4.20
N ILE B 198 -56.43 -33.13 -3.46
CA ILE B 198 -55.11 -33.38 -2.91
C ILE B 198 -54.35 -34.32 -3.85
N LYS B 199 -53.10 -33.97 -4.15
CA LYS B 199 -52.24 -34.80 -4.97
C LYS B 199 -50.89 -34.96 -4.25
N LEU B 200 -50.25 -36.10 -4.50
CA LEU B 200 -48.91 -36.36 -4.01
C LEU B 200 -47.92 -36.10 -5.13
N ASN B 201 -46.86 -35.36 -4.84
CA ASN B 201 -45.93 -34.95 -5.88
C ASN B 201 -45.29 -36.15 -6.53
N ARG B 202 -45.15 -36.09 -7.85
CA ARG B 202 -44.67 -37.25 -8.61
C ARG B 202 -43.16 -37.42 -8.42
N VAL B 203 -42.76 -38.65 -8.09
CA VAL B 203 -41.36 -39.03 -7.95
C VAL B 203 -41.16 -40.31 -8.73
N LEU B 204 -40.10 -40.36 -9.53
CA LEU B 204 -39.86 -41.52 -10.38
C LEU B 204 -39.47 -42.74 -9.55
N GLY B 205 -40.13 -43.86 -9.81
CA GLY B 205 -39.81 -45.09 -9.13
C GLY B 205 -40.15 -45.13 -7.66
N PHE B 206 -40.91 -44.16 -7.17
CA PHE B 206 -41.25 -44.07 -5.76
C PHE B 206 -42.50 -44.89 -5.48
N LYS B 207 -42.40 -45.81 -4.53
CA LYS B 207 -43.54 -46.63 -4.12
C LYS B 207 -43.94 -46.27 -2.69
N PRO B 208 -45.10 -45.62 -2.48
CA PRO B 208 -45.50 -45.26 -1.13
C PRO B 208 -45.71 -46.49 -0.24
N LYS B 209 -45.40 -46.33 1.04
CA LYS B 209 -45.54 -47.39 2.03
C LYS B 209 -46.54 -46.95 3.10
N PRO B 210 -47.78 -47.41 3.05
CA PRO B 210 -48.73 -47.03 4.10
C PRO B 210 -48.28 -47.60 5.43
N PRO B 211 -48.60 -46.90 6.53
CA PRO B 211 -48.12 -47.34 7.84
C PRO B 211 -48.69 -48.69 8.23
N LYS B 212 -47.90 -49.43 9.00
CA LYS B 212 -48.31 -50.75 9.44
C LYS B 212 -49.40 -50.67 10.49
N ASN B 213 -50.31 -51.64 10.47
CA ASN B 213 -51.40 -51.71 11.44
C ASN B 213 -50.88 -52.02 12.84
N TYR B 225 -55.44 -49.18 7.94
CA TYR B 225 -55.45 -50.64 7.95
C TYR B 225 -55.22 -51.20 6.55
N ASN B 226 -55.86 -50.58 5.56
CA ASN B 226 -55.76 -51.04 4.18
C ASN B 226 -54.32 -50.95 3.72
N PRO B 227 -53.67 -52.07 3.39
CA PRO B 227 -52.25 -52.05 3.02
C PRO B 227 -51.97 -51.49 1.64
N ASN B 228 -53.00 -51.13 0.87
CA ASN B 228 -52.82 -50.64 -0.49
C ASN B 228 -53.37 -49.22 -0.66
N VAL B 229 -53.52 -48.50 0.44
CA VAL B 229 -53.97 -47.11 0.41
C VAL B 229 -53.06 -46.30 1.33
N LEU B 230 -52.53 -45.20 0.81
CA LEU B 230 -51.74 -44.29 1.64
C LEU B 230 -52.67 -43.29 2.30
N PRO B 231 -52.84 -43.33 3.62
CA PRO B 231 -53.86 -42.52 4.27
C PRO B 231 -53.56 -41.03 4.20
N VAL B 232 -54.63 -40.24 4.11
CA VAL B 232 -54.55 -38.79 4.15
C VAL B 232 -55.68 -38.28 5.05
N GLN B 233 -55.37 -37.34 5.93
CA GLN B 233 -56.35 -36.75 6.83
C GLN B 233 -56.19 -35.23 6.86
N CYS B 234 -57.32 -34.53 6.92
CA CYS B 234 -57.36 -33.08 7.02
C CYS B 234 -58.02 -32.69 8.33
N THR B 235 -57.31 -31.88 9.12
CA THR B 235 -57.79 -31.44 10.42
C THR B 235 -57.51 -29.95 10.59
N GLY B 236 -58.25 -29.33 11.51
CA GLY B 236 -57.96 -27.94 11.85
C GLY B 236 -56.59 -27.82 12.51
N LYS B 237 -55.90 -26.72 12.19
CA LYS B 237 -54.53 -26.56 12.66
C LYS B 237 -54.47 -26.34 14.16
N ARG B 238 -55.28 -25.43 14.68
CA ARG B 238 -55.30 -25.09 16.09
C ARG B 238 -56.58 -25.58 16.75
N ASP B 239 -56.60 -25.54 18.08
CA ASP B 239 -57.81 -25.89 18.81
C ASP B 239 -58.93 -24.90 18.53
N GLU B 240 -58.61 -23.70 18.06
CA GLU B 240 -59.64 -22.75 17.64
C GLU B 240 -60.26 -23.15 16.31
N ASP B 241 -59.47 -23.70 15.40
CA ASP B 241 -59.98 -24.12 14.11
C ASP B 241 -60.60 -25.50 14.15
N LYS B 242 -60.30 -26.31 15.16
CA LYS B 242 -60.80 -27.68 15.21
C LYS B 242 -62.31 -27.75 15.43
N ASP B 243 -62.90 -26.72 16.01
CA ASP B 243 -64.34 -26.70 16.25
C ASP B 243 -65.12 -25.96 15.18
N LYS B 244 -64.50 -24.98 14.52
CA LYS B 244 -65.17 -24.21 13.47
C LYS B 244 -64.95 -24.78 12.07
N VAL B 245 -64.11 -25.82 11.94
CA VAL B 245 -63.84 -26.38 10.61
C VAL B 245 -65.07 -27.08 10.06
N GLY B 246 -65.84 -27.74 10.92
CA GLY B 246 -67.02 -28.44 10.47
C GLY B 246 -66.82 -29.94 10.33
N ASN B 247 -67.49 -30.55 9.35
CA ASN B 247 -67.42 -31.99 9.12
C ASN B 247 -66.73 -32.23 7.78
N ILE B 248 -65.53 -32.79 7.82
CA ILE B 248 -64.74 -32.99 6.61
C ILE B 248 -65.29 -34.20 5.86
N GLU B 249 -65.56 -34.02 4.57
CA GLU B 249 -66.01 -35.10 3.70
C GLU B 249 -64.88 -35.47 2.75
N TYR B 250 -64.55 -36.76 2.70
CA TYR B 250 -63.54 -37.28 1.80
C TYR B 250 -64.20 -38.14 0.74
N PHE B 251 -63.70 -38.06 -0.48
CA PHE B 251 -64.15 -38.92 -1.57
C PHE B 251 -62.93 -39.43 -2.33
N GLY B 252 -62.58 -40.70 -2.10
CA GLY B 252 -61.51 -41.34 -2.81
C GLY B 252 -62.01 -42.53 -3.61
N MET B 253 -61.07 -43.19 -4.28
CA MET B 253 -61.40 -44.36 -5.08
C MET B 253 -61.84 -45.51 -4.16
N GLY B 254 -63.01 -46.06 -4.44
CA GLY B 254 -63.50 -47.19 -3.66
C GLY B 254 -63.97 -46.85 -2.27
N GLY B 255 -64.10 -45.58 -1.93
CA GLY B 255 -64.51 -45.18 -0.60
C GLY B 255 -63.40 -45.14 0.42
N PHE B 256 -62.15 -45.26 0.00
CA PHE B 256 -61.00 -45.18 0.89
C PHE B 256 -60.36 -43.81 0.79
N TYR B 257 -59.94 -43.28 1.94
CA TYR B 257 -59.41 -41.92 2.03
C TYR B 257 -57.89 -41.98 1.88
N GLY B 258 -57.42 -41.79 0.65
CA GLY B 258 -55.99 -41.85 0.38
C GLY B 258 -55.75 -42.16 -1.08
N PHE B 259 -54.52 -42.60 -1.36
CA PHE B 259 -54.08 -42.88 -2.72
C PHE B 259 -53.91 -44.39 -2.91
N PRO B 260 -54.61 -45.00 -3.85
CA PRO B 260 -54.38 -46.41 -4.15
C PRO B 260 -52.96 -46.64 -4.65
N LEU B 261 -52.39 -47.78 -4.27
CA LEU B 261 -50.98 -48.03 -4.55
C LEU B 261 -50.72 -48.54 -5.96
N GLN B 262 -51.75 -48.91 -6.72
CA GLN B 262 -51.52 -49.46 -8.05
C GLN B 262 -51.13 -48.40 -9.06
N TYR B 263 -51.27 -47.12 -8.72
CA TYR B 263 -50.84 -46.03 -9.58
C TYR B 263 -49.35 -45.73 -9.45
N TYR B 264 -48.62 -46.58 -8.75
CA TYR B 264 -47.21 -46.41 -8.45
C TYR B 264 -46.45 -47.67 -8.84
N PRO B 265 -45.17 -47.56 -9.18
CA PRO B 265 -44.35 -46.34 -9.27
C PRO B 265 -44.57 -45.54 -10.54
N TYR B 266 -44.19 -44.26 -10.51
CA TYR B 266 -44.20 -43.43 -11.71
C TYR B 266 -42.92 -43.66 -12.50
N TYR B 267 -43.08 -43.76 -13.83
CA TYR B 267 -41.97 -44.14 -14.70
C TYR B 267 -41.39 -42.98 -15.51
N GLY B 268 -41.94 -41.78 -15.39
CA GLY B 268 -41.39 -40.62 -16.04
C GLY B 268 -42.23 -40.14 -17.21
N LYS B 269 -41.92 -38.92 -17.65
CA LYS B 269 -42.66 -38.29 -18.74
C LYS B 269 -42.32 -38.88 -20.09
N LEU B 270 -41.23 -39.64 -20.21
CA LEU B 270 -40.83 -40.25 -21.47
C LEU B 270 -41.24 -41.69 -21.60
N LEU B 271 -41.20 -42.46 -20.50
CA LEU B 271 -41.71 -43.82 -20.50
C LEU B 271 -43.22 -43.88 -20.26
N GLN B 272 -43.75 -42.95 -19.47
CA GLN B 272 -45.17 -42.94 -19.11
C GLN B 272 -45.77 -41.55 -19.33
N PRO B 273 -45.89 -41.11 -20.58
CA PRO B 273 -46.72 -39.94 -20.86
C PRO B 273 -48.19 -40.28 -20.70
N LYS B 274 -49.02 -39.25 -20.59
CA LYS B 274 -50.45 -39.36 -20.31
C LYS B 274 -50.72 -39.98 -18.95
N TYR B 275 -49.72 -40.06 -18.08
CA TYR B 275 -49.89 -40.64 -16.76
C TYR B 275 -50.87 -39.82 -15.93
N LEU B 276 -51.72 -40.51 -15.18
CA LEU B 276 -52.71 -39.88 -14.31
C LEU B 276 -52.39 -40.28 -12.88
N GLN B 277 -51.98 -39.31 -12.07
CA GLN B 277 -51.76 -39.61 -10.66
C GLN B 277 -53.09 -39.68 -9.92
N PRO B 278 -53.17 -40.49 -8.87
CA PRO B 278 -54.42 -40.61 -8.12
C PRO B 278 -54.78 -39.31 -7.41
N LEU B 279 -56.09 -39.11 -7.23
CA LEU B 279 -56.62 -37.90 -6.63
C LEU B 279 -57.42 -38.25 -5.39
N LEU B 280 -57.59 -37.26 -4.52
CA LEU B 280 -58.43 -37.38 -3.33
C LEU B 280 -59.12 -36.04 -3.10
N ALA B 281 -60.41 -35.98 -3.34
CA ALA B 281 -61.20 -34.78 -3.13
C ALA B 281 -61.63 -34.66 -1.68
N VAL B 282 -61.66 -33.44 -1.16
CA VAL B 282 -62.06 -33.17 0.21
C VAL B 282 -63.05 -32.01 0.19
N GLN B 283 -64.23 -32.24 0.77
CA GLN B 283 -65.23 -31.20 0.93
C GLN B 283 -65.41 -30.90 2.42
N PHE B 284 -65.90 -29.69 2.71
CA PHE B 284 -66.00 -29.22 4.08
C PHE B 284 -67.44 -29.07 4.55
N THR B 285 -68.29 -28.39 3.80
CA THR B 285 -69.74 -28.49 3.91
C THR B 285 -70.32 -27.96 5.23
N ASN B 286 -69.47 -27.58 6.17
CA ASN B 286 -69.95 -27.07 7.46
C ASN B 286 -69.04 -25.96 7.96
N LEU B 287 -68.44 -25.20 7.05
CA LEU B 287 -67.49 -24.18 7.44
C LEU B 287 -68.20 -23.04 8.15
N THR B 288 -67.62 -22.57 9.25
CA THR B 288 -68.17 -21.42 9.96
C THR B 288 -67.98 -20.16 9.13
N LEU B 289 -69.06 -19.40 8.95
CA LEU B 289 -69.03 -18.25 8.08
C LEU B 289 -68.32 -17.07 8.72
N ASP B 290 -67.72 -16.23 7.88
CA ASP B 290 -67.09 -14.97 8.30
C ASP B 290 -65.93 -15.21 9.27
N THR B 291 -65.26 -16.35 9.15
CA THR B 291 -64.07 -16.61 9.95
C THR B 291 -63.05 -17.34 9.09
N GLU B 292 -61.79 -17.24 9.48
CA GLU B 292 -60.67 -17.79 8.73
C GLU B 292 -60.22 -19.08 9.41
N ILE B 293 -60.58 -20.21 8.82
CA ILE B 293 -60.27 -21.52 9.39
C ILE B 293 -58.97 -22.01 8.78
N ARG B 294 -58.03 -22.41 9.64
CA ARG B 294 -56.73 -22.93 9.20
C ARG B 294 -56.76 -24.45 9.28
N ILE B 295 -56.56 -25.10 8.14
CA ILE B 295 -56.70 -26.55 8.02
C ILE B 295 -55.36 -27.14 7.63
N GLU B 296 -55.03 -28.29 8.22
CA GLU B 296 -53.79 -29.01 7.93
C GLU B 296 -54.14 -30.37 7.37
N CYS B 297 -53.76 -30.64 6.12
CA CYS B 297 -53.94 -31.93 5.49
C CYS B 297 -52.61 -32.66 5.46
N LYS B 298 -52.58 -33.88 5.99
CA LYS B 298 -51.34 -34.63 6.17
C LYS B 298 -51.48 -36.02 5.58
N ALA B 299 -50.41 -36.50 4.96
CA ALA B 299 -50.32 -37.86 4.45
C ALA B 299 -49.45 -38.69 5.37
N TYR B 300 -49.85 -39.93 5.60
CA TYR B 300 -49.16 -40.81 6.54
C TYR B 300 -48.57 -42.01 5.81
N GLY B 301 -47.35 -42.37 6.19
CA GLY B 301 -46.68 -43.52 5.61
C GLY B 301 -45.26 -43.68 6.12
N GLU B 302 -44.72 -44.89 6.03
CA GLU B 302 -43.32 -45.10 6.40
C GLU B 302 -42.39 -44.38 5.44
N ASN B 303 -42.74 -44.36 4.15
CA ASN B 303 -41.98 -43.66 3.14
C ASN B 303 -42.19 -42.15 3.17
N ILE B 304 -43.19 -41.68 3.91
CA ILE B 304 -43.59 -40.28 3.91
C ILE B 304 -42.97 -39.58 5.11
N GLY B 305 -42.25 -38.50 4.86
CA GLY B 305 -41.63 -37.71 5.90
C GLY B 305 -42.07 -36.26 5.82
N TYR B 306 -41.78 -35.53 6.90
CA TYR B 306 -42.19 -34.14 7.05
C TYR B 306 -40.97 -33.30 7.42
N SER B 307 -41.12 -31.98 7.28
CA SER B 307 -40.05 -31.06 7.59
C SER B 307 -40.62 -29.78 8.19
N GLU B 308 -39.82 -29.11 9.01
CA GLU B 308 -40.22 -27.83 9.57
C GLU B 308 -39.82 -26.66 8.67
N LYS B 309 -38.88 -26.87 7.75
CA LYS B 309 -38.47 -25.85 6.80
C LYS B 309 -39.32 -25.90 5.53
N ASP B 310 -39.66 -27.10 5.07
CA ASP B 310 -40.54 -27.29 3.92
C ASP B 310 -41.93 -27.57 4.44
N ARG B 311 -42.82 -26.59 4.36
CA ARG B 311 -44.18 -26.72 4.86
C ARG B 311 -45.09 -27.50 3.92
N PHE B 312 -44.58 -27.90 2.75
CA PHE B 312 -45.37 -28.65 1.77
C PHE B 312 -44.86 -30.06 1.56
N GLN B 313 -44.08 -30.59 2.50
CA GLN B 313 -43.51 -31.93 2.39
C GLN B 313 -44.36 -32.90 3.19
N GLY B 314 -45.10 -33.75 2.49
CA GLY B 314 -45.98 -34.71 3.14
C GLY B 314 -47.22 -34.12 3.75
N ARG B 315 -47.42 -32.81 3.64
CA ARG B 315 -48.54 -32.10 4.25
C ARG B 315 -48.61 -30.74 3.58
N PHE B 316 -49.71 -30.02 3.85
CA PHE B 316 -49.81 -28.64 3.41
C PHE B 316 -50.81 -27.91 4.29
N ASP B 317 -50.78 -26.58 4.21
CA ASP B 317 -51.69 -25.72 4.94
C ASP B 317 -52.61 -25.00 3.97
N VAL B 318 -53.88 -24.93 4.32
CA VAL B 318 -54.87 -24.15 3.57
C VAL B 318 -55.72 -23.39 4.58
N LYS B 319 -55.93 -22.10 4.32
CA LYS B 319 -56.77 -21.25 5.15
C LYS B 319 -57.99 -20.86 4.34
N ILE B 320 -59.17 -21.24 4.81
CA ILE B 320 -60.42 -21.07 4.09
C ILE B 320 -61.34 -20.17 4.89
N GLU B 321 -61.84 -19.12 4.25
CA GLU B 321 -62.82 -18.22 4.86
C GLU B 321 -63.98 -18.07 3.88
N VAL B 322 -65.16 -18.53 4.29
CA VAL B 322 -66.38 -18.37 3.51
C VAL B 322 -67.18 -17.24 4.14
N LYS B 323 -67.31 -16.13 3.43
CA LYS B 323 -67.95 -14.94 3.97
C LYS B 323 -69.47 -15.07 3.86
N SER B 324 -70.17 -14.06 4.38
CA SER B 324 -71.63 -14.04 4.34
C SER B 324 -72.13 -12.91 3.45
AL ALF C . 24.36 20.28 4.28
F1 ALF C . 22.87 20.77 5.19
F2 ALF C . 25.83 19.83 3.38
F3 ALF C . 24.80 19.17 5.62
F4 ALF C . 23.90 21.41 2.95
MG MG D . 24.30 17.95 6.90
PB ADP E . 40.44 30.67 8.95
O1B ADP E . 39.01 30.42 8.55
O2B ADP E . 40.92 32.05 8.55
O3B ADP E . 41.37 29.58 8.50
PA ADP E . 41.51 31.05 11.72
O1A ADP E . 40.97 30.54 13.02
O2A ADP E . 41.82 32.50 11.62
O3A ADP E . 40.46 30.65 10.57
O5' ADP E . 42.80 30.20 11.32
C5' ADP E . 43.68 30.69 10.28
C4' ADP E . 44.74 29.66 9.98
O4' ADP E . 45.55 29.42 11.15
C3' ADP E . 44.26 28.25 9.64
O3' ADP E . 43.72 28.15 8.33
C2' ADP E . 45.54 27.44 9.85
O2' ADP E . 46.32 27.40 8.68
C1' ADP E . 46.27 28.23 10.93
N9 ADP E . 46.44 27.54 12.20
C8 ADP E . 47.60 27.42 12.91
N7 ADP E . 47.47 26.73 14.03
C5 ADP E . 46.12 26.39 14.06
C6 ADP E . 45.36 25.67 15.00
N6 ADP E . 45.85 25.15 16.11
N1 ADP E . 44.04 25.51 14.72
C2 ADP E . 43.56 26.04 13.60
N3 ADP E . 44.18 26.74 12.65
C4 ADP E . 45.48 26.88 12.93
C1 PCW F . 7.72 -29.74 -9.86
C2 PCW F . 6.24 -30.10 -9.86
C3 PCW F . 5.97 -31.08 -8.72
C4 PCW F . 11.12 -29.29 -10.36
C5 PCW F . 11.33 -29.64 -11.83
C6 PCW F . 13.69 -29.27 -11.49
C7 PCW F . 12.82 -29.59 -13.69
C8 PCW F . 12.35 -27.56 -12.51
C11 PCW F . 4.11 -31.91 -7.29
C12 PCW F . 2.87 -31.55 -6.50
C13 PCW F . 1.68 -31.40 -7.44
C14 PCW F . 1.05 -30.03 -7.32
C15 PCW F . -0.31 -30.01 -8.00
C16 PCW F . -0.88 -28.59 -8.11
C17 PCW F . -1.29 -28.02 -6.77
C18 PCW F . -2.12 -29.02 -5.98
C19 PCW F . -2.70 -28.37 -4.75
C20 PCW F . -3.44 -29.08 -3.91
C21 PCW F . -4.02 -28.43 -2.68
C22 PCW F . -4.81 -29.46 -1.90
C23 PCW F . -5.48 -28.86 -0.66
C24 PCW F . -4.64 -27.76 -0.02
C25 PCW F . -3.75 -28.26 1.11
C26 PCW F . -2.39 -28.70 0.60
C27 PCW F . -1.36 -28.67 1.72
C28 PCW F . -1.03 -27.25 2.12
C31 PCW F . 5.19 -28.23 -10.93
C32 PCW F . 3.86 -28.31 -11.62
C33 PCW F . 2.82 -27.50 -10.85
C34 PCW F . 1.43 -27.67 -11.47
C35 PCW F . 0.46 -26.67 -10.89
C36 PCW F . -0.96 -26.92 -11.37
C37 PCW F . -1.87 -25.77 -10.98
C38 PCW F . -3.32 -26.04 -11.36
C39 PCW F . -3.93 -27.02 -10.38
C40 PCW F . -5.12 -26.77 -9.84
C41 PCW F . -5.72 -27.75 -8.86
C42 PCW F . -6.21 -26.99 -7.63
C43 PCW F . -6.74 -27.96 -6.57
N PCW F . 12.54 -29.01 -12.37
O2 PCW F . 5.42 -28.94 -9.68
O3 PCW F . 4.61 -31.00 -8.32
O11 PCW F . 4.70 -32.96 -7.09
O31 PCW F . 6.09 -27.55 -11.40
O1P PCW F . 9.31 -26.50 -8.58
O2P PCW F . 10.03 -28.86 -7.78
O3P PCW F . 7.93 -28.52 -9.16
O4P PCW F . 10.22 -28.20 -10.20
P PCW F . 9.41 -27.98 -8.83
C1 PCW G . 6.01 -12.69 -35.49
C2 PCW G . 5.03 -13.44 -34.59
C3 PCW G . 5.64 -13.66 -33.21
C4 PCW G . 9.96 -9.60 -34.53
C5 PCW G . 10.76 -9.37 -33.24
C6 PCW G . 11.38 -7.17 -33.99
C7 PCW G . 12.61 -8.23 -32.23
C8 PCW G . 12.79 -9.05 -34.47
C11 PCW G . 6.01 -16.11 -33.05
C12 PCW G . 5.31 -16.48 -31.78
C13 PCW G . 3.81 -16.48 -32.03
C14 PCW G . 3.03 -16.44 -30.73
C15 PCW G . 3.18 -17.75 -29.97
C16 PCW G . 2.54 -18.88 -30.76
C17 PCW G . 1.02 -18.70 -30.80
C18 PCW G . 0.41 -18.87 -29.42
C19 PCW G . 0.86 -20.20 -28.86
C20 PCW G . 0.71 -20.47 -27.56
C21 PCW G . 0.08 -19.46 -26.63
C22 PCW G . -1.36 -19.87 -26.32
C23 PCW G . -1.46 -21.29 -25.79
C24 PCW G . -2.15 -22.22 -26.78
C25 PCW G . -2.31 -23.62 -26.19
C26 PCW G . -3.23 -23.58 -24.98
C27 PCW G . -3.56 -24.99 -24.51
C28 PCW G . -4.68 -24.96 -23.48
C31 PCW G . 2.68 -13.46 -34.98
C32 PCW G . 1.31 -13.28 -34.36
C33 PCW G . 0.27 -14.04 -35.17
C34 PCW G . -1.09 -13.98 -34.50
C35 PCW G . -1.03 -14.57 -33.11
C36 PCW G . -2.41 -15.04 -32.64
C37 PCW G . -2.99 -16.03 -33.65
C38 PCW G . -3.98 -16.98 -32.99
C39 PCW G . -3.33 -17.61 -31.78
C40 PCW G . -4.08 -18.21 -30.86
C41 PCW G . -3.43 -18.84 -29.65
C42 PCW G . -4.50 -19.10 -28.60
C43 PCW G . -5.52 -20.10 -29.11
C44 PCW G . -6.60 -20.39 -28.08
C45 PCW G . -6.01 -21.04 -26.84
C46 PCW G . -7.11 -21.37 -25.85
C47 PCW G . -6.53 -21.99 -24.58
C48 PCW G . -7.63 -22.41 -23.63
N PCW G . 11.88 -8.46 -33.49
O2 PCW G . 3.82 -12.72 -34.45
O3 PCW G . 6.53 -14.77 -33.24
O11 PCW G . 6.13 -16.93 -33.95
O31 PCW G . 2.85 -14.21 -35.93
O1P PCW G . 6.83 -9.46 -35.53
O2P PCW G . 8.43 -11.27 -36.56
O3P PCW G . 6.82 -11.84 -34.69
O4P PCW G . 8.80 -10.37 -34.22
P PCW G . 7.71 -10.69 -35.37
C1 PCW H . -3.40 3.46 -22.05
C2 PCW H . -4.31 4.52 -21.48
C3 PCW H . -5.50 4.83 -22.35
C4 PCW H . 0.19 2.04 -18.65
C5 PCW H . 1.70 2.10 -18.65
C6 PCW H . 2.22 0.05 -17.40
C7 PCW H . 3.87 0.91 -18.92
C8 PCW H . 1.87 -0.06 -19.80
C11 PCW H . -6.37 2.81 -23.23
C12 PCW H . -7.66 2.05 -23.37
C13 PCW H . -7.61 1.04 -24.47
C14 PCW H . -8.89 0.26 -24.61
C15 PCW H . -9.12 -0.77 -23.55
C16 PCW H . -10.44 -1.48 -23.66
C17 PCW H . -10.60 -2.25 -24.96
C18 PCW H . -12.01 -2.55 -25.31
C19 PCW H . -12.73 -3.37 -24.28
C20 PCW H . -13.25 -4.52 -24.52
C21 PCW H . -14.39 -5.16 -23.80
C22 PCW H . -15.53 -5.49 -24.70
C23 PCW H . -16.37 -6.67 -24.24
C24 PCW H . -15.78 -8.02 -24.57
C25 PCW H . -16.62 -9.18 -24.11
C26 PCW H . -16.24 -10.51 -24.69
C27 PCW H . -17.12 -11.65 -24.25
C28 PCW H . -16.88 -12.95 -24.97
C31 PCW H . -5.62 4.83 -19.49
C32 PCW H . -6.44 4.06 -18.52
C33 PCW H . -7.23 2.98 -19.16
C34 PCW H . -6.62 1.63 -18.94
C35 PCW H . -7.64 0.54 -18.69
C36 PCW H . -8.73 0.51 -19.71
C37 PCW H . -9.80 -0.54 -19.43
C38 PCW H . -9.33 -1.94 -19.51
C39 PCW H . -10.40 -2.91 -19.09
C40 PCW H . -10.92 -3.82 -19.82
C41 PCW H . -12.06 -4.71 -19.40
C42 PCW H . -13.25 -4.57 -20.27
C43 PCW H . -14.31 -5.63 -20.02
C44 PCW H . -14.82 -5.66 -18.62
C45 PCW H . -15.52 -6.93 -18.26
C46 PCW H . -16.65 -7.32 -19.18
C47 PCW H . -17.36 -8.57 -18.71
C48 PCW H . -18.10 -9.32 -19.79
N PCW H . 2.41 0.76 -18.70
O2 PCW H . -4.77 4.06 -20.17
O3 PCW H . -6.45 3.74 -22.27
O11 PCW H . -5.38 2.62 -23.88
O31 PCW H . -5.70 6.02 -19.64
O1P PCW H . -2.62 2.65 -18.93
O2P PCW H . -2.27 0.98 -20.91
O3P PCW H . -2.16 3.42 -21.30
O4P PCW H . -0.34 2.32 -19.97
P PCW H . -1.93 2.26 -20.20
C1 PCW I . -29.13 -29.33 -23.45
C2 PCW I . -28.24 -28.74 -24.53
C3 PCW I . -28.71 -29.25 -25.89
C4 PCW I . -31.09 -33.95 -23.10
C5 PCW I . -30.61 -35.40 -22.96
C6 PCW I . -29.67 -35.09 -20.59
C7 PCW I . -28.23 -36.13 -22.41
C8 PCW I . -29.98 -36.78 -21.63
C11 PCW I . -26.81 -29.76 -27.41
C12 PCW I . -25.37 -29.34 -27.46
C13 PCW I . -25.10 -28.58 -26.17
C14 PCW I . -23.67 -28.10 -26.04
C15 PCW I . -23.66 -26.80 -25.26
C16 PCW I . -24.31 -25.72 -26.09
C17 PCW I . -24.50 -24.45 -25.28
C18 PCW I . -24.27 -23.23 -26.14
C19 PCW I . -24.76 -22.01 -25.39
C20 PCW I . -23.89 -21.15 -24.88
C21 PCW I . -22.41 -21.37 -25.01
C22 PCW I . -21.81 -20.20 -25.79
C23 PCW I . -20.31 -20.11 -25.54
C24 PCW I . -20.01 -19.69 -24.11
C25 PCW I . -18.56 -19.26 -23.96
C26 PCW I . -18.25 -18.10 -24.91
C27 PCW I . -16.78 -17.69 -24.81
C28 PCW I . -16.46 -17.12 -23.45
C31 PCW I . -27.44 -26.78 -23.47
C32 PCW I . -27.91 -25.69 -22.53
C33 PCW I . -27.57 -24.31 -23.06
C34 PCW I . -27.82 -23.29 -21.95
C35 PCW I . -27.29 -21.92 -22.35
C36 PCW I . -26.96 -21.09 -21.12
C37 PCW I . -26.08 -19.90 -21.51
C38 PCW I . -25.31 -19.39 -20.31
C39 PCW I . -24.54 -20.52 -19.68
C40 PCW I . -23.21 -20.56 -19.80
C41 PCW I . -22.48 -19.49 -20.56
C42 PCW I . -21.48 -18.79 -19.66
C43 PCW I . -20.81 -17.64 -20.39
C44 PCW I . -19.93 -16.81 -19.46
C45 PCW I . -19.46 -15.55 -20.17
C46 PCW I . -20.65 -14.80 -20.76
C47 PCW I . -20.22 -13.48 -21.39
C48 PCW I . -19.80 -12.49 -20.33
N PCW I . -29.47 -35.46 -22.01
O2 PCW I . -28.33 -27.31 -24.48
O3 PCW I . -27.76 -28.81 -26.86
O11 PCW I . -27.18 -30.85 -27.79
O31 PCW I . -26.31 -27.22 -23.38
O1P PCW I . -29.65 -31.43 -21.19
O2P PCW I . -31.53 -31.08 -22.93
O3P PCW I . -29.08 -30.75 -23.51
O4P PCW I . -29.96 -33.09 -23.03
P PCW I . -30.13 -31.55 -22.60
C1 PCW J . -21.32 -39.82 -11.32
C2 PCW J . -20.67 -38.56 -10.76
C3 PCW J . -20.23 -38.83 -9.34
C4 PCW J . -24.73 -43.01 -9.10
C5 PCW J . -26.25 -42.88 -9.01
C6 PCW J . -26.50 -45.07 -9.97
C7 PCW J . -28.34 -43.55 -10.01
C8 PCW J . -26.43 -43.16 -11.41
C11 PCW J . -18.68 -40.34 -8.11
C12 PCW J . -17.33 -41.01 -8.02
C13 PCW J . -16.28 -39.98 -7.62
C14 PCW J . -16.18 -39.87 -6.11
C15 PCW J . -14.77 -39.46 -5.69
C16 PCW J . -14.47 -38.03 -6.12
C17 PCW J . -12.97 -37.75 -6.13
C18 PCW J . -12.30 -38.32 -7.38
C19 PCW J . -13.25 -38.19 -8.54
C20 PCW J . -13.04 -37.28 -9.50
C21 PCW J . -14.02 -37.18 -10.64
C22 PCW J . -14.66 -35.80 -10.66
C23 PCW J . -15.16 -35.44 -12.05
C24 PCW J . -14.30 -34.38 -12.74
C25 PCW J . -12.92 -34.92 -13.12
C26 PCW J . -11.84 -34.37 -12.20
C27 PCW J . -10.53 -35.14 -12.35
C28 PCW J . -9.54 -34.72 -11.30
C31 PCW J . -19.75 -37.04 -12.38
C32 PCW J . -18.78 -36.67 -13.47
C33 PCW J . -19.37 -35.52 -14.27
C34 PCW J . -18.42 -34.34 -14.34
C35 PCW J . -17.46 -34.45 -15.52
C36 PCW J . -16.87 -33.09 -15.85
C37 PCW J . -16.10 -33.09 -17.18
C38 PCW J . -14.73 -33.74 -17.01
C39 PCW J . -14.04 -33.77 -18.35
C40 PCW J . -12.80 -33.30 -18.48
N PCW J . -26.88 -43.67 -10.10
O2 PCW J . -19.53 -38.22 -11.56
O3 PCW J . -19.08 -39.67 -9.33
O11 PCW J . -19.45 -40.36 -7.16
O31 PCW J . -20.72 -36.34 -12.16
O1P PCW J . -21.78 -42.61 -9.64
O2P PCW J . -23.14 -42.20 -11.83
O3P PCW J . -22.32 -40.27 -10.41
O4P PCW J . -24.16 -41.78 -9.56
P PCW J . -22.80 -41.81 -10.42
C1 CLR K . -11.65 5.25 -16.15
C2 CLR K . -11.10 6.59 -15.73
C3 CLR K . -9.77 6.89 -16.43
C4 CLR K . -10.01 6.93 -17.93
C5 CLR K . -10.68 5.66 -18.38
C6 CLR K . -10.17 5.00 -19.43
C7 CLR K . -10.66 3.66 -19.88
C8 CLR K . -12.13 3.49 -19.52
C9 CLR K . -12.34 3.77 -18.04
C10 CLR K . -11.93 5.20 -17.65
C11 CLR K . -13.79 3.51 -17.64
C12 CLR K . -14.27 2.12 -18.04
C13 CLR K . -14.06 1.90 -19.52
C14 CLR K . -12.58 2.07 -19.80
C15 CLR K . -12.41 1.54 -21.22
C16 CLR K . -13.41 0.39 -21.29
C17 CLR K . -14.32 0.50 -20.07
C18 CLR K . -14.87 2.91 -20.33
C19 CLR K . -13.04 6.18 -17.98
C20 CLR K . -15.79 0.22 -20.38
C21 CLR K . -16.47 -0.44 -19.19
C22 CLR K . -15.96 -0.65 -21.62
C23 CLR K . -17.43 -1.02 -21.81
C24 CLR K . -17.57 -2.48 -22.22
C25 CLR K . -19.02 -2.93 -22.07
C26 CLR K . -19.16 -4.41 -22.40
C27 CLR K . -19.55 -2.64 -20.67
O1 CLR K . -9.27 8.16 -15.99
NA NA L . -15.68 -8.32 -5.99
NA NA M . 8.53 13.90 1.65
C13 Q7G N . -31.80 -20.37 -26.40
C15 Q7G N . -31.07 -18.47 -24.96
C16 Q7G N . -32.82 -21.45 -26.69
C17 Q7G N . -32.38 -22.80 -26.16
C01 Q7G N . -27.15 -17.09 -26.68
C03 Q7G N . -26.39 -17.33 -24.25
C04 Q7G N . -27.32 -16.24 -23.66
C06 Q7G N . -28.61 -17.93 -24.77
C07 Q7G N . -29.72 -18.50 -25.67
C08 Q7G N . -29.36 -19.94 -26.08
C10 Q7G N . -26.88 -19.41 -25.72
C18 Q7G N . -30.88 -22.85 -25.99
C19 Q7G N . -30.16 -22.08 -27.11
CG1 Q7G N . -34.18 -24.28 -26.79
C02 Q7G N . -27.21 -17.95 -25.40
C05 Q7G N . -28.73 -16.51 -24.19
C09 Q7G N . -27.93 -20.04 -26.64
C11 Q7G N . -30.42 -20.58 -27.01
C12 Q7G N . -30.40 -19.95 -28.42
C14 Q7G N . -32.10 -19.35 -25.63
C1B Q7G N . -37.04 -23.33 -22.25
C1C Q7G N . -35.39 -28.43 -26.06
C22 Q7G N . -34.45 -24.51 -25.33
C23 Q7G N . -35.88 -24.95 -25.02
C24 Q7G N . -36.12 -25.09 -23.53
C48 Q7G N . -36.23 -26.24 -25.71
C73 Q7G N . -25.36 -15.13 -24.11
C74 Q7G N . -25.07 -16.58 -24.54
C75 Q7G N . -23.84 -17.22 -23.90
C76 Q7G N . -24.76 -14.07 -25.01
C77 Q7G N . -24.84 -12.68 -24.35
C78 Q7G N . -24.14 -12.66 -23.00
C79 Q7G N . -23.79 -14.08 -22.62
C81 Q7G N . -25.00 -12.01 -21.93
O1B Q7G N . -35.89 -23.85 -22.85
O1C Q7G N . -35.42 -27.31 -25.22
O20 Q7G N . -32.83 -23.88 -26.99
O72 Q7G N . -26.77 -15.01 -24.15
O80 Q7G N . -24.89 -14.98 -22.78
C13 Q7G O . 5.47 -26.91 -21.21
C15 Q7G O . 4.58 -28.87 -22.52
C16 Q7G O . 6.54 -25.86 -21.00
C17 Q7G O . 6.92 -25.76 -19.53
C01 Q7G O . 0.20 -28.35 -22.13
C03 Q7G O . 0.19 -30.89 -21.70
C04 Q7G O . 1.04 -31.54 -22.83
C06 Q7G O . 2.30 -29.77 -21.98
C07 Q7G O . 3.21 -28.55 -21.93
C08 Q7G O . 3.36 -28.08 -20.47
C10 Q7G O . 1.10 -29.19 -19.93
C18 Q7G O . 5.69 -25.54 -18.68
C19 Q7G O . 4.69 -26.67 -18.86
CG1 Q7G O . 8.97 -24.70 -20.20
C02 Q7G O . 0.89 -29.52 -21.42
C05 Q7G O . 2.03 -30.50 -23.30
C09 Q7G O . 2.01 -27.97 -19.76
C11 Q7G O . 4.23 -26.80 -20.33
C12 Q7G O . 3.45 -25.54 -20.73
C14 Q7G O . 5.63 -27.86 -22.14
C1B Q7G O . 13.57 -25.54 -16.70
C1C Q7G O . 13.16 -21.75 -21.19
C21 Q7G O . 14.16 -16.42 -20.22
C22 Q7G O . 10.18 -25.20 -19.46
C23 Q7G O . 11.22 -24.11 -19.16
C24 Q7G O . 12.51 -24.67 -18.61
C2B Q7G O . 13.80 -27.02 -16.96
C2C Q7G O . 14.69 -21.82 -21.09
C31 Q7G O . 14.57 -15.60 -19.01
C3B Q7G O . 15.11 -27.46 -16.33
C3C Q7G O . 15.26 -20.44 -20.85
C41 Q7G O . 16.08 -15.34 -19.02
C48 Q7G O . 11.54 -23.30 -20.39
C4B Q7G O . 15.75 -26.31 -15.56
C4C Q7G O . 14.83 -19.48 -21.94
C51 Q7G O . 16.81 -16.53 -19.63
C5B Q7G O . 14.74 -25.69 -14.60
C5C Q7G O . 13.33 -19.57 -22.17
C61 Q7G O . 18.17 -16.78 -19.00
C6B Q7G O . 15.29 -24.45 -13.91
C6C Q7G O . 12.95 -20.14 -23.52
C73 Q7G O . -1.15 -31.29 -23.68
C74 Q7G O . -1.27 -30.95 -22.18
C75 Q7G O . -2.17 -31.89 -21.39
C76 Q7G O . -1.20 -30.10 -24.63
C77 Q7G O . -1.57 -30.52 -26.06
C78 Q7G O . -2.94 -31.18 -26.10
C79 Q7G O . -3.32 -31.61 -24.69
C81 Q7G O . -2.97 -32.37 -27.05
CF1 Q7G O . 14.85 -17.78 -20.20
O1 Q7G O . 16.85 -26.85 -14.83
O11 Q7G O . 15.16 -18.15 -21.52
O1B Q7G O . 12.36 -25.17 -17.28
O1C Q7G O . 12.63 -22.42 -20.09
O20 Q7G O . 7.85 -24.71 -19.32
O21 Q7G O . 14.45 -15.73 -21.43
O2B Q7G O . 12.71 -27.77 -16.42
O2C Q7G O . 15.07 -22.71 -20.03
O31 Q7G O . 14.21 -16.29 -17.82
O3B Q7G O . 15.99 -27.93 -17.34
O3C Q7G O . 16.68 -20.51 -20.79
O41 Q7G O . 16.37 -14.17 -19.79
O51 Q7G O . 16.04 -17.73 -19.42
O5B Q7G O . 13.55 -25.27 -15.31
O5C Q7G O . 12.72 -20.40 -21.17
O61 Q7G O . 18.83 -17.86 -19.63
O6B Q7G O . 16.40 -24.77 -13.09
O6C Q7G O . 11.55 -20.33 -23.63
O72 Q7G O . 0.09 -31.93 -23.83
O80 Q7G O . -2.21 -32.19 -23.99
C1 NAG P . -72.84 -34.97 -1.66
C2 NAG P . -74.01 -34.16 -2.21
C3 NAG P . -75.34 -34.72 -1.75
C4 NAG P . -75.41 -36.22 -2.02
C5 NAG P . -74.20 -36.92 -1.40
C6 NAG P . -74.24 -38.42 -1.70
C7 NAG P . -73.26 -31.86 -2.51
C8 NAG P . -72.65 -30.73 -1.74
N2 NAG P . -73.90 -32.77 -1.79
O3 NAG P . -76.40 -34.07 -2.45
O4 NAG P . -76.61 -36.75 -1.43
O5 NAG P . -72.99 -36.37 -1.92
O6 NAG P . -75.54 -38.93 -1.37
O7 NAG P . -73.17 -31.93 -3.73
C1 CLR Q . -4.46 -3.41 -25.86
C2 CLR Q . -3.60 -2.32 -25.21
C3 CLR Q . -3.46 -1.10 -26.09
C4 CLR Q . -4.81 -0.58 -26.51
C5 CLR Q . -5.70 -1.65 -27.10
C6 CLR Q . -6.30 -1.50 -28.27
C7 CLR Q . -7.47 -2.31 -28.74
C8 CLR Q . -7.89 -3.38 -27.72
C9 CLR Q . -6.63 -3.97 -27.08
C10 CLR Q . -5.87 -2.90 -26.26
C11 CLR Q . -6.93 -5.26 -26.30
C12 CLR Q . -7.76 -6.28 -27.08
C13 CLR Q . -9.08 -5.67 -27.53
C14 CLR Q . -8.71 -4.46 -28.40
C15 CLR Q . -10.01 -4.06 -29.11
C16 CLR Q . -10.85 -5.36 -29.13
C17 CLR Q . -9.93 -6.46 -28.57
C18 CLR Q . -9.93 -5.29 -26.31
C19 CLR Q . -6.65 -2.48 -25.00
C20 CLR Q . -10.71 -7.74 -28.22
C21 CLR Q . -11.15 -8.49 -29.47
C22 CLR Q . -11.92 -7.45 -27.31
C23 CLR Q . -12.86 -8.61 -27.12
C24 CLR Q . -13.94 -8.68 -28.17
C25 CLR Q . -14.66 -10.02 -28.30
C26 CLR Q . -16.16 -9.87 -28.10
C27 CLR Q . -14.37 -10.68 -29.64
O1 CLR Q . -2.73 -0.08 -25.39
C13 Q7G R . -17.05 -35.35 -27.57
C15 Q7G R . -16.23 -33.25 -26.52
C16 Q7G R . -18.18 -36.12 -28.23
C17 Q7G R . -18.73 -37.20 -27.33
C01 Q7G R . -11.83 -33.84 -25.79
C03 Q7G R . -12.45 -33.09 -23.43
C04 Q7G R . -13.11 -31.71 -23.69
C06 Q7G R . -14.19 -33.31 -25.03
C07 Q7G R . -14.90 -33.94 -26.24
C08 Q7G R . -15.13 -35.43 -25.95
C10 Q7G R . -13.14 -35.43 -24.33
C18 Q7G R . -17.80 -37.44 -26.14
C19 Q7G R . -16.35 -37.53 -26.62
CG1 Q7G R . -19.40 -39.51 -27.26
C02 Q7G R . -12.85 -33.96 -24.65
C05 Q7G R . -13.89 -31.81 -25.00
C09 Q7G R . -13.84 -36.14 -25.50
C11 Q7G R . -15.85 -36.16 -27.12
C12 Q7G R . -14.92 -36.37 -28.33
C14 Q7G R . -17.16 -34.05 -27.36
C1B Q7G R . -19.42 -44.05 -26.30
C1C Q7G R . -19.43 -42.16 -31.92
C22 Q7G R . -18.48 -40.70 -27.44
C23 Q7G R . -19.04 -41.79 -28.34
C24 Q7G R . -20.30 -42.39 -27.76
C48 Q7G R . -19.32 -41.26 -29.72
C73 Q7G R . -11.03 -31.22 -22.85
C74 Q7G R . -10.98 -32.73 -23.16
C75 Q7G R . -10.28 -33.62 -22.13
C76 Q7G R . -9.76 -30.43 -23.12
C77 Q7G R . -8.75 -30.49 -21.98
C78 Q7G R . -9.41 -30.13 -20.67
C79 Q7G R . -10.54 -31.07 -20.44
C81 Q7G R . -9.90 -28.68 -20.66
O1B Q7G R . -20.07 -42.82 -26.40
O1C Q7G R . -19.80 -42.31 -30.58
O20 Q7G R . -18.91 -38.42 -28.04
O72 Q7G R . -12.02 -30.77 -23.76
O80 Q7G R . -11.51 -31.07 -21.51
C13 Q7G S . -16.67 -30.14 -30.25
C15 Q7G S . -15.21 -28.20 -29.75
C16 Q7G S . -17.95 -30.82 -29.84
C17 Q7G S . -18.27 -32.03 -30.71
C01 Q7G S . -11.06 -29.19 -31.17
C03 Q7G S . -10.46 -28.72 -28.74
C04 Q7G S . -10.96 -27.26 -28.59
C06 Q7G S . -12.75 -28.61 -29.36
C07 Q7G S . -13.98 -29.03 -30.15
C08 Q7G S . -14.24 -30.53 -29.90
C10 Q7G S . -11.76 -30.88 -29.43
C18 Q7G S . -17.13 -33.03 -30.71
C19 Q7G S . -15.84 -32.47 -30.11
CG1 Q7G S . -19.98 -31.84 -32.41
C02 Q7G S . -11.47 -29.40 -29.70
C05 Q7G S . -12.27 -27.16 -29.36
C09 Q7G S . -12.99 -31.39 -30.18
C11 Q7G S . -15.52 -31.05 -30.61
C12 Q7G S . -15.34 -31.06 -32.15
C14 Q7G S . -16.51 -28.84 -30.11
C1B Q7G S . -22.89 -35.84 -29.77
C1C Q7G S . -23.83 -31.74 -29.88
C22 Q7G S . -20.41 -33.24 -32.03
C23 Q7G S . -21.87 -33.58 -32.37
C24 Q7G S . -22.25 -34.95 -31.86
C48 Q7G S . -22.83 -32.53 -31.88
C73 Q7G S . -8.69 -27.09 -28.80
C74 Q7G S . -8.98 -28.55 -29.13
C75 Q7G S . -8.03 -29.60 -28.54
C76 Q7G S . -7.60 -26.41 -29.60
C77 Q7G S . -6.19 -26.66 -29.05
C78 Q7G S . -6.13 -26.34 -27.58
C79 Q7G S . -7.14 -27.18 -26.87
C81 Q7G S . -6.36 -24.85 -27.31
O1B Q7G S . -21.97 -35.07 -30.46
O1C Q7G S . -22.72 -32.35 -30.46
O20 Q7G S . -18.61 -31.65 -32.05
O72 Q7G S . -9.92 -26.45 -29.14
O80 Q7G S . -8.48 -26.98 -27.38
#